data_7KOG
#
_entry.id   7KOG
#
_cell.length_a   1.00
_cell.length_b   1.00
_cell.length_c   1.00
_cell.angle_alpha   90.00
_cell.angle_beta   90.00
_cell.angle_gamma   90.00
#
_symmetry.space_group_name_H-M   'P 1'
#
_entity_poly.entity_id   1
_entity_poly.type   'polypeptide(L)'
_entity_poly.pdbx_seq_one_letter_code
;MPGSKPTKTEEEDDPTPYLFVSLEQKRIDQTKPYDAKKACWVPDEHEGFVQGEIRGTKGDIVSVHLPNGETKDFKKDQVG
QVNPPKFEKCEDMSNLTYLNDASVLYNLKQRYYNKLIYTYSGLFCVAINPYKRFPVYTMRCAKLYRGKRRNEVPPHIFAI
SDGAYVNMLTNKENQSMLITGESGAGKTENTKKVIAYFATVGASTKKEEAASAASQKKGTLEDQVVQTNPVLEAFGNAKT
VRNDNSSRFGKFIRIHFGPSGKLAGADIETYLLEKARVISQQSLERSYHIFYQVMSGAVPGVKELCLLSNDIYEYNYVSQ
GKVTIPSVDDGEEFQATDQAFDVLGFTQEEKDDIYKITASVMHMGCMKFKQRGREEQAEADGTAEGERVAKLLGLEAADL
YKNLLKPRIKVGNEFVTQGRNLNQVIYSVGALSKGVFDRLFKFLVKKCNETLDTKQKRQHFIGVLDIAGFEIFDFNGFEQ
LCINFTNEKLQQFFNHHMFVLEQEEYTREGITWAFIDFGMDLVACIDLIEKPMGILSILEEESMFPKATDKTFEEKLMNN
HLGKSPNFQKPKPPKPGCQAAHFAISHYAGVVSYNLTGWLEKNKDPLNDTVVDQFKKGSNKLLVEIFADHPGQSGAPEAG
GGGKGGRGKKGGGFATVSSSYKEQLNNLMTTLKSTQPHFVRCIIPNELKQPGLIDSHLVMHQLTCNGVLEGIRICRKGFP
NRMVYPDFKLRYMILAPATMAAEPDPKKAADKCLKEVGLESETYRIGHTKVFFRAGVLGQLEEMRDERLSKIIGWMQSHI
RGYLARKQFKKYQDQRLSLQVVQRNLRKYMALRTWPWWKMWTKVKPLLNVANVEEEMRKLEELVATTQAALEKEEKARKE
VEALNAKLIQEKTDLLRNLEGEKGSISSIQEKAAKLQAQKSDLESQLMDTQERLQQEEDNRNQMFQQKKKLEQEVGGLKK
DIEDLELSLQKSDQDKASKDHQIRNLNDEIAHQDELINKLNKEKKMQGEHTQKTAEELQASEDKVNHLTKVKAKLEQTLD
ELEDSLEREKKLRGDVEKAKRKVEGDLKLTQEAVADLERNKKELEQTIQRKDKEIASLTAKLEDEQSIVSKTQKQIKELQ
SRIEELEEEVEAERQARGKAEKQRADLARELEELGERLEEAGGATSAQIELNKKREAEMSKLRRDLEESNIQHESTLANL
RKKHNDAVSEMGEQIDQLNKLKTKAEHDRTHVQNDLNNTRHALDQMCREKAATEKIAKQLQHQVNEIQGKLDEANRTLND
FDSAKKKLSIENSDLLRQLEEAESQVSQLSKIKVSLTTQLEDTKRLADEEARERATLLGKFRNLEHDLDNIREQLEEEAE
GKADIQRQLSKANAEAQLWRTKYESEGVARAEELEEAKRKLQARLAEAEETIESLNQKVIALEKTKQRLATEVEDLQLEV
DRATAIANAAEKKAKAIDKIIGEWKLKVDDLAAELDASQKECRNYSTELFRLKGAYEEAQEQLEAVRRENKNLADEVKDL
LDQIGEGGRNIHEIEKQKKRLEVEKDELQAALEEAEAALEQEENKVLRSQLELSQVRQEIDRRIQEKEEEFENTRKNHQR
ALDSMQASLEAEAKGKAEALRMKKKLEADINELEIALDHANKANSEAQKTIKKYQQQLKDVQTALEEEQRARDDAREQLG
ISERRANALQNELEESRTLLEQADRGRRQAEQELGDAHEQINELAAQATSASAAKRKLEGELQTLHADLDELLNEAKNSE
EKAKKAMVDAARLADELRAEQDHAQTQEKLRKALETQIKELQIRLDEAETNALKGGKKAIAKLEQRVRELENELDGEQRR
HADAQKNLRKSERRIKELSFQADEDRKNHERMQDLVDKLQQKIKTYKRQIEEAEEIAALNLAKFRKAQQELEEAEERADL
AEQAIAKFRTKGGRAGSAARAMSPVAHRPPVKHPLDGSTFPPRFDLHEDMM
;
_entity_poly.pdbx_strand_id   B,A
#
# COMPACT_ATOMS: atom_id res chain seq x y z
N GLU A 854 -490.73 610.56 -35.20
CA GLU A 854 -490.32 611.62 -36.11
C GLU A 854 -489.34 611.04 -37.13
N GLU A 855 -489.55 611.35 -38.41
CA GLU A 855 -488.83 610.65 -39.47
C GLU A 855 -487.40 611.19 -39.63
N GLU A 856 -487.16 612.45 -39.26
CA GLU A 856 -485.86 613.03 -39.52
C GLU A 856 -484.84 612.56 -38.48
N MET A 857 -485.29 612.27 -37.26
CA MET A 857 -484.40 611.69 -36.27
C MET A 857 -484.17 610.20 -36.53
N ARG A 858 -485.08 609.59 -37.30
CA ARG A 858 -484.94 608.19 -37.64
C ARG A 858 -483.80 607.96 -38.61
N LYS A 859 -483.65 608.86 -39.59
CA LYS A 859 -482.55 608.74 -40.55
C LYS A 859 -481.20 609.06 -39.91
N LEU A 860 -481.20 609.85 -38.83
CA LEU A 860 -479.95 610.17 -38.15
C LEU A 860 -479.44 608.99 -37.33
N GLU A 861 -480.34 608.22 -36.71
CA GLU A 861 -479.91 607.31 -35.66
C GLU A 861 -479.42 605.97 -36.22
N GLU A 862 -479.75 605.66 -37.48
CA GLU A 862 -479.40 604.35 -38.01
C GLU A 862 -477.93 604.28 -38.44
N LEU A 863 -477.43 605.32 -39.09
CA LEU A 863 -476.05 605.27 -39.57
C LEU A 863 -475.06 605.55 -38.46
N VAL A 864 -475.50 606.25 -37.41
CA VAL A 864 -474.67 606.44 -36.22
C VAL A 864 -474.55 605.11 -35.46
N ALA A 865 -475.60 604.28 -35.53
CA ALA A 865 -475.56 602.96 -34.90
C ALA A 865 -474.55 602.05 -35.61
N THR A 866 -474.39 602.22 -36.92
CA THR A 866 -473.30 601.52 -37.61
C THR A 866 -471.96 602.15 -37.27
N THR A 867 -471.92 603.47 -37.08
CA THR A 867 -470.67 604.14 -36.77
C THR A 867 -470.20 603.83 -35.36
N GLN A 868 -471.13 603.70 -34.41
CA GLN A 868 -470.76 603.27 -33.07
C GLN A 868 -470.35 601.80 -33.06
N ALA A 869 -470.90 601.02 -33.99
CA ALA A 869 -470.41 599.65 -34.19
C ALA A 869 -469.09 599.64 -34.92
N ALA A 870 -468.80 600.70 -35.68
CA ALA A 870 -467.55 600.80 -36.42
C ALA A 870 -466.39 601.19 -35.52
N LEU A 871 -466.62 602.09 -34.57
CA LEU A 871 -465.55 602.60 -33.72
C LEU A 871 -465.10 601.56 -32.70
N GLU A 872 -466.02 600.72 -32.23
CA GLU A 872 -465.63 599.66 -31.30
C GLU A 872 -464.85 598.57 -32.01
N LYS A 873 -465.13 598.37 -33.30
CA LYS A 873 -464.35 597.41 -34.09
C LYS A 873 -463.05 598.05 -34.56
N GLU A 874 -463.01 599.39 -34.61
CA GLU A 874 -461.79 600.10 -34.97
C GLU A 874 -460.74 600.00 -33.86
N GLU A 875 -461.17 600.19 -32.61
CA GLU A 875 -460.23 600.12 -31.50
C GLU A 875 -459.86 598.68 -31.17
N LYS A 876 -460.72 597.73 -31.56
CA LYS A 876 -460.45 596.33 -31.28
C LYS A 876 -459.29 595.81 -32.12
N ALA A 877 -459.19 596.27 -33.37
CA ALA A 877 -458.15 595.77 -34.26
C ALA A 877 -456.78 596.34 -33.92
N ARG A 878 -456.76 597.57 -33.38
CA ARG A 878 -455.48 598.24 -33.18
C ARG A 878 -454.83 597.82 -31.87
N LYS A 879 -455.63 597.54 -30.83
CA LYS A 879 -455.05 597.25 -29.53
C LYS A 879 -454.51 595.82 -29.45
N GLU A 880 -454.93 594.95 -30.38
CA GLU A 880 -454.36 593.61 -30.41
C GLU A 880 -453.11 593.56 -31.27
N VAL A 881 -452.99 594.48 -32.23
CA VAL A 881 -451.86 594.44 -33.16
C VAL A 881 -450.67 595.21 -32.58
N GLU A 882 -450.91 596.04 -31.56
CA GLU A 882 -449.80 596.76 -30.94
C GLU A 882 -449.15 595.93 -29.85
N ALA A 883 -449.90 595.01 -29.24
CA ALA A 883 -449.36 594.22 -28.14
C ALA A 883 -448.53 593.05 -28.64
N LEU A 884 -448.83 592.57 -29.85
CA LEU A 884 -448.06 591.46 -30.41
C LEU A 884 -446.72 591.95 -30.95
N ASN A 885 -446.68 593.18 -31.48
CA ASN A 885 -445.42 593.75 -31.93
C ASN A 885 -444.60 594.28 -30.76
N ALA A 886 -445.20 594.40 -29.58
CA ALA A 886 -444.52 594.99 -28.42
C ALA A 886 -443.44 594.09 -27.84
N LYS A 887 -443.48 592.79 -28.10
CA LYS A 887 -442.48 591.87 -27.55
C LYS A 887 -441.79 591.04 -28.62
N LEU A 888 -442.28 591.07 -29.86
CA LEU A 888 -441.77 590.14 -30.86
C LEU A 888 -440.60 590.73 -31.63
N ILE A 889 -440.51 592.07 -31.67
CA ILE A 889 -439.38 592.69 -32.37
C ILE A 889 -438.12 592.60 -31.53
N GLN A 890 -438.27 592.43 -30.21
CA GLN A 890 -437.11 592.13 -29.38
C GLN A 890 -436.69 590.68 -29.54
N GLU A 891 -437.61 589.82 -29.97
CA GLU A 891 -437.31 588.40 -30.11
C GLU A 891 -436.38 588.16 -31.31
N LYS A 892 -436.50 588.98 -32.35
CA LYS A 892 -435.64 588.80 -33.52
C LYS A 892 -434.26 589.42 -33.30
N THR A 893 -434.14 590.30 -32.30
CA THR A 893 -432.87 590.99 -32.10
C THR A 893 -431.88 590.14 -31.33
N ASP A 894 -432.32 589.51 -30.23
CA ASP A 894 -431.38 588.80 -29.37
C ASP A 894 -430.98 587.46 -29.96
N LEU A 895 -431.81 586.92 -30.86
CA LEU A 895 -431.41 585.70 -31.56
C LEU A 895 -430.37 585.99 -32.62
N LEU A 896 -430.32 587.23 -33.12
CA LEU A 896 -429.28 587.63 -34.06
C LEU A 896 -427.92 587.64 -33.37
N ARG A 897 -427.89 588.06 -32.11
CA ARG A 897 -426.66 587.95 -31.32
C ARG A 897 -426.39 586.50 -30.95
N ASN A 898 -427.45 585.70 -30.81
CA ASN A 898 -427.30 584.29 -30.47
C ASN A 898 -426.72 583.49 -31.64
N LEU A 899 -427.13 583.83 -32.86
CA LEU A 899 -426.63 583.09 -34.02
C LEU A 899 -425.22 583.54 -34.39
N GLU A 900 -424.95 584.85 -34.34
CA GLU A 900 -423.66 585.35 -34.79
C GLU A 900 -422.58 585.05 -33.74
N GLY A 901 -422.96 585.03 -32.47
CA GLY A 901 -422.03 584.60 -31.43
C GLY A 901 -421.70 583.11 -31.53
N GLU A 902 -422.56 582.34 -32.19
CA GLU A 902 -422.26 580.94 -32.42
C GLU A 902 -421.50 580.73 -33.73
N LYS A 903 -421.96 581.35 -34.81
CA LYS A 903 -421.36 581.07 -36.12
C LYS A 903 -420.01 581.78 -36.27
N GLY A 904 -419.75 582.79 -35.44
CA GLY A 904 -418.40 583.32 -35.35
C GLY A 904 -417.45 582.34 -34.71
N SER A 905 -417.96 581.50 -33.81
CA SER A 905 -417.13 580.47 -33.20
C SER A 905 -417.01 579.25 -34.10
N ILE A 906 -418.05 578.98 -34.91
CA ILE A 906 -418.01 577.85 -35.82
C ILE A 906 -416.99 578.07 -36.93
N SER A 907 -416.81 579.33 -37.33
CA SER A 907 -415.70 579.65 -38.24
C SER A 907 -414.36 579.57 -37.52
N SER A 908 -414.36 579.67 -36.20
CA SER A 908 -413.11 579.66 -35.45
C SER A 908 -412.77 578.26 -34.93
N ILE A 909 -413.78 577.42 -34.68
CA ILE A 909 -413.49 576.10 -34.12
C ILE A 909 -412.99 575.16 -35.21
N GLN A 910 -413.35 575.43 -36.47
CA GLN A 910 -413.01 574.48 -37.52
C GLN A 910 -411.58 574.64 -38.00
N GLU A 911 -411.03 575.85 -37.92
CA GLU A 911 -409.69 576.08 -38.45
C GLU A 911 -408.62 575.49 -37.54
N LYS A 912 -408.88 575.40 -36.23
CA LYS A 912 -407.91 574.74 -35.37
C LYS A 912 -408.20 573.25 -35.24
N ALA A 913 -409.41 572.82 -35.58
CA ALA A 913 -409.69 571.39 -35.61
C ALA A 913 -409.18 570.75 -36.89
N ALA A 914 -409.13 571.54 -37.99
CA ALA A 914 -408.63 571.01 -39.25
C ALA A 914 -407.13 570.81 -39.21
N LYS A 915 -406.40 571.70 -38.53
CA LYS A 915 -404.98 571.46 -38.33
C LYS A 915 -404.77 570.33 -37.32
N LEU A 916 -405.72 570.14 -36.41
CA LEU A 916 -405.62 569.04 -35.44
C LEU A 916 -405.79 567.70 -36.15
N GLN A 917 -406.57 567.66 -37.22
CA GLN A 917 -406.61 566.45 -38.05
C GLN A 917 -405.47 566.43 -39.05
N ALA A 918 -404.85 567.58 -39.29
CA ALA A 918 -403.66 567.60 -40.15
C ALA A 918 -402.46 567.03 -39.41
N GLN A 919 -402.41 567.21 -38.09
CA GLN A 919 -401.40 566.51 -37.29
C GLN A 919 -401.80 565.05 -37.05
N LYS A 920 -403.03 564.69 -37.38
CA LYS A 920 -403.42 563.28 -37.36
C LYS A 920 -403.09 562.59 -38.67
N SER A 921 -403.30 563.30 -39.78
CA SER A 921 -403.28 562.64 -41.09
C SER A 921 -401.85 562.34 -41.56
N ASP A 922 -400.86 563.09 -41.06
CA ASP A 922 -399.48 562.79 -41.44
C ASP A 922 -398.94 561.59 -40.67
N LEU A 923 -399.63 561.19 -39.61
CA LEU A 923 -399.45 559.87 -39.04
C LEU A 923 -400.18 558.85 -39.91
N GLU A 924 -399.77 557.58 -39.76
CA GLU A 924 -400.07 556.37 -40.55
C GLU A 924 -399.33 556.38 -41.89
N SER A 925 -398.72 557.53 -42.25
CA SER A 925 -397.78 557.55 -43.35
C SER A 925 -396.48 556.88 -42.95
N GLN A 926 -395.83 557.39 -41.91
CA GLN A 926 -394.59 556.80 -41.44
C GLN A 926 -394.84 555.54 -40.62
N LEU A 927 -396.08 555.33 -40.17
CA LEU A 927 -396.40 554.10 -39.47
C LEU A 927 -396.39 552.91 -40.42
N MET A 928 -396.79 553.14 -41.66
CA MET A 928 -396.62 552.11 -42.68
C MET A 928 -395.16 551.87 -42.99
N ASP A 929 -394.32 552.89 -42.82
CA ASP A 929 -392.89 552.72 -43.01
C ASP A 929 -392.28 551.93 -41.85
N THR A 930 -392.67 552.27 -40.62
CA THR A 930 -392.03 551.65 -39.46
C THR A 930 -392.53 550.24 -39.25
N GLN A 931 -393.79 549.96 -39.56
CA GLN A 931 -394.29 548.60 -39.37
C GLN A 931 -393.76 547.67 -40.45
N GLU A 932 -393.52 548.22 -41.64
CA GLU A 932 -392.76 547.47 -42.64
C GLU A 932 -391.32 547.33 -42.20
N ARG A 933 -390.78 548.35 -41.55
CA ARG A 933 -389.45 548.25 -40.94
C ARG A 933 -389.51 547.27 -39.78
N LEU A 934 -390.65 547.21 -39.09
CA LEU A 934 -390.83 546.19 -38.08
C LEU A 934 -391.00 544.82 -38.73
N GLN A 935 -391.57 544.79 -39.94
CA GLN A 935 -391.59 543.55 -40.70
C GLN A 935 -390.26 543.33 -41.41
N GLN A 936 -389.38 544.32 -41.38
CA GLN A 936 -388.07 544.14 -41.99
C GLN A 936 -387.13 543.39 -41.05
N GLU A 937 -387.15 543.74 -39.75
CA GLU A 937 -386.14 543.21 -38.84
C GLU A 937 -386.38 541.76 -38.48
N GLU A 938 -387.56 541.22 -38.79
CA GLU A 938 -387.86 539.84 -38.41
C GLU A 938 -387.06 538.85 -39.25
N ASP A 939 -386.54 539.27 -40.39
CA ASP A 939 -385.64 538.39 -41.12
C ASP A 939 -384.30 538.28 -40.43
N ASN A 940 -383.76 539.42 -39.97
CA ASN A 940 -382.50 539.41 -39.24
C ASN A 940 -382.69 538.82 -37.87
N ARG A 941 -383.92 538.81 -37.36
CA ARG A 941 -384.27 537.89 -36.29
C ARG A 941 -384.09 536.45 -36.76
N ASN A 942 -384.68 536.12 -37.91
CA ASN A 942 -384.77 534.72 -38.29
C ASN A 942 -383.50 534.23 -38.96
N GLN A 943 -382.75 535.13 -39.60
CA GLN A 943 -381.53 534.70 -40.30
C GLN A 943 -380.43 534.36 -39.29
N MET A 944 -380.50 534.94 -38.10
CA MET A 944 -379.61 534.50 -37.02
C MET A 944 -379.99 533.13 -36.54
N PHE A 945 -381.30 532.89 -36.40
CA PHE A 945 -381.78 531.72 -35.66
C PHE A 945 -381.47 530.45 -36.43
N GLN A 946 -381.54 530.52 -37.77
CA GLN A 946 -381.08 529.40 -38.56
C GLN A 946 -379.56 529.27 -38.52
N GLN A 947 -378.86 530.42 -38.49
CA GLN A 947 -377.41 530.39 -38.58
C GLN A 947 -376.77 530.05 -37.25
N LYS A 948 -377.55 530.07 -36.18
CA LYS A 948 -377.05 529.52 -34.92
C LYS A 948 -377.42 528.06 -34.78
N LYS A 949 -378.59 527.66 -35.32
CA LYS A 949 -378.96 526.26 -35.29
C LYS A 949 -378.13 525.46 -36.28
N LYS A 950 -377.53 526.12 -37.26
CA LYS A 950 -376.50 525.48 -38.06
C LYS A 950 -375.18 525.45 -37.31
N LEU A 951 -375.06 526.25 -36.25
CA LEU A 951 -373.76 526.36 -35.57
C LEU A 951 -373.67 525.44 -34.38
N GLU A 952 -374.55 525.60 -33.38
CA GLU A 952 -374.38 524.85 -32.14
C GLU A 952 -374.75 523.38 -32.31
N GLN A 953 -375.47 523.06 -33.38
CA GLN A 953 -375.68 521.66 -33.71
C GLN A 953 -374.45 521.04 -34.34
N GLU A 954 -373.64 521.84 -35.03
CA GLU A 954 -372.47 521.26 -35.69
C GLU A 954 -371.27 521.28 -34.76
N VAL A 955 -371.13 522.31 -33.93
CA VAL A 955 -370.00 522.35 -33.01
C VAL A 955 -370.24 521.43 -31.84
N GLY A 956 -371.51 521.16 -31.52
CA GLY A 956 -371.80 520.08 -30.58
C GLY A 956 -371.52 518.73 -31.19
N GLY A 957 -371.70 518.61 -32.50
CA GLY A 957 -371.22 517.44 -33.19
C GLY A 957 -369.71 517.42 -33.29
N LEU A 958 -369.10 518.60 -33.42
CA LEU A 958 -367.65 518.64 -33.57
C LEU A 958 -366.94 518.39 -32.25
N LYS A 959 -367.52 518.86 -31.14
CA LYS A 959 -366.92 518.56 -29.84
C LYS A 959 -367.13 517.09 -29.49
N LYS A 960 -368.18 516.48 -30.05
CA LYS A 960 -368.34 515.04 -29.92
C LYS A 960 -367.29 514.30 -30.72
N ASP A 961 -366.81 514.92 -31.80
CA ASP A 961 -365.79 514.26 -32.62
C ASP A 961 -364.43 514.32 -31.94
N ILE A 962 -364.17 515.38 -31.17
CA ILE A 962 -362.87 515.53 -30.53
C ILE A 962 -362.71 514.52 -29.40
N GLU A 963 -363.76 514.35 -28.60
CA GLU A 963 -363.71 513.35 -27.54
C GLU A 963 -363.73 511.94 -28.11
N ASP A 964 -364.30 511.78 -29.31
CA ASP A 964 -364.20 510.51 -30.02
C ASP A 964 -362.75 510.26 -30.46
N LEU A 965 -362.07 511.29 -30.95
CA LEU A 965 -360.80 511.05 -31.63
C LEU A 965 -359.69 510.78 -30.64
N GLU A 966 -359.80 511.32 -29.42
CA GLU A 966 -358.82 510.94 -28.40
C GLU A 966 -359.07 509.52 -27.93
N LEU A 967 -360.31 509.06 -28.02
CA LEU A 967 -360.64 507.71 -27.59
C LEU A 967 -360.00 506.69 -28.53
N SER A 968 -359.84 507.05 -29.80
CA SER A 968 -358.98 506.24 -30.65
C SER A 968 -357.52 506.48 -30.30
N LEU A 969 -357.15 507.75 -30.08
CA LEU A 969 -355.75 508.13 -29.97
C LEU A 969 -355.09 507.56 -28.73
N GLN A 970 -355.77 507.64 -27.59
CA GLN A 970 -355.25 507.02 -26.38
C GLN A 970 -355.23 505.51 -26.51
N LYS A 971 -356.23 504.94 -27.17
CA LYS A 971 -356.29 503.49 -27.26
C LYS A 971 -355.32 502.96 -28.31
N SER A 972 -355.00 503.77 -29.33
CA SER A 972 -354.04 503.30 -30.32
C SER A 972 -352.64 503.34 -29.77
N ASP A 973 -352.34 504.35 -28.93
CA ASP A 973 -351.09 504.36 -28.22
C ASP A 973 -351.05 503.21 -27.22
N GLN A 974 -352.21 502.87 -26.65
CA GLN A 974 -352.31 501.70 -25.79
C GLN A 974 -352.08 500.42 -26.58
N ASP A 975 -352.47 500.40 -27.85
CA ASP A 975 -352.05 499.28 -28.69
C ASP A 975 -350.55 499.33 -28.93
N LYS A 976 -349.99 500.53 -29.10
CA LYS A 976 -348.58 500.62 -29.47
C LYS A 976 -347.68 500.24 -28.31
N ALA A 977 -347.99 500.74 -27.11
CA ALA A 977 -347.19 500.42 -25.94
C ALA A 977 -347.31 498.95 -25.58
N SER A 978 -348.45 498.33 -25.88
CA SER A 978 -348.58 496.89 -25.73
C SER A 978 -347.67 496.17 -26.69
N LYS A 979 -347.42 496.76 -27.85
CA LYS A 979 -346.51 496.15 -28.80
C LYS A 979 -345.08 496.57 -28.53
N ASP A 980 -344.89 497.71 -27.84
CA ASP A 980 -343.54 498.25 -27.68
C ASP A 980 -342.66 497.38 -26.81
N HIS A 981 -343.17 496.90 -25.67
CA HIS A 981 -342.31 496.04 -24.86
C HIS A 981 -342.31 494.63 -25.42
N GLN A 982 -343.28 494.32 -26.27
CA GLN A 982 -343.32 493.01 -26.91
C GLN A 982 -342.14 492.83 -27.84
N ILE A 983 -341.81 493.85 -28.61
CA ILE A 983 -340.63 493.76 -29.45
C ILE A 983 -339.38 493.91 -28.60
N ARG A 984 -339.51 494.46 -27.40
CA ARG A 984 -338.37 494.51 -26.50
C ARG A 984 -338.14 493.16 -25.84
N ASN A 985 -339.22 492.55 -25.32
CA ASN A 985 -339.10 491.29 -24.59
C ASN A 985 -338.66 490.16 -25.49
N LEU A 986 -339.13 490.16 -26.75
CA LEU A 986 -338.64 489.17 -27.70
C LEU A 986 -337.21 489.46 -28.06
N ASN A 987 -336.80 490.72 -28.01
CA ASN A 987 -335.38 491.01 -28.16
C ASN A 987 -334.61 490.70 -26.88
N ASP A 988 -335.28 490.76 -25.73
CA ASP A 988 -334.62 490.30 -24.52
C ASP A 988 -334.50 488.78 -24.50
N GLU A 989 -335.35 488.08 -25.24
CA GLU A 989 -335.24 486.63 -25.31
C GLU A 989 -334.01 486.22 -26.09
N ILE A 990 -333.80 486.85 -27.25
CA ILE A 990 -332.68 486.49 -28.13
C ILE A 990 -331.36 486.81 -27.47
N ALA A 991 -331.33 487.86 -26.65
CA ALA A 991 -330.14 488.11 -25.84
C ALA A 991 -329.99 487.05 -24.75
N HIS A 992 -331.11 486.53 -24.24
CA HIS A 992 -331.03 485.61 -23.11
C HIS A 992 -330.64 484.21 -23.54
N GLN A 993 -331.14 483.76 -24.69
CA GLN A 993 -330.82 482.40 -25.15
C GLN A 993 -329.54 482.37 -25.95
N ASP A 994 -328.88 483.53 -26.12
CA ASP A 994 -327.71 483.68 -26.98
C ASP A 994 -326.57 482.81 -26.46
N GLU A 995 -326.35 482.83 -25.15
CA GLU A 995 -325.28 482.04 -24.56
C GLU A 995 -325.61 480.55 -24.61
N LEU A 996 -326.91 480.22 -24.63
CA LEU A 996 -327.32 478.82 -24.66
C LEU A 996 -326.95 478.17 -25.99
N ILE A 997 -327.11 478.90 -27.09
CA ILE A 997 -326.66 478.36 -28.36
C ILE A 997 -325.17 478.59 -28.52
N ASN A 998 -324.59 479.43 -27.68
CA ASN A 998 -323.14 479.64 -27.75
C ASN A 998 -322.39 478.59 -26.95
N LYS A 999 -322.86 478.29 -25.75
CA LYS A 999 -322.13 477.34 -24.92
C LYS A 999 -322.34 475.91 -25.41
N LEU A 1000 -323.46 475.65 -26.08
CA LEU A 1000 -323.63 474.33 -26.67
C LEU A 1000 -322.87 474.22 -27.99
N ASN A 1001 -322.41 475.35 -28.53
CA ASN A 1001 -321.39 475.27 -29.56
C ASN A 1001 -320.05 474.94 -28.91
N LYS A 1002 -319.87 475.37 -27.65
CA LYS A 1002 -318.62 475.09 -26.96
C LYS A 1002 -318.64 473.70 -26.32
N GLU A 1003 -319.81 473.27 -25.84
CA GLU A 1003 -319.89 472.02 -25.08
C GLU A 1003 -319.66 470.81 -25.98
N LYS A 1004 -320.17 470.85 -27.20
CA LYS A 1004 -320.01 469.71 -28.09
C LYS A 1004 -318.58 469.60 -28.60
N LYS A 1005 -317.90 470.73 -28.80
CA LYS A 1005 -316.56 470.66 -29.37
C LYS A 1005 -315.55 470.21 -28.33
N MET A 1006 -315.78 470.50 -27.05
CA MET A 1006 -314.90 469.93 -26.03
C MET A 1006 -315.27 468.49 -25.76
N GLN A 1007 -316.52 468.12 -26.04
CA GLN A 1007 -316.85 466.71 -26.15
C GLN A 1007 -316.27 466.12 -27.42
N GLY A 1008 -316.02 466.96 -28.43
CA GLY A 1008 -315.40 466.49 -29.66
C GLY A 1008 -313.98 465.97 -29.44
N GLU A 1009 -313.29 466.50 -28.44
CA GLU A 1009 -312.03 465.92 -28.03
C GLU A 1009 -312.24 464.57 -27.36
N HIS A 1010 -313.19 464.50 -26.42
CA HIS A 1010 -313.40 463.29 -25.63
C HIS A 1010 -313.95 462.17 -26.48
N THR A 1011 -314.78 462.48 -27.47
CA THR A 1011 -315.38 461.44 -28.29
C THR A 1011 -314.34 460.76 -29.18
N GLN A 1012 -313.22 461.44 -29.44
CA GLN A 1012 -312.15 460.79 -30.20
C GLN A 1012 -311.13 460.18 -29.25
N LYS A 1013 -310.95 460.78 -28.08
CA LYS A 1013 -309.92 460.31 -27.16
C LYS A 1013 -310.34 459.00 -26.49
N THR A 1014 -311.64 458.82 -26.25
CA THR A 1014 -312.09 457.54 -25.70
C THR A 1014 -312.08 456.46 -26.76
N ALA A 1015 -312.06 456.84 -28.03
CA ALA A 1015 -311.98 455.85 -29.09
C ALA A 1015 -310.58 455.26 -29.18
N GLU A 1016 -309.55 456.11 -29.12
CA GLU A 1016 -308.20 455.63 -29.34
C GLU A 1016 -307.69 454.84 -28.15
N GLU A 1017 -308.14 455.16 -26.94
CA GLU A 1017 -307.79 454.32 -25.80
C GLU A 1017 -308.62 453.04 -25.81
N LEU A 1018 -309.71 453.02 -26.56
CA LEU A 1018 -310.50 451.80 -26.63
C LEU A 1018 -309.84 450.75 -27.51
N GLN A 1019 -309.35 451.16 -28.67
CA GLN A 1019 -308.84 450.19 -29.64
C GLN A 1019 -307.51 449.59 -29.20
N ALA A 1020 -306.68 450.38 -28.52
CA ALA A 1020 -305.43 449.86 -28.00
C ALA A 1020 -305.69 448.90 -26.85
N SER A 1021 -306.79 449.12 -26.11
CA SER A 1021 -307.10 448.23 -25.00
C SER A 1021 -307.64 446.91 -25.51
N GLU A 1022 -308.48 446.94 -26.55
CA GLU A 1022 -309.02 445.69 -27.10
C GLU A 1022 -307.92 444.87 -27.76
N ASP A 1023 -306.90 445.55 -28.30
CA ASP A 1023 -305.71 444.84 -28.78
C ASP A 1023 -305.00 444.17 -27.61
N LYS A 1024 -304.94 444.86 -26.47
CA LYS A 1024 -304.37 444.24 -25.28
C LYS A 1024 -305.27 443.12 -24.76
N VAL A 1025 -306.58 443.22 -25.02
CA VAL A 1025 -307.44 442.07 -24.81
C VAL A 1025 -307.14 441.00 -25.85
N ASN A 1026 -306.88 441.42 -27.09
CA ASN A 1026 -306.64 440.44 -28.14
C ASN A 1026 -305.25 439.83 -28.03
N HIS A 1027 -304.27 440.60 -27.56
CA HIS A 1027 -302.92 440.06 -27.46
C HIS A 1027 -302.81 439.09 -26.31
N LEU A 1028 -303.49 439.36 -25.20
CA LEU A 1028 -303.27 438.57 -24.00
C LEU A 1028 -303.99 437.23 -24.11
N THR A 1029 -305.07 437.16 -24.90
CA THR A 1029 -305.69 435.86 -25.11
C THR A 1029 -304.91 435.06 -26.13
N LYS A 1030 -304.07 435.73 -26.93
CA LYS A 1030 -303.15 435.01 -27.79
C LYS A 1030 -302.02 434.41 -26.96
N VAL A 1031 -301.68 435.07 -25.85
CA VAL A 1031 -300.66 434.52 -24.95
C VAL A 1031 -301.21 433.30 -24.22
N LYS A 1032 -302.46 433.39 -23.77
CA LYS A 1032 -303.07 432.27 -23.06
C LYS A 1032 -303.30 431.09 -23.97
N ALA A 1033 -303.64 431.35 -25.24
CA ALA A 1033 -303.85 430.27 -26.19
C ALA A 1033 -302.55 429.55 -26.50
N LYS A 1034 -301.43 430.27 -26.48
CA LYS A 1034 -300.15 429.61 -26.68
C LYS A 1034 -299.74 428.83 -25.45
N LEU A 1035 -300.06 429.35 -24.27
CA LEU A 1035 -299.52 428.74 -23.05
C LEU A 1035 -300.38 427.56 -22.60
N GLU A 1036 -301.60 427.42 -23.12
CA GLU A 1036 -302.41 426.30 -22.68
C GLU A 1036 -301.94 425.01 -23.33
N GLN A 1037 -301.56 425.07 -24.61
CA GLN A 1037 -301.17 423.84 -25.31
C GLN A 1037 -299.78 423.39 -24.88
N THR A 1038 -298.97 424.32 -24.37
CA THR A 1038 -297.74 423.94 -23.70
C THR A 1038 -298.05 423.09 -22.48
N LEU A 1039 -299.10 423.47 -21.73
CA LEU A 1039 -299.54 422.67 -20.61
C LEU A 1039 -300.14 421.35 -21.08
N ASP A 1040 -300.67 421.31 -22.31
CA ASP A 1040 -300.96 420.03 -22.91
C ASP A 1040 -299.66 419.30 -23.24
N GLU A 1041 -298.73 419.98 -23.91
CA GLU A 1041 -297.53 419.32 -24.43
C GLU A 1041 -296.62 418.87 -23.31
N LEU A 1042 -296.62 419.59 -22.19
CA LEU A 1042 -295.90 419.11 -21.03
C LEU A 1042 -296.61 417.90 -20.41
N GLU A 1043 -297.93 417.99 -20.24
CA GLU A 1043 -298.63 416.92 -19.53
C GLU A 1043 -298.79 415.69 -20.39
N ASP A 1044 -298.83 415.85 -21.72
CA ASP A 1044 -298.79 414.67 -22.59
C ASP A 1044 -297.42 414.02 -22.54
N SER A 1045 -296.37 414.80 -22.30
CA SER A 1045 -295.04 414.24 -22.15
C SER A 1045 -294.89 413.54 -20.82
N LEU A 1046 -295.77 413.85 -19.86
CA LEU A 1046 -295.68 413.25 -18.53
C LEU A 1046 -295.99 411.77 -18.57
N GLU A 1047 -297.02 411.37 -19.31
CA GLU A 1047 -297.24 409.95 -19.48
C GLU A 1047 -296.26 409.37 -20.49
N ARG A 1048 -295.79 410.19 -21.44
CA ARG A 1048 -295.03 409.68 -22.58
C ARG A 1048 -293.66 409.16 -22.15
N GLU A 1049 -293.07 409.79 -21.15
CA GLU A 1049 -291.87 409.22 -20.56
C GLU A 1049 -292.25 408.04 -19.67
N LYS A 1050 -293.40 408.13 -18.99
CA LYS A 1050 -293.65 407.28 -17.84
C LYS A 1050 -293.95 405.84 -18.24
N LYS A 1051 -294.78 405.63 -19.27
CA LYS A 1051 -295.01 404.26 -19.72
C LYS A 1051 -293.81 403.75 -20.52
N LEU A 1052 -293.00 404.67 -21.04
CA LEU A 1052 -291.75 404.26 -21.69
C LEU A 1052 -290.70 403.92 -20.65
N ARG A 1053 -290.75 404.60 -19.50
CA ARG A 1053 -289.86 404.23 -18.41
C ARG A 1053 -290.35 402.96 -17.72
N GLY A 1054 -291.66 402.72 -17.76
CA GLY A 1054 -292.21 401.60 -17.03
C GLY A 1054 -291.89 400.25 -17.67
N ASP A 1055 -292.03 400.15 -18.98
CA ASP A 1055 -291.76 398.87 -19.62
C ASP A 1055 -290.26 398.64 -19.79
N VAL A 1056 -289.45 399.70 -19.74
CA VAL A 1056 -288.01 399.50 -19.79
C VAL A 1056 -287.49 399.17 -18.41
N GLU A 1057 -288.29 399.43 -17.38
CA GLU A 1057 -287.98 398.98 -16.03
C GLU A 1057 -288.11 397.46 -16.00
N LYS A 1058 -289.21 396.95 -16.56
CA LYS A 1058 -289.40 395.50 -16.57
C LYS A 1058 -288.55 394.86 -17.65
N ALA A 1059 -288.05 395.65 -18.60
CA ALA A 1059 -287.03 395.16 -19.51
C ALA A 1059 -285.70 395.00 -18.77
N LYS A 1060 -285.46 395.85 -17.78
CA LYS A 1060 -284.29 395.64 -16.93
C LYS A 1060 -284.50 394.46 -16.01
N ARG A 1061 -285.74 394.22 -15.59
CA ARG A 1061 -286.01 393.30 -14.49
C ARG A 1061 -285.77 391.85 -14.89
N LYS A 1062 -286.25 391.44 -16.07
CA LYS A 1062 -286.07 390.05 -16.48
C LYS A 1062 -284.62 389.77 -16.86
N VAL A 1063 -283.91 390.80 -17.34
CA VAL A 1063 -282.51 390.61 -17.70
C VAL A 1063 -281.65 390.51 -16.44
N GLU A 1064 -282.07 391.16 -15.34
CA GLU A 1064 -281.35 391.01 -14.08
C GLU A 1064 -281.42 389.59 -13.55
N GLY A 1065 -282.55 388.91 -13.75
CA GLY A 1065 -282.64 387.52 -13.36
C GLY A 1065 -281.85 386.61 -14.28
N ASP A 1066 -281.69 387.03 -15.54
CA ASP A 1066 -280.98 386.21 -16.52
C ASP A 1066 -279.49 386.18 -16.21
N LEU A 1067 -278.98 387.24 -15.59
CA LEU A 1067 -277.61 387.20 -15.09
C LEU A 1067 -277.49 386.23 -13.93
N LYS A 1068 -278.51 386.17 -13.07
CA LYS A 1068 -278.51 385.23 -11.97
C LYS A 1068 -278.58 383.79 -12.48
N LEU A 1069 -279.30 383.58 -13.59
CA LEU A 1069 -279.30 382.28 -14.25
C LEU A 1069 -277.93 381.95 -14.81
N THR A 1070 -277.32 382.90 -15.52
CA THR A 1070 -276.15 382.58 -16.32
C THR A 1070 -274.88 382.52 -15.44
N GLN A 1071 -274.90 383.22 -14.30
CA GLN A 1071 -273.72 383.22 -13.43
C GLN A 1071 -273.51 381.88 -12.78
N GLU A 1072 -274.60 381.22 -12.35
CA GLU A 1072 -274.44 379.92 -11.71
C GLU A 1072 -274.15 378.83 -12.73
N ALA A 1073 -274.65 379.02 -13.96
CA ALA A 1073 -274.29 378.08 -15.03
C ALA A 1073 -272.83 378.24 -15.41
N VAL A 1074 -272.29 379.45 -15.25
CA VAL A 1074 -270.85 379.62 -15.33
C VAL A 1074 -270.18 378.96 -14.15
N ALA A 1075 -270.72 379.17 -12.94
CA ALA A 1075 -270.11 378.63 -11.73
C ALA A 1075 -270.21 377.11 -11.67
N ASP A 1076 -271.26 376.53 -12.27
CA ASP A 1076 -271.36 375.08 -12.36
C ASP A 1076 -270.25 374.51 -13.22
N LEU A 1077 -269.94 375.16 -14.34
CA LEU A 1077 -268.77 374.74 -15.08
C LEU A 1077 -267.50 375.13 -14.33
N GLU A 1078 -267.56 376.24 -13.58
CA GLU A 1078 -266.40 376.65 -12.80
C GLU A 1078 -266.25 375.79 -11.55
N ARG A 1079 -267.33 375.14 -11.11
CA ARG A 1079 -267.14 374.09 -10.12
C ARG A 1079 -266.77 372.78 -10.81
N ASN A 1080 -267.18 372.60 -12.07
CA ASN A 1080 -266.71 371.45 -12.82
C ASN A 1080 -265.28 371.65 -13.29
N LYS A 1081 -264.81 372.90 -13.32
CA LYS A 1081 -263.44 373.18 -13.72
C LYS A 1081 -262.44 372.64 -12.71
N LYS A 1082 -262.74 372.78 -11.43
CA LYS A 1082 -261.75 372.39 -10.43
C LYS A 1082 -261.74 370.89 -10.21
N GLU A 1083 -262.87 370.21 -10.44
CA GLU A 1083 -262.85 368.76 -10.31
C GLU A 1083 -262.21 368.11 -11.54
N LEU A 1084 -262.37 368.76 -12.68
CA LEU A 1084 -261.77 368.22 -13.90
C LEU A 1084 -260.26 368.33 -13.86
N GLU A 1085 -259.75 369.40 -13.23
CA GLU A 1085 -258.32 369.44 -12.93
C GLU A 1085 -257.97 368.41 -11.84
N GLN A 1086 -258.90 368.19 -10.91
CA GLN A 1086 -258.63 367.31 -9.77
C GLN A 1086 -258.48 365.86 -10.21
N THR A 1087 -259.30 365.42 -11.16
CA THR A 1087 -259.17 364.06 -11.67
C THR A 1087 -257.91 363.91 -12.50
N ILE A 1088 -257.50 364.98 -13.18
CA ILE A 1088 -256.20 364.95 -13.86
C ILE A 1088 -255.08 365.00 -12.83
N GLN A 1089 -255.23 365.82 -11.78
CA GLN A 1089 -254.26 365.84 -10.69
C GLN A 1089 -254.30 364.52 -9.90
N ARG A 1090 -255.41 363.80 -9.98
CA ARG A 1090 -255.44 362.43 -9.46
C ARG A 1090 -254.65 361.49 -10.35
N LYS A 1091 -254.49 361.85 -11.63
CA LYS A 1091 -253.83 360.95 -12.57
C LYS A 1091 -252.50 361.51 -13.05
N ASP A 1092 -252.14 362.71 -12.56
CA ASP A 1092 -250.87 363.32 -12.95
C ASP A 1092 -249.69 362.58 -12.35
N LYS A 1093 -249.92 361.86 -11.25
CA LYS A 1093 -248.80 361.34 -10.46
C LYS A 1093 -248.50 359.88 -10.77
N GLU A 1094 -249.52 359.09 -11.09
CA GLU A 1094 -249.31 357.65 -11.17
C GLU A 1094 -248.64 357.25 -12.49
N ILE A 1095 -248.90 358.01 -13.56
CA ILE A 1095 -248.32 357.70 -14.86
C ILE A 1095 -246.83 358.00 -14.86
N ALA A 1096 -246.44 359.11 -14.22
CA ALA A 1096 -245.03 359.39 -14.01
C ALA A 1096 -244.42 358.41 -13.01
N SER A 1097 -245.26 357.77 -12.19
CA SER A 1097 -244.76 356.76 -11.27
C SER A 1097 -244.58 355.42 -11.98
N LEU A 1098 -245.58 355.01 -12.76
CA LEU A 1098 -245.54 353.69 -13.39
C LEU A 1098 -244.47 353.60 -14.46
N THR A 1099 -244.08 354.75 -15.04
CA THR A 1099 -242.98 354.77 -16.00
C THR A 1099 -241.67 354.42 -15.31
N ALA A 1100 -241.55 354.76 -14.03
CA ALA A 1100 -240.43 354.25 -13.26
C ALA A 1100 -240.63 352.77 -12.93
N LYS A 1101 -241.84 352.40 -12.48
CA LYS A 1101 -242.10 351.05 -12.00
C LYS A 1101 -241.98 350.03 -13.12
N LEU A 1102 -242.49 350.36 -14.30
CA LEU A 1102 -242.28 349.51 -15.47
C LEU A 1102 -240.80 349.43 -15.82
N GLU A 1103 -240.07 350.54 -15.69
CA GLU A 1103 -238.66 350.51 -16.04
C GLU A 1103 -237.83 349.82 -14.97
N ASP A 1104 -238.25 349.91 -13.70
CA ASP A 1104 -237.50 349.23 -12.65
C ASP A 1104 -237.68 347.73 -12.72
N GLU A 1105 -238.87 347.27 -13.09
CA GLU A 1105 -239.08 345.84 -13.25
C GLU A 1105 -238.47 345.33 -14.54
N GLN A 1106 -238.25 346.22 -15.51
CA GLN A 1106 -237.70 345.77 -16.78
C GLN A 1106 -236.19 345.62 -16.70
N SER A 1107 -235.58 346.09 -15.63
CA SER A 1107 -234.17 345.81 -15.42
C SER A 1107 -233.98 344.48 -14.69
N ILE A 1108 -234.92 344.12 -13.82
CA ILE A 1108 -234.70 342.93 -13.01
C ILE A 1108 -234.98 341.66 -13.81
N VAL A 1109 -235.83 341.76 -14.84
CA VAL A 1109 -236.05 340.60 -15.69
C VAL A 1109 -234.86 340.43 -16.64
N SER A 1110 -234.11 341.50 -16.87
CA SER A 1110 -232.89 341.38 -17.65
C SER A 1110 -231.82 340.67 -16.85
N LYS A 1111 -231.79 340.91 -15.54
CA LYS A 1111 -230.79 340.27 -14.70
C LYS A 1111 -231.09 338.78 -14.55
N THR A 1112 -232.37 338.43 -14.41
CA THR A 1112 -232.73 337.01 -14.40
C THR A 1112 -232.48 336.38 -15.75
N GLN A 1113 -232.58 337.15 -16.83
CA GLN A 1113 -232.20 336.64 -18.14
C GLN A 1113 -230.70 336.37 -18.19
N LYS A 1114 -229.91 337.21 -17.52
CA LYS A 1114 -228.51 336.88 -17.36
C LYS A 1114 -228.34 335.73 -16.38
N GLN A 1115 -229.22 335.65 -15.38
CA GLN A 1115 -229.05 334.65 -14.34
C GLN A 1115 -229.50 333.28 -14.81
N ILE A 1116 -230.49 333.22 -15.72
CA ILE A 1116 -230.99 331.93 -16.17
C ILE A 1116 -229.97 331.26 -17.09
N LYS A 1117 -229.07 332.05 -17.69
CA LYS A 1117 -228.09 331.42 -18.56
C LYS A 1117 -226.79 331.15 -17.83
N GLU A 1118 -226.43 332.00 -16.86
CA GLU A 1118 -225.16 331.78 -16.17
C GLU A 1118 -225.29 330.70 -15.10
N LEU A 1119 -226.50 330.52 -14.57
CA LEU A 1119 -226.73 329.35 -13.75
C LEU A 1119 -226.86 328.12 -14.62
N GLN A 1120 -227.26 328.31 -15.89
CA GLN A 1120 -227.28 327.20 -16.83
C GLN A 1120 -225.86 326.80 -17.21
N SER A 1121 -224.91 327.75 -17.08
CA SER A 1121 -223.51 327.49 -17.36
C SER A 1121 -222.92 326.49 -16.37
N ARG A 1122 -223.47 326.43 -15.15
CA ARG A 1122 -223.02 325.42 -14.22
C ARG A 1122 -223.72 324.10 -14.43
N ILE A 1123 -224.99 324.14 -14.87
CA ILE A 1123 -225.78 322.91 -14.94
C ILE A 1123 -225.33 322.07 -16.12
N GLU A 1124 -224.62 322.69 -17.06
CA GLU A 1124 -224.01 321.91 -18.14
C GLU A 1124 -222.75 321.20 -17.63
N GLU A 1125 -222.04 321.83 -16.68
CA GLU A 1125 -220.83 321.22 -16.17
C GLU A 1125 -221.16 320.06 -15.24
N LEU A 1126 -222.24 320.19 -14.46
CA LEU A 1126 -222.55 319.16 -13.50
C LEU A 1126 -223.15 317.92 -14.17
N GLU A 1127 -223.78 318.10 -15.33
CA GLU A 1127 -224.22 316.91 -16.06
C GLU A 1127 -223.06 316.31 -16.82
N GLU A 1128 -222.05 317.12 -17.13
CA GLU A 1128 -220.85 316.61 -17.79
C GLU A 1128 -220.07 315.72 -16.84
N GLU A 1129 -220.19 315.97 -15.53
CA GLU A 1129 -219.51 315.14 -14.56
C GLU A 1129 -220.28 313.84 -14.31
N VAL A 1130 -221.61 313.91 -14.32
CA VAL A 1130 -222.40 312.75 -13.92
C VAL A 1130 -222.39 311.68 -15.00
N GLU A 1131 -222.09 312.07 -16.24
CA GLU A 1131 -221.85 311.06 -17.27
C GLU A 1131 -220.48 310.43 -17.09
N ALA A 1132 -219.52 311.20 -16.57
CA ALA A 1132 -218.15 310.71 -16.46
C ALA A 1132 -218.04 309.63 -15.40
N GLU A 1133 -218.73 309.80 -14.27
CA GLU A 1133 -218.78 308.73 -13.27
C GLU A 1133 -219.61 307.57 -13.78
N ARG A 1134 -220.53 307.82 -14.71
CA ARG A 1134 -221.35 306.72 -15.24
C ARG A 1134 -220.52 305.80 -16.11
N GLN A 1135 -219.68 306.35 -16.98
CA GLN A 1135 -218.83 305.51 -17.80
C GLN A 1135 -217.67 304.94 -17.00
N ALA A 1136 -217.28 305.61 -15.92
CA ALA A 1136 -216.28 305.06 -15.03
C ALA A 1136 -216.82 303.85 -14.30
N ARG A 1137 -217.98 303.99 -13.67
CA ARG A 1137 -218.62 302.85 -13.04
C ARG A 1137 -219.12 301.84 -14.06
N GLY A 1138 -219.37 302.30 -15.29
CA GLY A 1138 -219.71 301.36 -16.34
C GLY A 1138 -218.54 300.51 -16.77
N LYS A 1139 -217.36 301.11 -16.92
CA LYS A 1139 -216.21 300.32 -17.34
C LYS A 1139 -215.65 299.50 -16.19
N ALA A 1140 -215.97 299.90 -14.95
CA ALA A 1140 -215.43 299.18 -13.81
C ALA A 1140 -216.16 297.86 -13.61
N GLU A 1141 -217.47 297.85 -13.82
CA GLU A 1141 -218.20 296.60 -13.68
C GLU A 1141 -217.93 295.68 -14.86
N LYS A 1142 -217.44 296.23 -15.97
CA LYS A 1142 -217.07 295.40 -17.10
C LYS A 1142 -215.63 294.93 -16.99
N GLN A 1143 -214.79 295.69 -16.28
CA GLN A 1143 -213.42 295.25 -16.04
C GLN A 1143 -213.41 294.05 -15.08
N ARG A 1144 -214.20 294.12 -14.01
CA ARG A 1144 -214.21 293.03 -13.06
C ARG A 1144 -214.96 291.83 -13.60
N ALA A 1145 -215.93 292.05 -14.48
CA ALA A 1145 -216.54 290.94 -15.18
C ALA A 1145 -215.57 290.31 -16.18
N ASP A 1146 -214.63 291.09 -16.70
CA ASP A 1146 -213.60 290.53 -17.56
C ASP A 1146 -212.60 289.71 -16.77
N LEU A 1147 -212.19 290.20 -15.60
CA LEU A 1147 -211.20 289.48 -14.81
C LEU A 1147 -211.81 288.30 -14.08
N ALA A 1148 -213.15 288.26 -14.00
CA ALA A 1148 -213.81 287.10 -13.40
C ALA A 1148 -213.71 285.88 -14.30
N ARG A 1149 -213.49 286.08 -15.60
CA ARG A 1149 -213.41 284.96 -16.51
C ARG A 1149 -212.10 284.20 -16.34
N GLU A 1150 -210.96 284.92 -16.42
CA GLU A 1150 -209.68 284.22 -16.41
C GLU A 1150 -209.26 283.85 -15.00
N LEU A 1151 -210.02 284.27 -13.99
CA LEU A 1151 -209.76 283.76 -12.64
C LEU A 1151 -210.02 282.26 -12.57
N GLU A 1152 -211.13 281.81 -13.16
CA GLU A 1152 -211.41 280.39 -13.19
C GLU A 1152 -210.49 279.68 -14.17
N GLU A 1153 -210.08 280.37 -15.23
CA GLU A 1153 -209.16 279.78 -16.19
C GLU A 1153 -207.79 279.58 -15.56
N LEU A 1154 -207.30 280.58 -14.84
CA LEU A 1154 -206.12 280.39 -14.01
C LEU A 1154 -206.44 279.48 -12.84
N GLY A 1155 -207.71 279.44 -12.43
CA GLY A 1155 -208.12 278.45 -11.44
C GLY A 1155 -208.19 277.05 -12.02
N GLU A 1156 -208.30 276.95 -13.34
CA GLU A 1156 -208.31 275.62 -13.97
C GLU A 1156 -206.90 275.04 -13.98
N ARG A 1157 -205.88 275.89 -14.04
CA ARG A 1157 -204.51 275.40 -14.10
C ARG A 1157 -204.02 274.87 -12.76
N LEU A 1158 -204.73 275.20 -11.68
CA LEU A 1158 -204.23 274.89 -10.35
C LEU A 1158 -204.31 273.39 -10.06
N GLU A 1159 -205.40 272.74 -10.46
CA GLU A 1159 -205.58 271.35 -10.10
C GLU A 1159 -204.80 270.43 -11.04
N GLU A 1160 -204.55 270.88 -12.26
CA GLU A 1160 -203.76 270.04 -13.18
C GLU A 1160 -202.29 270.07 -12.81
N ALA A 1161 -201.81 271.20 -12.29
CA ALA A 1161 -200.45 271.25 -11.77
C ALA A 1161 -200.34 270.44 -10.50
N GLY A 1162 -201.41 270.40 -9.70
CA GLY A 1162 -201.44 269.51 -8.56
C GLY A 1162 -201.64 268.06 -8.97
N GLY A 1163 -202.43 267.83 -10.02
CA GLY A 1163 -202.64 266.47 -10.50
C GLY A 1163 -201.43 265.92 -11.21
N ALA A 1164 -200.55 266.80 -11.70
CA ALA A 1164 -199.32 266.34 -12.33
C ALA A 1164 -198.31 265.92 -11.28
N THR A 1165 -198.13 266.75 -10.25
CA THR A 1165 -197.15 266.43 -9.20
C THR A 1165 -197.60 265.22 -8.39
N SER A 1166 -198.90 265.11 -8.13
CA SER A 1166 -199.41 263.96 -7.40
C SER A 1166 -199.32 262.69 -8.23
N ALA A 1167 -199.23 262.82 -9.56
CA ALA A 1167 -198.97 261.66 -10.40
C ALA A 1167 -197.48 261.38 -10.51
N GLN A 1168 -196.66 262.42 -10.63
CA GLN A 1168 -195.24 262.22 -10.95
C GLN A 1168 -194.45 261.83 -9.70
N ILE A 1169 -194.74 262.45 -8.56
CA ILE A 1169 -194.03 262.09 -7.33
C ILE A 1169 -194.49 260.73 -6.84
N GLU A 1170 -195.67 260.28 -7.29
CA GLU A 1170 -196.05 258.88 -7.12
C GLU A 1170 -195.16 257.96 -7.93
N LEU A 1171 -194.60 258.45 -9.04
CA LEU A 1171 -193.84 257.59 -9.94
C LEU A 1171 -192.39 257.43 -9.48
N ASN A 1172 -191.85 258.42 -8.77
CA ASN A 1172 -190.41 258.42 -8.53
C ASN A 1172 -190.01 257.48 -7.39
N LYS A 1173 -190.93 257.16 -6.50
CA LYS A 1173 -190.56 256.31 -5.36
C LYS A 1173 -190.33 254.87 -5.78
N LYS A 1174 -190.90 254.47 -6.92
CA LYS A 1174 -190.54 253.19 -7.50
C LYS A 1174 -189.44 253.36 -8.53
N ARG A 1175 -189.27 254.59 -9.04
CA ARG A 1175 -188.20 254.84 -9.98
C ARG A 1175 -186.86 254.88 -9.28
N GLU A 1176 -186.82 255.43 -8.06
CA GLU A 1176 -185.58 255.42 -7.30
C GLU A 1176 -185.23 254.00 -6.84
N ALA A 1177 -186.24 253.15 -6.72
CA ALA A 1177 -185.98 251.76 -6.34
C ALA A 1177 -185.27 251.01 -7.44
N GLU A 1178 -185.77 251.08 -8.67
CA GLU A 1178 -185.12 250.40 -9.77
C GLU A 1178 -183.84 251.10 -10.17
N MET A 1179 -183.70 252.38 -9.82
CA MET A 1179 -182.40 253.03 -9.92
C MET A 1179 -181.46 252.45 -8.88
N SER A 1180 -181.98 252.20 -7.68
CA SER A 1180 -181.16 251.59 -6.63
C SER A 1180 -180.83 250.15 -6.96
N LYS A 1181 -181.65 249.50 -7.78
CA LYS A 1181 -181.42 248.10 -8.09
C LYS A 1181 -180.16 247.91 -8.92
N LEU A 1182 -180.03 248.66 -10.01
CA LEU A 1182 -178.81 248.57 -10.82
C LEU A 1182 -177.61 249.11 -10.06
N ARG A 1183 -177.83 250.09 -9.19
CA ARG A 1183 -176.76 250.57 -8.33
C ARG A 1183 -176.36 249.49 -7.34
N ARG A 1184 -177.33 248.66 -6.95
CA ARG A 1184 -177.01 247.49 -6.14
C ARG A 1184 -176.79 246.27 -7.02
N ASP A 1185 -176.39 246.47 -8.27
CA ASP A 1185 -176.10 245.31 -9.11
C ASP A 1185 -174.63 245.23 -9.43
N LEU A 1186 -173.93 246.36 -9.45
CA LEU A 1186 -172.57 246.39 -9.98
C LEU A 1186 -171.60 245.65 -9.08
N GLU A 1187 -171.90 245.58 -7.79
CA GLU A 1187 -170.97 244.95 -6.88
C GLU A 1187 -171.01 243.43 -7.01
N GLU A 1188 -172.18 242.84 -7.25
CA GLU A 1188 -172.23 241.39 -7.34
C GLU A 1188 -171.92 240.93 -8.75
N SER A 1189 -171.66 241.87 -9.66
CA SER A 1189 -170.83 241.54 -10.80
C SER A 1189 -169.37 241.68 -10.44
N ASN A 1190 -169.04 242.67 -9.61
CA ASN A 1190 -167.66 242.93 -9.27
C ASN A 1190 -167.11 241.85 -8.36
N ILE A 1191 -167.83 241.52 -7.28
CA ILE A 1191 -167.32 240.50 -6.37
C ILE A 1191 -167.43 239.13 -6.99
N GLN A 1192 -168.32 238.96 -7.98
CA GLN A 1192 -168.32 237.72 -8.73
C GLN A 1192 -167.10 237.63 -9.60
N HIS A 1193 -166.79 238.70 -10.33
CA HIS A 1193 -165.73 238.61 -11.32
C HIS A 1193 -164.37 238.68 -10.65
N GLU A 1194 -164.35 239.13 -9.40
CA GLU A 1194 -163.12 239.04 -8.62
C GLU A 1194 -162.90 237.62 -8.11
N SER A 1195 -163.98 236.94 -7.75
CA SER A 1195 -163.85 235.59 -7.22
C SER A 1195 -163.46 234.62 -8.32
N THR A 1196 -163.94 234.86 -9.54
CA THR A 1196 -163.51 234.01 -10.64
C THR A 1196 -162.12 234.40 -11.10
N LEU A 1197 -161.64 235.59 -10.72
CA LEU A 1197 -160.21 235.84 -10.78
C LEU A 1197 -159.50 235.12 -9.66
N ALA A 1198 -160.17 234.96 -8.53
CA ALA A 1198 -159.54 234.32 -7.39
C ALA A 1198 -159.53 232.80 -7.57
N ASN A 1199 -160.68 232.23 -7.90
CA ASN A 1199 -160.80 230.78 -7.92
C ASN A 1199 -160.03 230.17 -9.10
N LEU A 1200 -159.91 230.91 -10.19
CA LEU A 1200 -159.10 230.41 -11.28
C LEU A 1200 -157.61 230.59 -11.00
N ARG A 1201 -157.27 231.43 -10.02
CA ARG A 1201 -155.86 231.72 -9.79
C ARG A 1201 -155.14 230.56 -9.14
N LYS A 1202 -155.67 230.03 -8.04
CA LYS A 1202 -154.97 228.94 -7.37
C LYS A 1202 -155.06 227.65 -8.16
N LYS A 1203 -156.13 227.45 -8.94
CA LYS A 1203 -156.24 226.31 -9.84
C LYS A 1203 -155.19 226.39 -10.94
N HIS A 1204 -154.83 227.61 -11.33
CA HIS A 1204 -153.64 227.77 -12.14
C HIS A 1204 -152.38 227.61 -11.29
N ASN A 1205 -152.43 228.01 -10.02
CA ASN A 1205 -151.20 228.08 -9.25
C ASN A 1205 -150.82 226.73 -8.67
N ASP A 1206 -151.79 225.89 -8.31
CA ASP A 1206 -151.42 224.60 -7.73
C ASP A 1206 -150.88 223.65 -8.78
N ALA A 1207 -151.25 223.90 -10.05
CA ALA A 1207 -150.66 223.15 -11.16
C ALA A 1207 -149.17 223.42 -11.26
N VAL A 1208 -148.75 224.65 -10.96
CA VAL A 1208 -147.32 224.98 -10.91
C VAL A 1208 -146.65 224.20 -9.79
N SER A 1209 -147.34 224.06 -8.66
CA SER A 1209 -146.74 223.41 -7.50
C SER A 1209 -146.61 221.91 -7.71
N GLU A 1210 -147.57 221.30 -8.41
CA GLU A 1210 -147.52 219.85 -8.56
C GLU A 1210 -146.47 219.45 -9.59
N MET A 1211 -146.36 220.20 -10.69
CA MET A 1211 -145.33 219.86 -11.66
C MET A 1211 -143.97 220.36 -11.20
N GLY A 1212 -143.95 221.40 -10.37
CA GLY A 1212 -142.72 221.81 -9.75
C GLY A 1212 -142.21 220.78 -8.77
N GLU A 1213 -143.13 220.08 -8.10
CA GLU A 1213 -142.75 218.93 -7.31
C GLU A 1213 -142.27 217.81 -8.22
N GLN A 1214 -142.88 217.66 -9.40
CA GLN A 1214 -142.40 216.70 -10.37
C GLN A 1214 -141.07 217.15 -10.94
N ILE A 1215 -140.84 218.46 -11.02
CA ILE A 1215 -139.53 218.98 -11.41
C ILE A 1215 -138.50 218.60 -10.36
N ASP A 1216 -138.91 218.68 -9.09
CA ASP A 1216 -138.00 218.35 -7.99
C ASP A 1216 -137.73 216.86 -7.93
N GLN A 1217 -138.77 216.03 -7.91
CA GLN A 1217 -138.60 214.61 -7.59
C GLN A 1217 -137.91 213.88 -8.74
N LEU A 1218 -138.07 214.37 -9.97
CA LEU A 1218 -137.29 213.83 -11.06
C LEU A 1218 -135.85 214.29 -10.94
N ASN A 1219 -135.62 215.47 -10.39
CA ASN A 1219 -134.25 215.97 -10.30
C ASN A 1219 -133.49 215.29 -9.17
N LYS A 1220 -134.17 215.01 -8.05
CA LYS A 1220 -133.49 214.32 -6.97
C LYS A 1220 -133.30 212.85 -7.31
N LEU A 1221 -134.11 212.33 -8.24
CA LEU A 1221 -133.86 211.00 -8.77
C LEU A 1221 -132.57 210.96 -9.57
N LYS A 1222 -132.32 212.01 -10.36
CA LYS A 1222 -131.07 212.10 -11.12
C LYS A 1222 -129.88 212.20 -10.20
N THR A 1223 -129.98 213.03 -9.16
CA THR A 1223 -128.91 213.13 -8.18
C THR A 1223 -128.75 211.84 -7.40
N LYS A 1224 -129.84 211.06 -7.27
CA LYS A 1224 -129.70 209.74 -6.69
C LYS A 1224 -128.98 208.83 -7.68
N ALA A 1225 -129.39 208.85 -8.94
CA ALA A 1225 -128.93 207.83 -9.88
C ALA A 1225 -127.48 208.07 -10.27
N GLU A 1226 -127.08 209.33 -10.42
CA GLU A 1226 -125.69 209.63 -10.72
C GLU A 1226 -124.81 209.31 -9.52
N HIS A 1227 -125.38 209.30 -8.33
CA HIS A 1227 -124.61 208.95 -7.13
C HIS A 1227 -124.35 207.44 -7.08
N ASP A 1228 -125.15 206.65 -7.79
CA ASP A 1228 -124.82 205.23 -7.90
C ASP A 1228 -123.68 205.02 -8.88
N ARG A 1229 -123.62 205.85 -9.93
CA ARG A 1229 -122.72 205.67 -11.06
C ARG A 1229 -121.25 205.73 -10.65
N THR A 1230 -120.95 206.42 -9.55
CA THR A 1230 -119.64 206.29 -8.95
C THR A 1230 -119.61 205.12 -7.97
N HIS A 1231 -120.70 204.93 -7.21
CA HIS A 1231 -120.70 203.94 -6.15
C HIS A 1231 -120.72 202.53 -6.72
N VAL A 1232 -121.44 202.34 -7.82
CA VAL A 1232 -121.39 201.06 -8.51
C VAL A 1232 -120.03 200.86 -9.16
N GLN A 1233 -119.42 201.95 -9.63
CA GLN A 1233 -118.11 201.86 -10.30
C GLN A 1233 -117.03 201.43 -9.34
N ASN A 1234 -117.20 201.74 -8.05
CA ASN A 1234 -116.21 201.34 -7.05
C ASN A 1234 -116.17 199.83 -6.89
N ASP A 1235 -117.29 199.16 -7.17
CA ASP A 1235 -117.27 197.70 -7.15
C ASP A 1235 -116.65 197.14 -8.43
N LEU A 1236 -116.69 197.92 -9.51
CA LEU A 1236 -116.15 197.46 -10.78
C LEU A 1236 -114.63 197.42 -10.73
N ASN A 1237 -114.02 198.49 -10.23
CA ASN A 1237 -112.58 198.50 -10.09
C ASN A 1237 -112.15 197.60 -8.94
N ASN A 1238 -113.06 197.29 -8.02
CA ASN A 1238 -112.84 196.22 -7.08
C ASN A 1238 -112.77 194.87 -7.78
N THR A 1239 -113.72 194.61 -8.69
CA THR A 1239 -113.82 193.28 -9.28
C THR A 1239 -112.83 193.11 -10.42
N ARG A 1240 -112.65 194.14 -11.25
CA ARG A 1240 -111.75 194.01 -12.39
C ARG A 1240 -110.30 193.90 -11.94
N HIS A 1241 -109.99 194.43 -10.77
CA HIS A 1241 -108.68 194.15 -10.18
C HIS A 1241 -108.59 192.69 -9.75
N ALA A 1242 -109.70 192.13 -9.29
CA ALA A 1242 -109.65 190.78 -8.72
C ALA A 1242 -109.48 189.73 -9.81
N LEU A 1243 -110.07 189.96 -10.98
CA LEU A 1243 -109.94 189.00 -12.07
C LEU A 1243 -108.52 188.98 -12.60
N ASP A 1244 -107.89 190.15 -12.70
CA ASP A 1244 -106.55 190.22 -13.26
C ASP A 1244 -105.52 189.63 -12.31
N GLN A 1245 -105.84 189.58 -11.02
CA GLN A 1245 -105.00 188.83 -10.10
C GLN A 1245 -105.13 187.33 -10.34
N MET A 1246 -106.35 186.85 -10.51
CA MET A 1246 -106.57 185.42 -10.62
C MET A 1246 -106.13 184.91 -11.99
N CYS A 1247 -106.27 185.75 -13.02
CA CYS A 1247 -105.98 185.34 -14.39
C CYS A 1247 -104.50 185.05 -14.58
N ARG A 1248 -103.64 185.82 -13.91
CA ARG A 1248 -102.22 185.48 -13.90
C ARG A 1248 -101.97 184.26 -13.04
N GLU A 1249 -102.79 184.06 -12.02
CA GLU A 1249 -102.55 182.97 -11.08
C GLU A 1249 -102.92 181.63 -11.70
N LYS A 1250 -103.92 181.63 -12.59
CA LYS A 1250 -104.30 180.42 -13.28
C LYS A 1250 -103.15 179.92 -14.16
N ALA A 1251 -102.54 180.83 -14.93
CA ALA A 1251 -101.40 180.45 -15.75
C ALA A 1251 -100.17 180.20 -14.88
N ALA A 1252 -100.17 180.71 -13.65
CA ALA A 1252 -99.10 180.37 -12.73
C ALA A 1252 -99.27 178.97 -12.16
N THR A 1253 -100.47 178.64 -11.69
CA THR A 1253 -100.65 177.35 -11.03
C THR A 1253 -100.74 176.23 -12.03
N GLU A 1254 -101.04 176.54 -13.29
CA GLU A 1254 -100.98 175.51 -14.32
C GLU A 1254 -99.54 175.19 -14.68
N LYS A 1255 -98.63 176.13 -14.43
CA LYS A 1255 -97.22 175.88 -14.72
C LYS A 1255 -96.66 174.86 -13.75
N ILE A 1256 -96.91 175.02 -12.44
CA ILE A 1256 -96.37 174.06 -11.49
C ILE A 1256 -97.20 172.79 -11.49
N ALA A 1257 -98.38 172.83 -12.12
CA ALA A 1257 -99.09 171.60 -12.39
C ALA A 1257 -98.34 170.76 -13.40
N LYS A 1258 -98.00 171.37 -14.55
CA LYS A 1258 -97.31 170.62 -15.60
C LYS A 1258 -95.88 170.28 -15.19
N GLN A 1259 -95.23 171.17 -14.44
CA GLN A 1259 -93.86 170.91 -14.00
C GLN A 1259 -93.82 169.81 -12.96
N LEU A 1260 -94.91 169.62 -12.23
CA LEU A 1260 -95.01 168.43 -11.39
C LEU A 1260 -95.47 167.25 -12.22
N GLN A 1261 -96.24 167.50 -13.28
CA GLN A 1261 -96.77 166.41 -14.09
C GLN A 1261 -95.66 165.74 -14.88
N HIS A 1262 -94.62 166.48 -15.21
CA HIS A 1262 -93.49 165.88 -15.91
C HIS A 1262 -92.74 164.91 -15.00
N GLN A 1263 -92.77 165.16 -13.69
CA GLN A 1263 -92.05 164.29 -12.78
C GLN A 1263 -92.79 162.98 -12.58
N VAL A 1264 -94.12 163.04 -12.47
CA VAL A 1264 -94.89 161.83 -12.19
C VAL A 1264 -94.98 160.96 -13.43
N ASN A 1265 -94.73 161.55 -14.59
CA ASN A 1265 -94.71 160.75 -15.82
C ASN A 1265 -93.42 159.96 -15.95
N GLU A 1266 -92.29 160.59 -15.63
CA GLU A 1266 -91.01 159.95 -15.89
C GLU A 1266 -90.64 158.96 -14.80
N ILE A 1267 -91.07 159.20 -13.56
CA ILE A 1267 -90.48 158.44 -12.46
C ILE A 1267 -91.10 157.06 -12.38
N GLN A 1268 -92.27 156.88 -12.99
CA GLN A 1268 -92.77 155.51 -13.14
C GLN A 1268 -92.02 154.80 -14.25
N GLY A 1269 -91.53 155.56 -15.23
CA GLY A 1269 -90.62 154.99 -16.19
C GLY A 1269 -89.29 154.60 -15.54
N LYS A 1270 -88.90 155.35 -14.51
CA LYS A 1270 -87.78 154.88 -13.70
C LYS A 1270 -88.19 153.65 -12.90
N LEU A 1271 -89.44 153.60 -12.46
CA LEU A 1271 -89.92 152.41 -11.76
C LEU A 1271 -90.04 151.24 -12.71
N ASP A 1272 -90.64 151.45 -13.88
CA ASP A 1272 -90.87 150.35 -14.80
C ASP A 1272 -89.57 149.81 -15.35
N GLU A 1273 -88.55 150.67 -15.47
CA GLU A 1273 -87.22 150.16 -15.80
C GLU A 1273 -86.66 149.39 -14.61
N ALA A 1274 -86.90 149.86 -13.40
CA ALA A 1274 -86.41 149.16 -12.24
C ALA A 1274 -87.22 147.91 -11.97
N ASN A 1275 -88.52 147.95 -12.29
CA ASN A 1275 -89.37 146.79 -12.03
C ASN A 1275 -89.04 145.64 -12.99
N ARG A 1276 -88.45 145.97 -14.14
CA ARG A 1276 -88.02 144.93 -15.06
C ARG A 1276 -86.87 144.13 -14.47
N THR A 1277 -86.03 144.77 -13.66
CA THR A 1277 -84.98 144.05 -12.96
C THR A 1277 -85.59 143.10 -11.93
N LEU A 1278 -86.79 143.43 -11.43
CA LEU A 1278 -87.47 142.55 -10.49
C LEU A 1278 -88.05 141.33 -11.22
N ASN A 1279 -88.12 141.39 -12.54
CA ASN A 1279 -88.65 140.27 -13.29
C ASN A 1279 -87.58 139.24 -13.61
N ASP A 1280 -86.50 139.67 -14.26
CA ASP A 1280 -85.57 138.72 -14.87
C ASP A 1280 -84.69 138.05 -13.83
N PHE A 1281 -84.51 138.69 -12.67
CA PHE A 1281 -83.92 138.01 -11.52
C PHE A 1281 -84.73 136.78 -11.16
N ASP A 1282 -86.06 136.91 -11.14
CA ASP A 1282 -86.91 135.80 -10.75
C ASP A 1282 -86.89 134.70 -11.80
N SER A 1283 -86.78 135.06 -13.08
CA SER A 1283 -86.68 134.04 -14.11
C SER A 1283 -85.29 133.41 -14.11
N ALA A 1284 -84.29 134.15 -13.64
CA ALA A 1284 -82.97 133.55 -13.49
C ALA A 1284 -82.90 132.73 -12.21
N LYS A 1285 -83.68 133.09 -11.20
CA LYS A 1285 -83.62 132.37 -9.94
C LYS A 1285 -84.23 130.98 -10.09
N LYS A 1286 -85.36 130.88 -10.80
CA LYS A 1286 -86.01 129.60 -10.96
C LYS A 1286 -85.16 128.63 -11.79
N LYS A 1287 -84.31 129.17 -12.65
CA LYS A 1287 -83.33 128.34 -13.34
C LYS A 1287 -82.23 127.90 -12.38
N LEU A 1288 -81.81 128.80 -11.49
CA LEU A 1288 -80.75 128.44 -10.55
C LEU A 1288 -81.25 127.49 -9.48
N SER A 1289 -82.56 127.49 -9.24
CA SER A 1289 -83.11 126.49 -8.33
C SER A 1289 -83.15 125.13 -8.98
N ILE A 1290 -83.60 125.07 -10.23
CA ILE A 1290 -83.80 123.78 -10.87
C ILE A 1290 -82.46 123.17 -11.27
N GLU A 1291 -81.44 124.01 -11.44
CA GLU A 1291 -80.10 123.48 -11.62
C GLU A 1291 -79.57 122.93 -10.29
N ASN A 1292 -79.93 123.57 -9.18
CA ASN A 1292 -79.57 123.03 -7.88
C ASN A 1292 -80.31 121.73 -7.61
N SER A 1293 -81.59 121.67 -7.98
CA SER A 1293 -82.36 120.47 -7.73
C SER A 1293 -81.90 119.32 -8.61
N ASP A 1294 -81.37 119.64 -9.79
CA ASP A 1294 -80.94 118.59 -10.72
C ASP A 1294 -79.62 117.99 -10.29
N LEU A 1295 -78.85 118.71 -9.49
CA LEU A 1295 -77.51 118.22 -9.15
C LEU A 1295 -77.44 117.73 -7.72
N LEU A 1296 -78.31 118.23 -6.84
CA LEU A 1296 -78.26 117.81 -5.44
C LEU A 1296 -78.67 116.36 -5.29
N ARG A 1297 -79.56 115.88 -6.15
CA ARG A 1297 -79.86 114.46 -6.17
C ARG A 1297 -78.66 113.67 -6.68
N GLN A 1298 -77.86 114.27 -7.55
CA GLN A 1298 -76.68 113.58 -8.03
C GLN A 1298 -75.60 113.56 -6.97
N LEU A 1299 -75.54 114.62 -6.16
CA LEU A 1299 -74.55 114.66 -5.09
C LEU A 1299 -74.96 113.75 -3.94
N GLU A 1300 -76.25 113.50 -3.80
CA GLU A 1300 -76.71 112.58 -2.75
C GLU A 1300 -76.54 111.14 -3.21
N GLU A 1301 -76.75 110.88 -4.50
CA GLU A 1301 -76.61 109.51 -4.97
C GLU A 1301 -75.14 109.11 -5.06
N ALA A 1302 -74.26 110.10 -5.21
CA ALA A 1302 -72.84 109.79 -5.28
C ALA A 1302 -72.29 109.37 -3.93
N GLU A 1303 -72.67 110.10 -2.86
CA GLU A 1303 -72.15 109.74 -1.55
C GLU A 1303 -72.80 108.46 -1.04
N SER A 1304 -74.02 108.18 -1.51
CA SER A 1304 -74.62 106.88 -1.21
C SER A 1304 -73.93 105.78 -2.01
N GLN A 1305 -73.34 106.14 -3.15
CA GLN A 1305 -72.49 105.18 -3.85
C GLN A 1305 -71.14 105.05 -3.15
N VAL A 1306 -70.69 106.12 -2.50
CA VAL A 1306 -69.43 106.07 -1.75
C VAL A 1306 -69.61 105.24 -0.49
N SER A 1307 -70.69 105.47 0.23
CA SER A 1307 -70.84 104.95 1.60
C SER A 1307 -71.00 103.45 1.61
N GLN A 1308 -71.49 102.86 0.50
CA GLN A 1308 -71.50 101.40 0.41
C GLN A 1308 -70.18 100.88 -0.10
N LEU A 1309 -69.47 101.68 -0.91
CA LEU A 1309 -68.17 101.24 -1.41
C LEU A 1309 -67.12 101.31 -0.32
N SER A 1310 -67.34 102.15 0.68
CA SER A 1310 -66.35 102.35 1.73
C SER A 1310 -66.18 101.11 2.59
N LYS A 1311 -67.21 100.27 2.68
CA LYS A 1311 -67.03 98.98 3.33
C LYS A 1311 -66.23 98.04 2.45
N ILE A 1312 -66.39 98.16 1.14
CA ILE A 1312 -65.80 97.18 0.23
C ILE A 1312 -64.29 97.33 0.21
N LYS A 1313 -63.80 98.57 0.31
CA LYS A 1313 -62.36 98.80 0.41
C LYS A 1313 -61.80 98.21 1.69
N VAL A 1314 -62.53 98.34 2.79
CA VAL A 1314 -62.05 97.82 4.05
C VAL A 1314 -62.19 96.30 4.08
N SER A 1315 -63.20 95.77 3.40
CA SER A 1315 -63.44 94.34 3.45
C SER A 1315 -62.39 93.56 2.67
N LEU A 1316 -61.86 94.17 1.61
CA LEU A 1316 -60.95 93.41 0.76
C LEU A 1316 -59.51 93.52 1.23
N THR A 1317 -59.16 94.64 1.90
CA THR A 1317 -57.77 94.78 2.35
C THR A 1317 -57.48 93.88 3.53
N THR A 1318 -58.52 93.44 4.24
CA THR A 1318 -58.32 92.44 5.27
C THR A 1318 -58.36 91.04 4.65
N GLN A 1319 -59.23 90.85 3.67
CA GLN A 1319 -59.36 89.54 3.04
C GLN A 1319 -58.12 89.20 2.24
N LEU A 1320 -57.44 90.20 1.71
CA LEU A 1320 -56.21 89.94 0.97
C LEU A 1320 -55.11 89.46 1.90
N GLU A 1321 -54.88 90.19 3.00
CA GLU A 1321 -53.74 89.88 3.86
C GLU A 1321 -53.96 88.58 4.62
N ASP A 1322 -55.22 88.18 4.80
CA ASP A 1322 -55.50 86.87 5.38
C ASP A 1322 -55.05 85.76 4.44
N THR A 1323 -55.31 85.92 3.14
CA THR A 1323 -54.81 84.96 2.18
C THR A 1323 -53.34 85.18 1.90
N LYS A 1324 -52.86 86.41 2.09
CA LYS A 1324 -51.45 86.68 1.82
C LYS A 1324 -50.56 86.07 2.89
N ARG A 1325 -50.99 86.16 4.15
CA ARG A 1325 -50.22 85.58 5.23
C ARG A 1325 -50.32 84.06 5.18
N LEU A 1326 -51.39 83.55 4.57
CA LEU A 1326 -51.46 82.13 4.25
C LEU A 1326 -50.38 81.77 3.24
N ALA A 1327 -50.21 82.60 2.21
CA ALA A 1327 -49.15 82.36 1.25
C ALA A 1327 -47.79 82.71 1.83
N ASP A 1328 -47.76 83.60 2.83
CA ASP A 1328 -46.49 83.97 3.44
C ASP A 1328 -45.99 82.85 4.34
N GLU A 1329 -46.86 82.31 5.19
CA GLU A 1329 -46.46 81.25 6.11
C GLU A 1329 -46.18 79.95 5.35
N GLU A 1330 -46.89 79.73 4.24
CA GLU A 1330 -46.65 78.53 3.45
C GLU A 1330 -45.30 78.61 2.75
N ALA A 1331 -44.91 79.80 2.29
CA ALA A 1331 -43.59 79.97 1.71
C ALA A 1331 -42.51 79.82 2.78
N ARG A 1332 -42.83 80.13 4.03
CA ARG A 1332 -41.90 79.83 5.11
C ARG A 1332 -41.92 78.35 5.45
N GLU A 1333 -42.98 77.64 5.06
CA GLU A 1333 -43.06 76.21 5.37
C GLU A 1333 -42.30 75.38 4.34
N ARG A 1334 -42.52 75.67 3.05
CA ARG A 1334 -42.04 74.80 1.98
C ARG A 1334 -40.52 74.81 1.87
N ALA A 1335 -39.84 75.82 2.41
CA ALA A 1335 -38.39 75.79 2.44
C ALA A 1335 -37.88 74.75 3.42
N THR A 1336 -38.57 74.60 4.55
CA THR A 1336 -38.10 73.68 5.57
C THR A 1336 -38.42 72.24 5.21
N LEU A 1337 -39.59 72.01 4.62
CA LEU A 1337 -39.98 70.65 4.31
C LEU A 1337 -39.20 70.13 3.11
N LEU A 1338 -39.03 70.95 2.07
CA LEU A 1338 -38.18 70.54 0.97
C LEU A 1338 -36.73 70.53 1.40
N GLY A 1339 -36.38 71.37 2.36
CA GLY A 1339 -35.08 71.24 3.00
C GLY A 1339 -34.94 69.94 3.76
N LYS A 1340 -36.05 69.43 4.29
CA LYS A 1340 -36.01 68.13 4.93
C LYS A 1340 -36.09 67.01 3.90
N PHE A 1341 -36.32 67.36 2.64
CA PHE A 1341 -36.37 66.34 1.59
C PHE A 1341 -35.01 66.16 0.96
N ARG A 1342 -34.34 67.27 0.62
CA ARG A 1342 -33.17 67.20 -0.24
C ARG A 1342 -31.99 66.58 0.47
N ASN A 1343 -31.97 66.64 1.80
CA ASN A 1343 -30.97 65.88 2.54
C ASN A 1343 -31.41 64.43 2.71
N LEU A 1344 -32.71 64.21 2.89
CA LEU A 1344 -33.16 62.86 3.19
C LEU A 1344 -33.15 61.97 1.95
N GLU A 1345 -33.25 62.57 0.77
CA GLU A 1345 -33.08 61.74 -0.42
C GLU A 1345 -31.62 61.39 -0.61
N HIS A 1346 -30.73 62.22 -0.08
CA HIS A 1346 -29.31 61.98 -0.27
C HIS A 1346 -28.83 60.80 0.54
N ASP A 1347 -29.03 60.83 1.86
CA ASP A 1347 -28.45 59.79 2.71
C ASP A 1347 -29.19 58.47 2.56
N LEU A 1348 -30.45 58.52 2.16
CA LEU A 1348 -31.14 57.28 1.81
C LEU A 1348 -30.57 56.71 0.52
N ASP A 1349 -30.11 57.58 -0.38
CA ASP A 1349 -29.42 57.07 -1.54
C ASP A 1349 -28.02 56.60 -1.19
N ASN A 1350 -27.40 57.21 -0.16
CA ASN A 1350 -26.05 56.82 0.23
C ASN A 1350 -26.04 55.43 0.87
N ILE A 1351 -27.10 55.09 1.61
CA ILE A 1351 -27.10 53.79 2.25
C ILE A 1351 -27.61 52.71 1.30
N ARG A 1352 -27.91 53.08 0.06
CA ARG A 1352 -28.15 52.06 -0.96
C ARG A 1352 -26.86 51.31 -1.28
N GLU A 1353 -25.78 52.04 -1.52
CA GLU A 1353 -24.51 51.35 -1.76
C GLU A 1353 -23.98 50.72 -0.49
N GLN A 1354 -24.30 51.28 0.68
CA GLN A 1354 -23.90 50.65 1.93
C GLN A 1354 -24.63 49.34 2.14
N LEU A 1355 -25.82 49.21 1.54
CA LEU A 1355 -26.42 47.89 1.43
C LEU A 1355 -25.67 47.04 0.43
N GLU A 1356 -25.61 47.48 -0.83
CA GLU A 1356 -25.34 46.54 -1.91
C GLU A 1356 -23.86 46.19 -2.01
N GLU A 1357 -22.98 47.15 -1.71
CA GLU A 1357 -21.55 46.85 -1.79
C GLU A 1357 -21.14 45.93 -0.64
N GLU A 1358 -21.76 46.09 0.52
CA GLU A 1358 -21.59 45.11 1.57
C GLU A 1358 -22.31 43.82 1.20
N ALA A 1359 -23.42 43.92 0.48
CA ALA A 1359 -24.09 42.73 -0.02
C ALA A 1359 -23.24 42.08 -1.11
N GLU A 1360 -22.53 42.88 -1.90
CA GLU A 1360 -21.52 42.32 -2.79
C GLU A 1360 -20.36 41.75 -1.99
N GLY A 1361 -20.03 42.40 -0.88
CA GLY A 1361 -18.98 41.89 -0.01
C GLY A 1361 -19.37 40.58 0.65
N LYS A 1362 -20.61 40.50 1.14
CA LYS A 1362 -21.08 39.27 1.76
C LYS A 1362 -21.25 38.16 0.73
N ALA A 1363 -21.64 38.51 -0.50
CA ALA A 1363 -21.77 37.51 -1.53
C ALA A 1363 -20.40 37.03 -2.01
N ASP A 1364 -19.39 37.88 -1.90
CA ASP A 1364 -18.07 37.44 -2.29
C ASP A 1364 -17.24 37.01 -1.10
N ILE A 1365 -16.88 37.96 -0.23
CA ILE A 1365 -15.75 37.77 0.68
C ILE A 1365 -16.14 36.84 1.81
N GLN A 1366 -17.43 36.73 2.08
CA GLN A 1366 -17.86 35.75 3.06
C GLN A 1366 -18.31 34.46 2.38
N ARG A 1367 -18.90 34.56 1.20
CA ARG A 1367 -19.53 33.36 0.63
C ARG A 1367 -18.55 32.55 -0.20
N GLN A 1368 -17.89 33.18 -1.18
CA GLN A 1368 -17.06 32.38 -2.07
C GLN A 1368 -15.76 31.98 -1.39
N LEU A 1369 -15.31 32.76 -0.40
CA LEU A 1369 -14.12 32.39 0.34
C LEU A 1369 -14.41 31.23 1.28
N SER A 1370 -15.68 31.06 1.66
CA SER A 1370 -16.05 29.88 2.41
C SER A 1370 -16.00 28.64 1.55
N LYS A 1371 -16.49 28.73 0.31
CA LYS A 1371 -16.61 27.54 -0.50
C LYS A 1371 -15.26 27.08 -1.03
N ALA A 1372 -14.29 27.99 -1.11
CA ALA A 1372 -12.93 27.59 -1.41
C ALA A 1372 -12.28 26.90 -0.22
N ASN A 1373 -13.06 26.78 0.86
CA ASN A 1373 -12.65 26.00 2.04
C ASN A 1373 -13.31 24.60 2.06
N ALA A 1374 -14.43 24.47 1.35
CA ALA A 1374 -15.08 23.17 1.30
C ALA A 1374 -14.07 22.17 0.70
N GLU A 1375 -13.20 22.71 -0.15
CA GLU A 1375 -12.18 21.91 -0.82
C GLU A 1375 -11.22 21.28 0.18
N ALA A 1376 -10.83 22.04 1.20
CA ALA A 1376 -9.91 21.53 2.21
C ALA A 1376 -10.53 20.34 2.95
N GLN A 1377 -11.82 20.47 3.28
CA GLN A 1377 -12.52 19.39 3.98
C GLN A 1377 -12.59 18.15 3.10
N LEU A 1378 -12.82 18.35 1.81
CA LEU A 1378 -12.90 17.25 0.86
C LEU A 1378 -11.55 16.55 0.78
N TRP A 1379 -10.48 17.34 0.77
CA TRP A 1379 -9.12 16.79 0.73
C TRP A 1379 -8.86 15.96 1.98
N ARG A 1380 -9.30 16.47 3.13
CA ARG A 1380 -9.12 15.76 4.38
C ARG A 1380 -9.86 14.42 4.34
N THR A 1381 -11.08 14.43 3.81
CA THR A 1381 -11.85 13.19 3.72
C THR A 1381 -11.15 12.20 2.79
N LYS A 1382 -10.61 12.71 1.68
CA LYS A 1382 -9.91 11.88 0.71
C LYS A 1382 -8.68 11.25 1.33
N TYR A 1383 -7.96 12.01 2.13
CA TYR A 1383 -6.75 11.51 2.79
C TYR A 1383 -7.13 10.40 3.71
N GLU A 1384 -8.11 10.59 4.59
CA GLU A 1384 -8.34 9.49 5.51
C GLU A 1384 -8.91 8.28 4.83
N SER A 1385 -9.90 8.55 4.00
CA SER A 1385 -10.63 7.48 3.37
C SER A 1385 -9.77 6.59 2.49
N GLU A 1386 -8.76 7.12 1.81
CA GLU A 1386 -8.04 6.18 0.97
C GLU A 1386 -6.70 5.87 1.56
N GLY A 1387 -6.16 6.87 2.22
CA GLY A 1387 -4.84 6.76 2.76
C GLY A 1387 -4.68 5.86 3.93
N VAL A 1388 -5.66 5.93 4.81
CA VAL A 1388 -5.45 5.23 6.07
C VAL A 1388 -5.94 3.80 5.96
N ALA A 1389 -6.86 3.55 5.02
CA ALA A 1389 -7.21 2.16 4.69
C ALA A 1389 -6.01 1.41 4.15
N ARG A 1390 -5.17 2.07 3.37
CA ARG A 1390 -3.87 1.52 3.07
C ARG A 1390 -2.98 1.46 4.30
N ALA A 1391 -3.06 2.48 5.15
CA ALA A 1391 -2.16 2.55 6.30
C ALA A 1391 -2.58 1.58 7.40
N GLU A 1392 -3.79 1.04 7.32
CA GLU A 1392 -4.08 -0.10 8.18
C GLU A 1392 -3.74 -1.40 7.45
N GLU A 1393 -3.91 -1.43 6.14
CA GLU A 1393 -3.65 -2.66 5.40
C GLU A 1393 -2.16 -2.93 5.30
N LEU A 1394 -1.37 -1.89 5.06
CA LEU A 1394 0.07 -2.09 5.02
C LEU A 1394 0.62 -2.27 6.42
N GLU A 1395 -0.11 -1.84 7.44
CA GLU A 1395 0.26 -2.20 8.79
C GLU A 1395 0.02 -3.68 9.04
N GLU A 1396 -1.16 -4.18 8.67
CA GLU A 1396 -1.47 -5.57 8.98
C GLU A 1396 -0.73 -6.51 8.05
N ALA A 1397 -0.30 -6.01 6.88
CA ALA A 1397 0.59 -6.81 6.04
C ALA A 1397 1.96 -6.96 6.69
N LYS A 1398 2.37 -5.98 7.50
CA LYS A 1398 3.68 -6.05 8.12
C LYS A 1398 3.73 -7.09 9.22
N ARG A 1399 2.73 -7.09 10.10
CA ARG A 1399 2.77 -7.93 11.29
C ARG A 1399 2.69 -9.41 10.94
N LYS A 1400 2.02 -9.73 9.83
CA LYS A 1400 2.11 -11.10 9.34
C LYS A 1400 3.48 -11.37 8.77
N LEU A 1401 4.04 -10.39 8.06
CA LEU A 1401 5.36 -10.58 7.46
C LEU A 1401 6.44 -10.52 8.52
N GLN A 1402 6.21 -9.76 9.58
CA GLN A 1402 7.17 -9.72 10.66
C GLN A 1402 7.17 -11.02 11.42
N ALA A 1403 6.03 -11.71 11.45
CA ALA A 1403 5.93 -12.96 12.18
C ALA A 1403 6.69 -14.07 11.47
N ARG A 1404 6.88 -13.91 10.16
CA ARG A 1404 7.61 -14.92 9.40
C ARG A 1404 9.06 -14.92 9.81
N LEU A 1405 9.60 -13.75 10.13
CA LEU A 1405 10.93 -13.67 10.72
C LEU A 1405 10.95 -14.35 12.08
N ALA A 1406 9.87 -14.17 12.84
CA ALA A 1406 9.80 -14.73 14.18
C ALA A 1406 9.73 -16.25 14.15
N GLU A 1407 9.19 -16.81 13.08
CA GLU A 1407 9.27 -18.26 12.91
C GLU A 1407 10.51 -18.64 12.10
N ALA A 1408 11.18 -17.66 11.51
CA ALA A 1408 12.43 -17.98 10.85
C ALA A 1408 13.55 -18.11 11.85
N GLU A 1409 13.71 -17.11 12.73
CA GLU A 1409 14.95 -16.96 13.48
C GLU A 1409 15.11 -18.04 14.53
N GLU A 1410 14.02 -18.71 14.90
CA GLU A 1410 14.16 -19.90 15.72
C GLU A 1410 14.65 -21.07 14.88
N THR A 1411 14.13 -21.23 13.67
CA THR A 1411 14.42 -22.42 12.88
C THR A 1411 15.86 -22.42 12.38
N ILE A 1412 16.38 -21.26 12.03
CA ILE A 1412 17.80 -21.17 11.74
C ILE A 1412 18.62 -21.47 12.99
N GLU A 1413 18.15 -20.99 14.15
CA GLU A 1413 18.81 -21.31 15.40
C GLU A 1413 18.58 -22.76 15.77
N SER A 1414 17.43 -23.33 15.39
CA SER A 1414 17.15 -24.72 15.72
C SER A 1414 18.06 -25.66 14.92
N LEU A 1415 18.35 -25.30 13.68
CA LEU A 1415 19.25 -26.14 12.91
C LEU A 1415 20.70 -25.85 13.28
N ASN A 1416 20.96 -24.69 13.88
CA ASN A 1416 22.34 -24.27 14.16
C ASN A 1416 22.97 -25.17 15.19
N GLN A 1417 22.23 -25.53 16.24
CA GLN A 1417 22.72 -26.54 17.15
C GLN A 1417 22.70 -27.91 16.48
N LYS A 1418 21.78 -28.13 15.56
CA LYS A 1418 21.66 -29.44 14.91
C LYS A 1418 22.79 -29.66 13.92
N VAL A 1419 23.28 -28.59 13.31
CA VAL A 1419 24.40 -28.76 12.39
C VAL A 1419 25.70 -28.85 13.16
N ILE A 1420 25.87 -28.01 14.19
CA ILE A 1420 27.16 -27.91 14.87
C ILE A 1420 27.45 -29.16 15.68
N ALA A 1421 26.40 -29.91 16.02
CA ALA A 1421 26.63 -31.21 16.65
C ALA A 1421 27.14 -32.20 15.63
N LEU A 1422 26.58 -32.17 14.43
CA LEU A 1422 26.89 -33.21 13.46
C LEU A 1422 28.27 -33.03 12.87
N GLU A 1423 28.74 -31.79 12.76
CA GLU A 1423 30.08 -31.60 12.24
C GLU A 1423 31.11 -31.94 13.31
N LYS A 1424 30.73 -31.80 14.57
CA LYS A 1424 31.60 -32.26 15.64
C LYS A 1424 31.60 -33.78 15.72
N THR A 1425 30.53 -34.40 15.21
CA THR A 1425 30.53 -35.86 15.06
C THR A 1425 31.45 -36.27 13.93
N LYS A 1426 31.68 -35.38 12.96
CA LYS A 1426 32.58 -35.70 11.88
C LYS A 1426 34.04 -35.71 12.35
N GLN A 1427 34.49 -34.62 12.96
CA GLN A 1427 35.92 -34.42 13.13
C GLN A 1427 36.49 -35.30 14.24
N ARG A 1428 35.62 -35.90 15.06
CA ARG A 1428 36.08 -37.01 15.88
C ARG A 1428 36.27 -38.26 15.04
N LEU A 1429 35.29 -38.57 14.19
CA LEU A 1429 35.41 -39.77 13.37
C LEU A 1429 36.29 -39.51 12.16
N ALA A 1430 36.58 -38.25 11.86
CA ALA A 1430 37.51 -37.97 10.78
C ALA A 1430 38.93 -38.34 11.18
N THR A 1431 39.37 -37.90 12.37
CA THR A 1431 40.75 -38.14 12.77
C THR A 1431 40.97 -39.59 13.16
N GLU A 1432 39.89 -40.34 13.37
CA GLU A 1432 40.03 -41.76 13.64
C GLU A 1432 40.46 -42.51 12.39
N VAL A 1433 39.86 -42.19 11.25
CA VAL A 1433 40.10 -42.95 10.04
C VAL A 1433 41.45 -42.57 9.43
N GLU A 1434 42.02 -41.46 9.86
CA GLU A 1434 43.44 -41.26 9.62
C GLU A 1434 44.27 -42.07 10.61
N ASP A 1435 43.78 -42.20 11.85
CA ASP A 1435 44.60 -42.84 12.89
C ASP A 1435 44.63 -44.35 12.70
N LEU A 1436 43.49 -44.95 12.38
CA LEU A 1436 43.47 -46.40 12.20
C LEU A 1436 44.11 -46.79 10.88
N GLN A 1437 44.21 -45.84 9.95
CA GLN A 1437 44.88 -46.11 8.68
C GLN A 1437 46.35 -46.42 8.89
N LEU A 1438 46.98 -45.74 9.85
CA LEU A 1438 48.36 -46.05 10.20
C LEU A 1438 48.45 -47.38 10.94
N GLU A 1439 47.33 -47.82 11.53
CA GLU A 1439 47.32 -49.13 12.14
C GLU A 1439 47.04 -50.22 11.11
N VAL A 1440 46.67 -49.84 9.90
CA VAL A 1440 46.46 -50.85 8.86
C VAL A 1440 47.80 -51.38 8.38
N ASP A 1441 48.68 -50.49 7.91
CA ASP A 1441 49.95 -50.94 7.34
C ASP A 1441 50.92 -51.37 8.43
N ARG A 1442 50.63 -51.01 9.69
CA ARG A 1442 51.42 -51.55 10.79
C ARG A 1442 51.01 -52.98 11.10
N ALA A 1443 49.71 -53.26 11.06
CA ALA A 1443 49.27 -54.61 11.37
C ALA A 1443 49.48 -55.54 10.18
N THR A 1444 49.12 -55.10 8.97
CA THR A 1444 49.19 -55.96 7.81
C THR A 1444 50.63 -56.24 7.39
N ALA A 1445 51.58 -55.47 7.92
CA ALA A 1445 52.97 -55.88 7.84
C ALA A 1445 53.20 -57.15 8.66
N ILE A 1446 52.91 -57.07 9.97
CA ILE A 1446 53.27 -58.15 10.90
C ILE A 1446 52.45 -59.40 10.59
N ALA A 1447 51.18 -59.21 10.23
CA ALA A 1447 50.28 -60.34 9.97
C ALA A 1447 50.75 -61.16 8.78
N ASN A 1448 51.18 -60.50 7.72
CA ASN A 1448 51.74 -61.24 6.61
C ASN A 1448 53.17 -61.68 6.91
N ALA A 1449 53.83 -60.99 7.84
CA ALA A 1449 55.17 -61.42 8.22
C ALA A 1449 55.11 -62.61 9.14
N ALA A 1450 54.04 -62.72 9.93
CA ALA A 1450 53.97 -63.79 10.90
C ALA A 1450 53.70 -65.13 10.24
N GLU A 1451 52.77 -65.15 9.27
CA GLU A 1451 52.39 -66.41 8.65
C GLU A 1451 53.52 -66.95 7.78
N LYS A 1452 54.31 -66.05 7.21
CA LYS A 1452 55.44 -66.46 6.38
C LYS A 1452 56.47 -67.23 7.18
N LYS A 1453 56.63 -66.88 8.46
CA LYS A 1453 57.37 -67.75 9.35
C LYS A 1453 56.52 -68.95 9.77
N ALA A 1454 55.24 -68.72 10.01
CA ALA A 1454 54.41 -69.75 10.60
C ALA A 1454 54.13 -70.87 9.61
N LYS A 1455 54.00 -70.52 8.34
CA LYS A 1455 53.79 -71.57 7.34
C LYS A 1455 55.08 -72.31 7.07
N ALA A 1456 56.21 -71.70 7.40
CA ALA A 1456 57.49 -72.35 7.16
C ALA A 1456 57.70 -73.49 8.13
N ILE A 1457 57.50 -73.24 9.43
CA ILE A 1457 57.75 -74.29 10.40
C ILE A 1457 56.65 -75.32 10.35
N ASP A 1458 55.53 -75.00 9.71
CA ASP A 1458 54.52 -76.01 9.44
C ASP A 1458 55.05 -77.07 8.49
N LYS A 1459 55.90 -76.67 7.55
CA LYS A 1459 56.41 -77.64 6.59
C LYS A 1459 57.78 -78.14 7.01
N ILE A 1460 58.50 -77.38 7.83
CA ILE A 1460 59.88 -77.75 8.12
C ILE A 1460 59.91 -78.90 9.11
N ILE A 1461 58.82 -79.09 9.86
CA ILE A 1461 58.74 -80.31 10.63
C ILE A 1461 58.44 -81.49 9.70
N GLY A 1462 57.70 -81.22 8.63
CA GLY A 1462 57.43 -82.27 7.66
C GLY A 1462 58.66 -82.64 6.88
N GLU A 1463 59.59 -81.69 6.76
CA GLU A 1463 60.89 -82.00 6.15
C GLU A 1463 61.67 -82.94 7.05
N TRP A 1464 61.37 -82.95 8.35
CA TRP A 1464 61.85 -84.06 9.16
C TRP A 1464 60.89 -85.24 9.10
N LYS A 1465 59.58 -84.97 9.05
CA LYS A 1465 58.64 -86.09 9.21
C LYS A 1465 58.47 -86.91 7.95
N LEU A 1466 59.25 -86.61 6.91
CA LEU A 1466 59.57 -87.64 5.95
C LEU A 1466 60.90 -88.29 6.29
N LYS A 1467 61.84 -87.47 6.80
CA LYS A 1467 63.25 -87.87 6.88
C LYS A 1467 63.47 -88.96 7.90
N VAL A 1468 62.68 -88.97 8.97
CA VAL A 1468 62.77 -90.09 9.89
C VAL A 1468 62.18 -91.34 9.25
N ASP A 1469 60.99 -91.20 8.65
CA ASP A 1469 60.33 -92.36 8.07
C ASP A 1469 61.02 -92.82 6.79
N ASP A 1470 61.74 -91.92 6.12
CA ASP A 1470 62.60 -92.35 5.03
C ASP A 1470 63.78 -93.13 5.56
N LEU A 1471 64.43 -92.62 6.61
CA LEU A 1471 65.58 -93.31 7.16
C LEU A 1471 65.16 -94.57 7.88
N ALA A 1472 63.96 -94.58 8.45
CA ALA A 1472 63.44 -95.82 9.03
C ALA A 1472 63.15 -96.84 7.95
N ALA A 1473 62.57 -96.41 6.83
CA ALA A 1473 62.31 -97.35 5.75
C ALA A 1473 63.59 -97.73 5.05
N GLU A 1474 64.62 -96.88 5.13
CA GLU A 1474 65.90 -97.28 4.60
C GLU A 1474 66.61 -98.26 5.52
N LEU A 1475 66.49 -98.06 6.84
CA LEU A 1475 67.26 -98.86 7.78
C LEU A 1475 66.81 -100.30 7.80
N ASP A 1476 65.52 -100.54 8.05
CA ASP A 1476 65.01 -101.90 8.20
C ASP A 1476 65.11 -102.67 6.90
N ALA A 1477 65.05 -101.95 5.78
CA ALA A 1477 65.34 -102.60 4.50
C ALA A 1477 66.82 -102.94 4.40
N SER A 1478 67.70 -102.03 4.83
CA SER A 1478 69.12 -102.29 4.69
C SER A 1478 69.59 -103.27 5.75
N GLN A 1479 68.94 -103.29 6.90
CA GLN A 1479 69.33 -104.25 7.92
C GLN A 1479 68.84 -105.64 7.57
N LYS A 1480 67.82 -105.72 6.73
CA LYS A 1480 67.29 -107.02 6.33
C LYS A 1480 68.29 -107.79 5.50
N GLU A 1481 68.90 -107.13 4.52
CA GLU A 1481 69.97 -107.75 3.76
C GLU A 1481 71.22 -107.91 4.61
N CYS A 1482 71.34 -107.13 5.68
CA CYS A 1482 72.46 -107.26 6.57
C CYS A 1482 72.36 -108.55 7.36
N ARG A 1483 71.15 -109.04 7.57
CA ARG A 1483 70.98 -110.28 8.29
C ARG A 1483 71.07 -111.47 7.35
N ASN A 1484 70.50 -111.33 6.15
CA ASN A 1484 70.35 -112.48 5.28
C ASN A 1484 71.69 -112.90 4.70
N TYR A 1485 72.65 -111.98 4.67
CA TYR A 1485 74.03 -112.43 4.53
C TYR A 1485 74.44 -113.24 5.74
N SER A 1486 74.17 -112.71 6.94
CA SER A 1486 74.81 -113.22 8.15
C SER A 1486 74.36 -114.61 8.51
N THR A 1487 73.21 -115.03 7.98
CA THR A 1487 72.86 -116.43 8.07
C THR A 1487 73.83 -117.27 7.25
N GLU A 1488 74.18 -116.79 6.07
CA GLU A 1488 74.94 -117.61 5.15
C GLU A 1488 76.40 -117.69 5.55
N LEU A 1489 76.83 -116.83 6.44
CA LEU A 1489 78.14 -117.02 7.04
C LEU A 1489 78.15 -118.28 7.88
N PHE A 1490 77.05 -118.55 8.57
CA PHE A 1490 77.04 -119.64 9.53
C PHE A 1490 77.00 -120.98 8.82
N ARG A 1491 76.10 -121.12 7.86
CA ARG A 1491 75.94 -122.42 7.22
C ARG A 1491 77.07 -122.70 6.26
N LEU A 1492 77.82 -121.68 5.86
CA LEU A 1492 79.05 -121.96 5.15
C LEU A 1492 80.14 -122.38 6.12
N LYS A 1493 80.06 -121.92 7.37
CA LYS A 1493 81.07 -122.33 8.33
C LYS A 1493 80.85 -123.76 8.76
N GLY A 1494 79.61 -124.25 8.66
CA GLY A 1494 79.30 -125.59 9.10
C GLY A 1494 79.95 -126.65 8.24
N ALA A 1495 80.20 -126.34 6.97
CA ALA A 1495 81.02 -127.22 6.16
C ALA A 1495 82.47 -127.11 6.54
N TYR A 1496 82.95 -125.87 6.73
CA TYR A 1496 84.35 -125.64 7.02
C TYR A 1496 84.72 -126.18 8.39
N GLU A 1497 83.79 -126.13 9.34
CA GLU A 1497 84.03 -126.78 10.63
C GLU A 1497 84.10 -128.29 10.47
N GLU A 1498 83.36 -128.83 9.51
CA GLU A 1498 83.50 -130.24 9.20
C GLU A 1498 84.76 -130.50 8.42
N ALA A 1499 85.06 -129.64 7.44
CA ALA A 1499 86.15 -129.89 6.53
C ALA A 1499 87.51 -129.77 7.21
N GLN A 1500 87.68 -128.75 8.05
CA GLN A 1500 88.95 -128.57 8.73
C GLN A 1500 89.17 -129.66 9.76
N GLU A 1501 88.09 -130.27 10.25
CA GLU A 1501 88.23 -131.50 11.02
C GLU A 1501 88.49 -132.67 10.10
N GLN A 1502 87.88 -132.68 8.92
CA GLN A 1502 88.05 -133.81 8.02
C GLN A 1502 89.44 -133.83 7.42
N LEU A 1503 89.90 -132.69 6.91
CA LEU A 1503 91.18 -132.64 6.24
C LEU A 1503 92.32 -132.84 7.22
N GLU A 1504 92.12 -132.47 8.48
CA GLU A 1504 93.12 -132.76 9.49
C GLU A 1504 93.15 -134.25 9.78
N ALA A 1505 91.97 -134.89 9.82
CA ALA A 1505 91.91 -136.29 10.19
C ALA A 1505 92.40 -137.18 9.06
N VAL A 1506 92.15 -136.79 7.82
CA VAL A 1506 92.60 -137.58 6.70
C VAL A 1506 94.11 -137.45 6.53
N ARG A 1507 94.64 -136.23 6.77
CA ARG A 1507 96.08 -136.04 6.68
C ARG A 1507 96.81 -136.75 7.81
N ARG A 1508 96.12 -136.98 8.92
CA ARG A 1508 96.65 -137.86 9.95
C ARG A 1508 96.81 -139.28 9.42
N GLU A 1509 95.84 -139.75 8.63
CA GLU A 1509 95.90 -141.10 8.11
C GLU A 1509 96.90 -141.22 6.97
N ASN A 1510 97.27 -140.09 6.37
CA ASN A 1510 98.38 -140.09 5.41
C ASN A 1510 99.67 -140.49 6.09
N LYS A 1511 100.06 -139.73 7.11
CA LYS A 1511 101.32 -139.99 7.81
C LYS A 1511 101.21 -141.23 8.68
N ASN A 1512 99.99 -141.71 8.92
CA ASN A 1512 99.84 -143.01 9.57
C ASN A 1512 100.22 -144.13 8.61
N LEU A 1513 100.06 -143.90 7.31
CA LEU A 1513 100.43 -144.93 6.35
C LEU A 1513 101.78 -144.64 5.73
N ALA A 1514 102.21 -143.39 5.77
CA ALA A 1514 103.45 -143.00 5.08
C ALA A 1514 104.68 -143.57 5.78
N ASP A 1515 104.64 -143.67 7.10
CA ASP A 1515 105.76 -144.30 7.82
C ASP A 1515 105.77 -145.80 7.57
N GLU A 1516 104.60 -146.39 7.38
CA GLU A 1516 104.53 -147.81 7.07
C GLU A 1516 105.08 -148.09 5.68
N VAL A 1517 105.02 -147.10 4.79
CA VAL A 1517 105.73 -147.21 3.52
C VAL A 1517 107.22 -147.30 3.78
N LYS A 1518 107.70 -146.53 4.75
CA LYS A 1518 109.11 -146.67 5.14
C LYS A 1518 109.33 -147.94 5.95
N ASP A 1519 108.36 -148.32 6.79
CA ASP A 1519 108.57 -149.47 7.67
C ASP A 1519 108.58 -150.77 6.90
N LEU A 1520 107.79 -150.87 5.83
CA LEU A 1520 107.93 -152.01 4.94
C LEU A 1520 109.21 -151.89 4.13
N LEU A 1521 109.65 -150.66 3.86
CA LEU A 1521 110.89 -150.47 3.10
C LEU A 1521 112.09 -150.87 3.94
N ASP A 1522 112.02 -150.67 5.26
CA ASP A 1522 113.05 -151.23 6.12
C ASP A 1522 112.95 -152.74 6.20
N GLN A 1523 111.73 -153.27 6.07
CA GLN A 1523 111.53 -154.70 6.21
C GLN A 1523 112.11 -155.46 5.02
N ILE A 1524 111.81 -155.00 3.80
CA ILE A 1524 112.32 -155.66 2.60
C ILE A 1524 113.81 -155.44 2.47
N GLY A 1525 114.32 -154.32 2.99
CA GLY A 1525 115.75 -154.08 2.95
C GLY A 1525 116.50 -154.96 3.95
N GLU A 1526 115.86 -155.23 5.09
CA GLU A 1526 116.49 -156.09 6.09
C GLU A 1526 116.55 -157.53 5.57
N GLY A 1527 115.54 -157.93 4.80
CA GLY A 1527 115.67 -159.17 4.05
C GLY A 1527 116.70 -159.05 2.95
N GLY A 1528 116.80 -157.85 2.35
CA GLY A 1528 117.71 -157.65 1.23
C GLY A 1528 119.16 -157.77 1.63
N ARG A 1529 119.46 -157.48 2.90
CA ARG A 1529 120.76 -157.84 3.44
C ARG A 1529 120.77 -159.32 3.81
N ASN A 1530 119.63 -159.84 4.27
CA ASN A 1530 119.60 -161.20 4.77
C ASN A 1530 119.64 -162.22 3.64
N ILE A 1531 118.95 -161.94 2.53
CA ILE A 1531 118.87 -162.92 1.45
C ILE A 1531 120.18 -162.96 0.67
N HIS A 1532 120.97 -161.88 0.74
CA HIS A 1532 122.17 -161.84 -0.07
C HIS A 1532 123.38 -162.30 0.73
N GLU A 1533 123.32 -162.22 2.06
CA GLU A 1533 124.46 -162.62 2.87
C GLU A 1533 124.49 -164.12 3.05
N ILE A 1534 123.33 -164.74 3.16
CA ILE A 1534 123.30 -166.19 3.39
C ILE A 1534 123.55 -166.93 2.08
N GLU A 1535 123.25 -166.29 0.95
CA GLU A 1535 123.54 -166.91 -0.34
C GLU A 1535 125.03 -166.87 -0.60
N LYS A 1536 125.73 -165.88 -0.04
CA LYS A 1536 127.18 -165.86 -0.09
C LYS A 1536 127.76 -167.03 0.71
N GLN A 1537 127.07 -167.44 1.77
CA GLN A 1537 127.50 -168.61 2.52
C GLN A 1537 127.29 -169.88 1.71
N LYS A 1538 126.24 -169.92 0.89
CA LYS A 1538 125.96 -171.11 0.09
C LYS A 1538 127.02 -171.34 -0.96
N LYS A 1539 127.40 -170.28 -1.67
CA LYS A 1539 128.48 -170.39 -2.65
C LYS A 1539 129.81 -170.65 -1.97
N ARG A 1540 129.96 -170.21 -0.71
CA ARG A 1540 131.16 -170.50 0.05
C ARG A 1540 131.22 -171.97 0.43
N LEU A 1541 130.10 -172.53 0.86
CA LEU A 1541 130.07 -173.93 1.27
C LEU A 1541 130.15 -174.83 0.05
N GLU A 1542 129.63 -174.39 -1.09
CA GLU A 1542 129.57 -175.26 -2.27
C GLU A 1542 130.94 -175.46 -2.87
N VAL A 1543 131.78 -174.42 -2.87
CA VAL A 1543 133.09 -174.56 -3.49
C VAL A 1543 134.00 -175.39 -2.59
N GLU A 1544 133.85 -175.28 -1.27
CA GLU A 1544 134.68 -176.08 -0.39
C GLU A 1544 134.15 -177.51 -0.30
N LYS A 1545 132.90 -177.72 -0.71
CA LYS A 1545 132.38 -179.07 -0.79
C LYS A 1545 133.10 -179.88 -1.86
N ASP A 1546 133.06 -179.37 -3.10
CA ASP A 1546 133.55 -180.17 -4.21
C ASP A 1546 135.06 -180.28 -4.20
N GLU A 1547 135.75 -179.26 -3.70
CA GLU A 1547 137.21 -179.34 -3.63
C GLU A 1547 137.65 -180.33 -2.56
N LEU A 1548 136.87 -180.44 -1.48
CA LEU A 1548 137.09 -181.54 -0.55
C LEU A 1548 136.67 -182.86 -1.18
N GLN A 1549 135.60 -182.83 -1.98
CA GLN A 1549 135.16 -184.05 -2.65
C GLN A 1549 136.11 -184.40 -3.79
N ALA A 1550 136.86 -183.42 -4.30
CA ALA A 1550 137.84 -183.71 -5.34
C ALA A 1550 138.97 -184.58 -4.80
N ALA A 1551 139.22 -184.51 -3.49
CA ALA A 1551 140.21 -185.38 -2.90
C ALA A 1551 139.62 -186.76 -2.62
N LEU A 1552 138.62 -186.82 -1.74
CA LEU A 1552 138.30 -188.08 -1.08
C LEU A 1552 137.58 -189.04 -2.03
N GLU A 1553 136.81 -188.52 -2.97
CA GLU A 1553 136.13 -189.40 -3.91
C GLU A 1553 137.12 -189.97 -4.91
N GLU A 1554 138.10 -189.18 -5.34
CA GLU A 1554 139.08 -189.66 -6.30
C GLU A 1554 140.42 -190.03 -5.69
N ALA A 1555 141.09 -189.10 -5.00
CA ALA A 1555 142.50 -189.30 -4.70
C ALA A 1555 142.71 -190.30 -3.57
N GLU A 1556 142.12 -190.04 -2.41
CA GLU A 1556 142.31 -190.94 -1.26
C GLU A 1556 141.61 -192.27 -1.48
N ALA A 1557 140.61 -192.30 -2.36
CA ALA A 1557 140.13 -193.59 -2.82
C ALA A 1557 141.19 -194.30 -3.64
N ALA A 1558 141.81 -193.59 -4.57
CA ALA A 1558 142.83 -194.22 -5.41
C ALA A 1558 144.13 -194.41 -4.65
N LEU A 1559 144.33 -193.64 -3.58
CA LEU A 1559 145.51 -193.83 -2.76
C LEU A 1559 145.44 -195.16 -2.02
N GLU A 1560 144.23 -195.60 -1.70
CA GLU A 1560 144.07 -196.91 -1.08
C GLU A 1560 144.42 -198.03 -2.05
N GLN A 1561 143.82 -198.00 -3.24
CA GLN A 1561 144.02 -199.08 -4.22
C GLN A 1561 145.43 -199.05 -4.78
N GLU A 1562 146.11 -197.89 -4.70
CA GLU A 1562 147.52 -197.87 -5.02
C GLU A 1562 148.32 -198.64 -3.98
N GLU A 1563 147.88 -198.63 -2.73
CA GLU A 1563 148.62 -199.33 -1.69
C GLU A 1563 148.17 -200.78 -1.59
N ASN A 1564 146.96 -201.10 -2.05
CA ASN A 1564 146.51 -202.50 -2.00
C ASN A 1564 147.34 -203.38 -2.92
N LYS A 1565 147.86 -202.82 -4.01
CA LYS A 1565 148.83 -203.56 -4.80
C LYS A 1565 150.09 -203.79 -4.00
N VAL A 1566 150.59 -202.75 -3.31
CA VAL A 1566 151.80 -202.89 -2.50
C VAL A 1566 151.55 -203.81 -1.32
N LEU A 1567 150.30 -203.90 -0.86
CA LEU A 1567 149.93 -204.91 0.12
C LEU A 1567 150.00 -206.30 -0.50
N ARG A 1568 149.41 -206.47 -1.69
CA ARG A 1568 149.31 -207.80 -2.26
C ARG A 1568 150.62 -208.24 -2.90
N SER A 1569 151.40 -207.29 -3.44
CA SER A 1569 152.67 -207.62 -4.05
C SER A 1569 153.66 -208.14 -3.01
N GLN A 1570 153.52 -207.69 -1.77
CA GLN A 1570 154.43 -208.13 -0.73
C GLN A 1570 153.97 -209.47 -0.15
N LEU A 1571 152.65 -209.68 -0.08
CA LEU A 1571 152.14 -210.92 0.50
C LEU A 1571 152.47 -212.12 -0.39
N GLU A 1572 152.55 -211.90 -1.71
CA GLU A 1572 153.08 -212.92 -2.60
C GLU A 1572 154.55 -213.19 -2.31
N LEU A 1573 155.30 -212.16 -1.92
CA LEU A 1573 156.73 -212.32 -1.67
C LEU A 1573 156.96 -213.10 -0.38
N SER A 1574 155.98 -213.10 0.52
CA SER A 1574 156.08 -213.91 1.73
C SER A 1574 156.07 -215.39 1.41
N GLN A 1575 155.18 -215.82 0.51
CA GLN A 1575 155.11 -217.23 0.16
C GLN A 1575 156.29 -217.63 -0.72
N VAL A 1576 156.85 -216.68 -1.46
CA VAL A 1576 158.11 -216.91 -2.15
C VAL A 1576 159.24 -217.08 -1.13
N ARG A 1577 159.16 -216.32 -0.05
CA ARG A 1577 160.17 -216.40 1.00
C ARG A 1577 160.05 -217.71 1.77
N GLN A 1578 158.87 -218.32 1.74
CA GLN A 1578 158.67 -219.64 2.33
C GLN A 1578 159.37 -220.73 1.53
N GLU A 1579 159.78 -220.41 0.31
CA GLU A 1579 160.54 -221.38 -0.46
C GLU A 1579 162.02 -221.30 -0.12
N ILE A 1580 162.41 -220.31 0.69
CA ILE A 1580 163.70 -220.40 1.36
C ILE A 1580 163.60 -221.40 2.50
N ASP A 1581 162.40 -221.56 3.05
CA ASP A 1581 162.15 -222.64 3.99
C ASP A 1581 161.91 -223.96 3.26
N ARG A 1582 161.82 -223.93 1.93
CA ARG A 1582 161.84 -225.18 1.19
C ARG A 1582 163.24 -225.77 1.15
N ARG A 1583 164.26 -224.91 1.13
CA ARG A 1583 165.64 -225.37 1.02
C ARG A 1583 166.06 -226.18 2.25
N ILE A 1584 165.60 -225.76 3.43
CA ILE A 1584 165.91 -226.50 4.65
C ILE A 1584 165.09 -227.78 4.73
N GLN A 1585 164.09 -227.92 3.86
CA GLN A 1585 163.45 -229.21 3.71
C GLN A 1585 164.22 -230.09 2.73
N GLU A 1586 164.98 -229.48 1.83
CA GLU A 1586 165.74 -230.28 0.88
C GLU A 1586 166.92 -230.97 1.53
N LYS A 1587 167.42 -230.41 2.64
CA LYS A 1587 168.66 -230.91 3.21
C LYS A 1587 168.44 -232.25 3.88
N GLU A 1588 167.25 -232.49 4.42
CA GLU A 1588 166.97 -233.79 5.00
C GLU A 1588 166.68 -234.82 3.92
N GLU A 1589 166.26 -234.36 2.73
CA GLU A 1589 166.10 -235.28 1.62
C GLU A 1589 167.45 -235.78 1.12
N GLU A 1590 168.50 -235.01 1.31
CA GLU A 1590 169.84 -235.58 1.14
C GLU A 1590 170.14 -236.57 2.25
N PHE A 1591 169.59 -236.35 3.44
CA PHE A 1591 169.98 -237.20 4.57
C PHE A 1591 169.31 -238.57 4.52
N GLU A 1592 168.11 -238.65 3.94
CA GLU A 1592 167.48 -239.96 3.82
C GLU A 1592 168.13 -240.77 2.71
N ASN A 1593 168.94 -240.13 1.87
CA ASN A 1593 169.88 -240.88 1.06
C ASN A 1593 171.04 -241.39 1.90
N THR A 1594 171.50 -240.58 2.86
CA THR A 1594 172.63 -240.99 3.69
C THR A 1594 172.24 -242.09 4.66
N ARG A 1595 171.01 -242.04 5.16
CA ARG A 1595 170.50 -243.15 5.97
C ARG A 1595 170.49 -244.43 5.16
N LYS A 1596 169.92 -244.38 3.96
CA LYS A 1596 169.85 -245.53 3.07
C LYS A 1596 171.21 -245.89 2.52
N ASN A 1597 172.17 -244.99 2.64
CA ASN A 1597 173.53 -245.33 2.24
C ASN A 1597 174.16 -246.31 3.22
N HIS A 1598 174.11 -246.00 4.52
CA HIS A 1598 174.83 -246.85 5.45
C HIS A 1598 173.94 -247.96 5.99
N GLN A 1599 172.63 -247.85 5.78
CA GLN A 1599 171.77 -248.99 6.07
C GLN A 1599 172.07 -250.14 5.10
N ARG A 1600 172.51 -249.81 3.89
CA ARG A 1600 173.15 -250.79 3.04
C ARG A 1600 174.45 -251.27 3.66
N ALA A 1601 175.22 -250.35 4.26
CA ALA A 1601 176.55 -250.72 4.76
C ALA A 1601 176.44 -251.54 6.03
N LEU A 1602 175.32 -251.45 6.73
CA LEU A 1602 175.14 -252.23 7.95
C LEU A 1602 174.97 -253.71 7.64
N ASP A 1603 174.01 -254.06 6.80
CA ASP A 1603 173.73 -255.48 6.57
C ASP A 1603 174.75 -256.10 5.62
N SER A 1604 175.53 -255.27 4.93
CA SER A 1604 176.63 -255.80 4.13
C SER A 1604 177.70 -256.37 5.03
N MET A 1605 178.08 -255.63 6.06
CA MET A 1605 179.06 -256.13 7.03
C MET A 1605 178.49 -257.28 7.83
N GLN A 1606 177.17 -257.30 8.00
CA GLN A 1606 176.50 -258.46 8.58
C GLN A 1606 176.70 -259.69 7.70
N ALA A 1607 176.70 -259.51 6.39
CA ALA A 1607 176.97 -260.64 5.50
C ALA A 1607 178.44 -261.02 5.55
N SER A 1608 179.32 -260.04 5.81
CA SER A 1608 180.74 -260.36 5.95
C SER A 1608 180.99 -261.18 7.20
N LEU A 1609 180.27 -260.88 8.28
CA LEU A 1609 180.28 -261.76 9.44
C LEU A 1609 179.68 -263.11 9.10
N GLU A 1610 178.66 -263.12 8.24
CA GLU A 1610 177.99 -264.36 7.87
C GLU A 1610 178.92 -265.27 7.09
N ALA A 1611 179.86 -264.69 6.36
CA ALA A 1611 180.94 -265.51 5.82
C ALA A 1611 181.85 -266.01 6.93
N GLU A 1612 182.15 -265.14 7.90
CA GLU A 1612 183.09 -265.52 8.95
C GLU A 1612 182.42 -266.41 9.98
N ALA A 1613 181.12 -266.27 10.18
CA ALA A 1613 180.39 -267.23 11.00
C ALA A 1613 180.36 -268.59 10.32
N LYS A 1614 180.27 -268.59 9.00
CA LYS A 1614 180.45 -269.83 8.25
C LYS A 1614 181.91 -270.26 8.30
N GLY A 1615 182.81 -269.29 8.43
CA GLY A 1615 184.23 -269.60 8.40
C GLY A 1615 184.72 -270.38 9.61
N LYS A 1616 184.27 -269.99 10.80
CA LYS A 1616 184.65 -270.75 11.99
C LYS A 1616 183.90 -272.07 12.03
N ALA A 1617 182.78 -272.15 11.31
CA ALA A 1617 181.80 -273.22 11.50
C ALA A 1617 182.36 -274.59 11.08
N GLU A 1618 182.78 -274.72 9.83
CA GLU A 1618 183.28 -276.03 9.40
C GLU A 1618 184.69 -276.25 9.91
N ALA A 1619 185.40 -275.16 10.22
CA ALA A 1619 186.80 -275.28 10.64
C ALA A 1619 186.90 -275.91 12.01
N LEU A 1620 186.10 -275.43 12.96
CA LEU A 1620 186.04 -276.08 14.25
C LEU A 1620 185.29 -277.41 14.17
N ARG A 1621 184.47 -277.58 13.12
CA ARG A 1621 183.83 -278.86 12.91
C ARG A 1621 184.81 -279.88 12.38
N MET A 1622 185.59 -279.52 11.36
CA MET A 1622 186.47 -280.49 10.74
C MET A 1622 187.73 -280.71 11.56
N LYS A 1623 187.94 -279.88 12.59
CA LYS A 1623 188.94 -280.19 13.59
C LYS A 1623 188.59 -281.47 14.32
N LYS A 1624 187.38 -281.55 14.86
CA LYS A 1624 186.99 -282.70 15.68
C LYS A 1624 186.83 -283.95 14.84
N LYS A 1625 186.67 -283.80 13.53
CA LYS A 1625 186.79 -284.96 12.65
C LYS A 1625 188.26 -285.38 12.52
N LEU A 1626 189.15 -284.42 12.31
CA LEU A 1626 190.55 -284.76 12.12
C LEU A 1626 191.23 -285.08 13.45
N GLU A 1627 190.78 -284.48 14.55
CA GLU A 1627 191.37 -284.77 15.84
C GLU A 1627 191.07 -286.20 16.26
N ALA A 1628 189.93 -286.73 15.82
CA ALA A 1628 189.68 -288.16 15.98
C ALA A 1628 190.66 -288.96 15.14
N ASP A 1629 190.98 -288.46 13.94
CA ASP A 1629 191.81 -289.24 13.03
C ASP A 1629 193.25 -289.29 13.50
N ILE A 1630 193.75 -288.20 14.10
CA ILE A 1630 195.13 -288.21 14.58
C ILE A 1630 195.21 -289.00 15.87
N ASN A 1631 194.07 -289.28 16.50
CA ASN A 1631 194.05 -290.27 17.56
C ASN A 1631 193.76 -291.64 16.99
N GLU A 1632 193.18 -291.70 15.79
CA GLU A 1632 192.86 -292.99 15.20
C GLU A 1632 194.09 -293.66 14.64
N LEU A 1633 195.00 -292.89 14.03
CA LEU A 1633 196.19 -293.49 13.48
C LEU A 1633 197.16 -293.91 14.57
N GLU A 1634 197.05 -293.30 15.75
CA GLU A 1634 197.97 -293.62 16.83
C GLU A 1634 197.73 -295.02 17.36
N ILE A 1635 196.46 -295.45 17.39
CA ILE A 1635 196.17 -296.79 17.87
C ILE A 1635 196.57 -297.82 16.83
N ALA A 1636 196.73 -297.39 15.58
CA ALA A 1636 197.31 -298.27 14.58
C ALA A 1636 198.80 -298.42 14.79
N LEU A 1637 199.48 -297.31 15.10
CA LEU A 1637 200.92 -297.35 15.28
C LEU A 1637 201.29 -298.07 16.57
N ASP A 1638 200.56 -297.78 17.66
CA ASP A 1638 200.84 -298.41 18.95
C ASP A 1638 200.62 -299.91 18.85
N HIS A 1639 199.60 -300.33 18.09
CA HIS A 1639 199.45 -301.75 17.81
C HIS A 1639 200.59 -302.27 16.94
N ALA A 1640 201.04 -301.46 15.98
CA ALA A 1640 202.12 -301.90 15.12
C ALA A 1640 203.46 -301.88 15.84
N ASN A 1641 203.72 -300.81 16.59
CA ASN A 1641 205.04 -300.66 17.21
C ASN A 1641 205.24 -301.70 18.30
N LYS A 1642 204.16 -302.09 18.97
CA LYS A 1642 204.28 -303.19 19.92
C LYS A 1642 204.41 -304.52 19.20
N ALA A 1643 203.83 -304.63 18.00
CA ALA A 1643 203.88 -305.90 17.29
C ALA A 1643 205.28 -306.18 16.78
N ASN A 1644 206.01 -305.14 16.42
CA ASN A 1644 207.40 -305.31 16.00
C ASN A 1644 208.27 -305.72 17.19
N SER A 1645 207.97 -305.19 18.37
CA SER A 1645 208.78 -305.55 19.54
C SER A 1645 208.49 -306.97 19.97
N GLU A 1646 207.24 -307.42 19.81
CA GLU A 1646 206.96 -308.83 20.00
C GLU A 1646 207.55 -309.66 18.87
N ALA A 1647 207.69 -309.05 17.69
CA ALA A 1647 208.32 -309.77 16.59
C ALA A 1647 209.82 -309.88 16.82
N GLN A 1648 210.49 -308.76 17.10
CA GLN A 1648 211.94 -308.78 17.21
C GLN A 1648 212.40 -309.46 18.49
N LYS A 1649 211.48 -309.69 19.42
CA LYS A 1649 211.78 -310.54 20.56
C LYS A 1649 212.04 -311.97 20.11
N THR A 1650 211.39 -312.40 19.04
CA THR A 1650 211.66 -313.74 18.54
C THR A 1650 212.99 -313.78 17.80
N ILE A 1651 213.42 -312.64 17.28
CA ILE A 1651 214.68 -312.57 16.55
C ILE A 1651 215.84 -312.88 17.47
N LYS A 1652 215.83 -312.29 18.66
CA LYS A 1652 216.85 -312.60 19.63
C LYS A 1652 216.65 -314.00 20.21
N LYS A 1653 215.42 -314.50 20.16
CA LYS A 1653 215.17 -315.81 20.74
C LYS A 1653 215.73 -316.92 19.87
N TYR A 1654 215.68 -316.75 18.55
CA TYR A 1654 216.24 -317.77 17.68
C TYR A 1654 217.74 -317.86 17.79
N GLN A 1655 218.43 -316.73 17.77
CA GLN A 1655 219.87 -316.77 17.58
C GLN A 1655 220.59 -317.25 18.85
N GLN A 1656 219.86 -317.32 19.96
CA GLN A 1656 220.39 -318.10 21.08
C GLN A 1656 220.27 -319.58 20.80
N GLN A 1657 219.16 -320.01 20.21
CA GLN A 1657 218.97 -321.42 19.94
C GLN A 1657 219.89 -321.88 18.80
N LEU A 1658 220.20 -320.98 17.88
CA LEU A 1658 221.20 -321.31 16.87
C LEU A 1658 222.58 -321.36 17.49
N LYS A 1659 222.79 -320.63 18.58
CA LYS A 1659 224.12 -320.53 19.16
C LYS A 1659 224.55 -321.84 19.80
N ASP A 1660 223.71 -322.43 20.65
CA ASP A 1660 224.16 -323.62 21.37
C ASP A 1660 224.06 -324.87 20.50
N VAL A 1661 223.21 -324.83 19.48
CA VAL A 1661 223.17 -325.94 18.51
C VAL A 1661 224.47 -326.00 17.75
N GLN A 1662 225.06 -324.83 17.46
CA GLN A 1662 226.39 -324.76 16.89
C GLN A 1662 227.41 -325.37 17.84
N THR A 1663 227.22 -325.18 19.14
CA THR A 1663 228.07 -325.86 20.11
C THR A 1663 227.75 -327.34 20.17
N ALA A 1664 226.48 -327.69 19.94
CA ALA A 1664 226.12 -329.10 19.93
C ALA A 1664 226.73 -329.81 18.74
N LEU A 1665 227.02 -329.08 17.67
CA LEU A 1665 227.84 -329.63 16.62
C LEU A 1665 229.29 -329.78 17.08
N GLU A 1666 229.85 -328.72 17.68
CA GLU A 1666 231.28 -328.67 17.97
C GLU A 1666 231.68 -329.69 19.02
N GLU A 1667 230.72 -330.12 19.85
CA GLU A 1667 230.97 -331.30 20.66
C GLU A 1667 230.90 -332.56 19.81
N GLU A 1668 229.84 -332.71 19.02
CA GLU A 1668 229.60 -333.98 18.35
C GLU A 1668 230.50 -334.16 17.15
N GLN A 1669 230.86 -333.07 16.47
CA GLN A 1669 231.82 -333.18 15.37
C GLN A 1669 233.18 -333.60 15.89
N ARG A 1670 233.57 -333.08 17.05
CA ARG A 1670 234.78 -333.56 17.71
C ARG A 1670 234.58 -334.96 18.28
N ALA A 1671 233.33 -335.32 18.58
CA ALA A 1671 233.08 -336.63 19.19
C ALA A 1671 233.21 -337.74 18.15
N ARG A 1672 233.11 -337.41 16.88
CA ARG A 1672 233.42 -338.42 15.88
C ARG A 1672 234.91 -338.65 15.82
N ASP A 1673 235.69 -337.59 16.05
CA ASP A 1673 237.11 -337.60 15.71
C ASP A 1673 237.89 -338.56 16.59
N ASP A 1674 237.66 -338.52 17.89
CA ASP A 1674 238.29 -339.51 18.76
C ASP A 1674 237.67 -340.88 18.55
N ALA A 1675 236.37 -340.92 18.22
CA ALA A 1675 235.71 -342.20 18.04
C ALA A 1675 236.22 -342.93 16.82
N ARG A 1676 236.56 -342.19 15.77
CA ARG A 1676 237.26 -342.82 14.66
C ARG A 1676 238.69 -343.16 15.07
N GLU A 1677 239.29 -342.31 15.90
CA GLU A 1677 240.63 -342.59 16.39
C GLU A 1677 240.60 -343.78 17.33
N GLN A 1678 239.48 -343.96 18.03
CA GLN A 1678 239.32 -345.14 18.87
C GLN A 1678 239.25 -346.40 18.03
N LEU A 1679 238.73 -346.28 16.80
CA LEU A 1679 238.82 -347.40 15.88
C LEU A 1679 240.26 -347.63 15.46
N GLY A 1680 241.01 -346.54 15.30
CA GLY A 1680 242.41 -346.67 14.91
C GLY A 1680 243.29 -347.28 15.99
N ILE A 1681 242.81 -347.28 17.22
CA ILE A 1681 243.51 -348.03 18.26
C ILE A 1681 243.08 -349.48 18.24
N SER A 1682 241.78 -349.72 18.11
CA SER A 1682 241.28 -351.09 18.25
C SER A 1682 241.61 -351.93 17.05
N GLU A 1683 241.41 -351.39 15.85
CA GLU A 1683 241.67 -352.16 14.64
C GLU A 1683 243.16 -352.38 14.45
N ARG A 1684 243.98 -351.49 15.01
CA ARG A 1684 245.41 -351.76 15.12
C ARG A 1684 245.66 -352.97 16.00
N ARG A 1685 244.98 -353.03 17.14
CA ARG A 1685 245.16 -354.15 18.06
C ARG A 1685 244.59 -355.43 17.48
N ALA A 1686 243.48 -355.32 16.75
CA ALA A 1686 242.75 -356.49 16.28
C ALA A 1686 243.56 -357.26 15.24
N ASN A 1687 244.48 -356.60 14.57
CA ASN A 1687 245.45 -357.33 13.77
C ASN A 1687 246.68 -357.66 14.58
N ALA A 1688 246.92 -356.91 15.66
CA ALA A 1688 248.14 -357.11 16.42
C ALA A 1688 248.09 -358.40 17.21
N LEU A 1689 246.91 -358.77 17.69
CA LEU A 1689 246.81 -360.06 18.34
C LEU A 1689 246.59 -361.15 17.31
N GLN A 1690 246.25 -360.76 16.08
CA GLN A 1690 245.96 -361.76 15.06
C GLN A 1690 247.22 -362.48 14.63
N ASN A 1691 248.33 -361.75 14.52
CA ASN A 1691 249.57 -362.38 14.11
C ASN A 1691 250.15 -363.25 15.23
N GLU A 1692 249.98 -362.84 16.49
CA GLU A 1692 250.64 -363.56 17.57
C GLU A 1692 249.91 -364.85 17.89
N LEU A 1693 248.60 -364.89 17.63
CA LEU A 1693 247.91 -366.16 17.70
C LEU A 1693 248.42 -367.09 16.62
N GLU A 1694 248.69 -366.55 15.44
CA GLU A 1694 249.38 -367.31 14.40
C GLU A 1694 250.84 -367.55 14.78
N GLU A 1695 251.37 -366.79 15.73
CA GLU A 1695 252.72 -367.07 16.22
C GLU A 1695 252.67 -368.04 17.39
N SER A 1696 251.62 -367.99 18.20
CA SER A 1696 251.61 -368.85 19.38
C SER A 1696 251.34 -370.29 19.00
N ARG A 1697 250.35 -370.51 18.14
CA ARG A 1697 249.98 -371.87 17.79
C ARG A 1697 251.08 -372.54 16.96
N THR A 1698 251.78 -371.77 16.13
CA THR A 1698 252.85 -372.37 15.33
C THR A 1698 254.06 -372.67 16.20
N LEU A 1699 254.12 -372.10 17.39
CA LEU A 1699 255.07 -372.60 18.36
C LEU A 1699 254.55 -373.90 18.95
N LEU A 1700 253.26 -373.93 19.27
CA LEU A 1700 252.66 -375.13 19.85
C LEU A 1700 252.64 -376.26 18.84
N GLU A 1701 252.29 -375.96 17.59
CA GLU A 1701 252.27 -376.99 16.56
C GLU A 1701 253.68 -377.45 16.21
N GLN A 1702 254.69 -376.64 16.54
CA GLN A 1702 256.06 -377.11 16.41
C GLN A 1702 256.53 -377.76 17.72
N ALA A 1703 255.82 -377.51 18.81
CA ALA A 1703 256.23 -378.08 20.08
C ALA A 1703 255.82 -379.54 20.18
N ASP A 1704 254.57 -379.85 19.85
CA ASP A 1704 254.11 -381.23 20.00
C ASP A 1704 254.68 -382.11 18.91
N ARG A 1705 255.19 -381.51 17.85
CA ARG A 1705 256.00 -382.26 16.90
C ARG A 1705 257.31 -382.68 17.53
N GLY A 1706 257.76 -381.92 18.54
CA GLY A 1706 258.96 -382.34 19.25
C GLY A 1706 258.70 -383.55 20.13
N ARG A 1707 257.46 -383.72 20.57
CA ARG A 1707 257.17 -384.83 21.46
C ARG A 1707 257.12 -386.12 20.66
N ARG A 1708 256.57 -386.07 19.45
CA ARG A 1708 256.57 -387.25 18.59
C ARG A 1708 257.99 -387.56 18.13
N GLN A 1709 258.83 -386.54 18.03
CA GLN A 1709 260.26 -386.77 17.83
C GLN A 1709 260.86 -387.52 19.00
N ALA A 1710 260.38 -387.21 20.21
CA ALA A 1710 260.93 -387.86 21.39
C ALA A 1710 260.43 -389.28 21.54
N GLU A 1711 259.12 -389.49 21.37
CA GLU A 1711 258.54 -390.80 21.69
C GLU A 1711 258.94 -391.85 20.67
N GLN A 1712 259.18 -391.46 19.42
CA GLN A 1712 259.66 -392.45 18.47
C GLN A 1712 261.11 -392.79 18.74
N GLU A 1713 261.84 -391.86 19.37
CA GLU A 1713 263.22 -392.16 19.74
C GLU A 1713 263.25 -393.08 20.94
N LEU A 1714 262.24 -392.98 21.81
CA LEU A 1714 262.08 -393.96 22.86
C LEU A 1714 261.77 -395.33 22.27
N GLY A 1715 261.07 -395.35 21.14
CA GLY A 1715 260.90 -396.59 20.41
C GLY A 1715 262.19 -397.05 19.76
N ASP A 1716 263.08 -396.11 19.46
CA ASP A 1716 264.36 -396.48 18.88
C ASP A 1716 265.28 -397.03 19.97
N ALA A 1717 265.16 -396.50 21.18
CA ALA A 1717 266.02 -396.97 22.27
C ALA A 1717 265.54 -398.29 22.82
N HIS A 1718 264.22 -398.48 22.89
CA HIS A 1718 263.67 -399.66 23.57
C HIS A 1718 263.92 -400.92 22.78
N GLU A 1719 263.99 -400.82 21.45
CA GLU A 1719 264.44 -401.97 20.68
C GLU A 1719 265.94 -402.16 20.82
N GLN A 1720 266.67 -401.07 21.04
CA GLN A 1720 268.12 -401.18 21.17
C GLN A 1720 268.50 -401.74 22.53
N ILE A 1721 267.73 -401.39 23.56
CA ILE A 1721 268.03 -401.89 24.91
C ILE A 1721 267.64 -403.35 25.02
N ASN A 1722 266.79 -403.83 24.11
CA ASN A 1722 266.45 -405.23 24.10
C ASN A 1722 267.52 -406.06 23.39
N GLU A 1723 267.99 -405.58 22.23
CA GLU A 1723 268.90 -406.39 21.44
C GLU A 1723 270.30 -406.38 22.01
N LEU A 1724 270.68 -405.28 22.68
CA LEU A 1724 272.01 -405.23 23.27
C LEU A 1724 272.06 -406.08 24.53
N ALA A 1725 270.94 -406.15 25.26
CA ALA A 1725 270.89 -407.01 26.43
C ALA A 1725 270.91 -408.47 26.04
N ALA A 1726 270.34 -408.80 24.89
CA ALA A 1726 270.28 -410.18 24.43
C ALA A 1726 271.67 -410.70 24.09
N GLN A 1727 272.55 -409.82 23.61
CA GLN A 1727 273.95 -410.18 23.52
C GLN A 1727 274.58 -410.26 24.90
N ALA A 1728 274.17 -409.37 25.80
CA ALA A 1728 274.84 -409.26 27.09
C ALA A 1728 274.45 -410.39 28.03
N THR A 1729 273.24 -410.92 27.89
CA THR A 1729 272.84 -412.00 28.78
C THR A 1729 273.50 -413.31 28.38
N SER A 1730 273.79 -413.48 27.08
CA SER A 1730 274.42 -414.70 26.62
C SER A 1730 275.88 -414.74 27.03
N ALA A 1731 276.51 -413.56 27.13
CA ALA A 1731 277.89 -413.50 27.56
C ALA A 1731 278.02 -413.84 29.03
N SER A 1732 277.08 -413.36 29.85
CA SER A 1732 277.10 -413.72 31.27
C SER A 1732 276.72 -415.18 31.47
N ALA A 1733 275.98 -415.75 30.53
CA ALA A 1733 275.65 -417.17 30.63
C ALA A 1733 276.84 -418.03 30.18
N ALA A 1734 277.44 -417.69 29.03
CA ALA A 1734 278.49 -418.52 28.49
C ALA A 1734 279.77 -418.44 29.32
N LYS A 1735 279.98 -417.31 29.99
CA LYS A 1735 281.12 -417.20 30.89
C LYS A 1735 280.98 -418.14 32.07
N ARG A 1736 279.75 -418.38 32.51
CA ARG A 1736 279.53 -419.35 33.57
C ARG A 1736 279.79 -420.77 33.07
N LYS A 1737 279.39 -421.07 31.85
CA LYS A 1737 279.59 -422.41 31.31
C LYS A 1737 281.05 -422.66 30.98
N LEU A 1738 281.79 -421.61 30.64
CA LEU A 1738 283.17 -421.82 30.23
C LEU A 1738 284.10 -421.85 31.44
N GLU A 1739 283.92 -420.91 32.38
CA GLU A 1739 284.80 -420.85 33.53
C GLU A 1739 284.59 -422.05 34.45
N GLY A 1740 283.38 -422.59 34.46
CA GLY A 1740 283.13 -423.82 35.18
C GLY A 1740 283.88 -425.00 34.58
N GLU A 1741 283.98 -425.04 33.26
CA GLU A 1741 284.64 -426.18 32.63
C GLU A 1741 286.15 -426.06 32.74
N LEU A 1742 286.67 -424.83 32.71
CA LEU A 1742 288.11 -424.63 32.77
C LEU A 1742 288.65 -424.97 34.15
N GLN A 1743 287.84 -424.76 35.18
CA GLN A 1743 288.27 -425.11 36.54
C GLN A 1743 288.34 -426.62 36.71
N THR A 1744 287.51 -427.37 35.97
CA THR A 1744 287.62 -428.82 35.99
C THR A 1744 288.79 -429.30 35.16
N LEU A 1745 288.94 -428.77 33.95
CA LEU A 1745 289.96 -429.28 33.04
C LEU A 1745 291.35 -428.88 33.50
N HIS A 1746 291.47 -427.81 34.28
CA HIS A 1746 292.75 -427.49 34.88
C HIS A 1746 293.09 -428.47 35.99
N ALA A 1747 292.07 -429.06 36.62
CA ALA A 1747 292.33 -430.09 37.61
C ALA A 1747 292.74 -431.39 36.93
N ASP A 1748 292.20 -431.66 35.75
CA ASP A 1748 292.61 -432.87 35.02
C ASP A 1748 294.01 -432.71 34.44
N LEU A 1749 294.49 -431.47 34.31
CA LEU A 1749 295.89 -431.26 33.96
C LEU A 1749 296.80 -431.76 35.07
N ASP A 1750 296.38 -431.62 36.33
CA ASP A 1750 297.22 -431.98 37.45
C ASP A 1750 297.44 -433.49 37.51
N GLU A 1751 296.38 -434.26 37.28
CA GLU A 1751 296.50 -435.71 37.40
C GLU A 1751 297.16 -436.31 36.16
N LEU A 1752 296.86 -435.78 34.98
CA LEU A 1752 297.47 -436.34 33.78
C LEU A 1752 298.92 -435.93 33.64
N LEU A 1753 299.33 -434.83 34.26
CA LEU A 1753 300.76 -434.52 34.29
C LEU A 1753 301.47 -435.42 35.28
N ASN A 1754 300.78 -435.81 36.35
CA ASN A 1754 301.42 -436.65 37.35
C ASN A 1754 301.65 -438.06 36.82
N GLU A 1755 300.74 -438.54 35.98
CA GLU A 1755 300.94 -439.85 35.38
C GLU A 1755 302.01 -439.78 34.31
N ALA A 1756 302.14 -438.63 33.64
CA ALA A 1756 303.10 -438.49 32.56
C ALA A 1756 304.53 -438.50 33.09
N LYS A 1757 304.75 -437.86 34.24
CA LYS A 1757 306.02 -438.00 34.93
C LYS A 1757 306.20 -439.45 35.39
N ASN A 1758 305.12 -440.04 35.90
CA ASN A 1758 305.18 -441.42 36.36
C ASN A 1758 305.36 -442.38 35.20
N SER A 1759 304.84 -442.02 34.03
CA SER A 1759 305.16 -442.81 32.85
C SER A 1759 306.59 -442.56 32.38
N GLU A 1760 307.14 -441.40 32.72
CA GLU A 1760 308.49 -441.08 32.27
C GLU A 1760 309.52 -441.80 33.11
N GLU A 1761 309.27 -441.96 34.42
CA GLU A 1761 310.29 -442.55 35.27
C GLU A 1761 310.37 -444.07 35.08
N LYS A 1762 309.35 -444.67 34.48
CA LYS A 1762 309.46 -446.09 34.15
C LYS A 1762 310.46 -446.31 33.03
N ALA A 1763 310.54 -445.35 32.10
CA ALA A 1763 311.49 -445.49 31.01
C ALA A 1763 312.92 -445.35 31.51
N LYS A 1764 313.13 -444.47 32.48
CA LYS A 1764 314.48 -444.33 33.01
C LYS A 1764 314.83 -445.49 33.92
N LYS A 1765 313.83 -446.13 34.52
CA LYS A 1765 314.10 -447.33 35.31
C LYS A 1765 314.38 -448.51 34.39
N ALA A 1766 313.81 -448.49 33.19
CA ALA A 1766 314.03 -449.60 32.27
C ALA A 1766 315.44 -449.58 31.72
N MET A 1767 315.92 -448.41 31.31
CA MET A 1767 317.21 -448.35 30.63
C MET A 1767 318.36 -448.62 31.59
N VAL A 1768 318.20 -448.23 32.86
CA VAL A 1768 319.25 -448.52 33.84
C VAL A 1768 319.19 -450.00 34.20
N ASP A 1769 318.04 -450.62 33.99
CA ASP A 1769 317.98 -452.07 34.10
C ASP A 1769 318.54 -452.71 32.84
N ALA A 1770 318.36 -452.04 31.69
CA ALA A 1770 318.89 -452.59 30.46
C ALA A 1770 320.39 -452.45 30.41
N ALA A 1771 320.92 -451.37 30.99
CA ALA A 1771 322.36 -451.14 30.93
C ALA A 1771 323.10 -452.12 31.85
N ARG A 1772 322.52 -452.41 33.00
CA ARG A 1772 323.21 -453.29 33.95
C ARG A 1772 323.22 -454.73 33.43
N LEU A 1773 322.14 -455.14 32.77
CA LEU A 1773 322.13 -456.48 32.20
C LEU A 1773 323.02 -456.54 30.98
N ALA A 1774 323.25 -455.39 30.34
CA ALA A 1774 324.26 -455.34 29.28
C ALA A 1774 325.65 -455.49 29.87
N ASP A 1775 325.85 -455.06 31.12
CA ASP A 1775 327.16 -455.19 31.73
C ASP A 1775 327.44 -456.64 32.09
N GLU A 1776 326.41 -457.36 32.54
CA GLU A 1776 326.58 -458.75 32.92
C GLU A 1776 326.86 -459.61 31.70
N LEU A 1777 326.27 -459.27 30.56
CA LEU A 1777 326.49 -460.07 29.35
C LEU A 1777 327.90 -459.89 28.85
N ARG A 1778 328.49 -458.72 29.07
CA ARG A 1778 329.92 -458.60 28.86
C ARG A 1778 330.67 -459.37 29.93
N ALA A 1779 330.14 -459.39 31.14
CA ALA A 1779 330.85 -459.99 32.27
C ALA A 1779 330.83 -461.51 32.19
N GLU A 1780 329.73 -462.09 31.73
CA GLU A 1780 329.65 -463.54 31.68
C GLU A 1780 330.33 -464.07 30.43
N GLN A 1781 330.54 -463.21 29.43
CA GLN A 1781 331.12 -463.69 28.19
C GLN A 1781 332.61 -463.90 28.33
N ASP A 1782 333.35 -462.89 28.80
CA ASP A 1782 334.80 -463.00 28.80
C ASP A 1782 335.28 -463.96 29.87
N HIS A 1783 334.55 -464.04 30.98
CA HIS A 1783 334.87 -465.01 32.01
C HIS A 1783 334.68 -466.43 31.49
N ALA A 1784 333.69 -466.63 30.64
CA ALA A 1784 333.58 -467.89 29.94
C ALA A 1784 334.71 -468.05 28.93
N GLN A 1785 335.10 -466.96 28.29
CA GLN A 1785 336.14 -467.01 27.28
C GLN A 1785 337.49 -467.39 27.88
N THR A 1786 337.71 -467.03 29.14
CA THR A 1786 338.87 -467.57 29.85
C THR A 1786 338.69 -469.06 30.12
N GLN A 1787 337.46 -469.49 30.39
CA GLN A 1787 337.24 -470.89 30.70
C GLN A 1787 337.27 -471.75 29.43
N GLU A 1788 336.97 -471.14 28.28
CA GLU A 1788 337.10 -471.88 27.02
C GLU A 1788 338.56 -472.09 26.65
N LYS A 1789 339.45 -471.26 27.19
CA LYS A 1789 340.87 -471.50 26.98
C LYS A 1789 341.35 -472.70 27.79
N LEU A 1790 340.76 -472.89 28.97
CA LEU A 1790 341.19 -473.98 29.82
C LEU A 1790 340.72 -475.33 29.29
N ARG A 1791 339.59 -475.35 28.58
CA ARG A 1791 339.13 -476.58 27.96
C ARG A 1791 340.07 -476.98 26.84
N LYS A 1792 340.55 -475.99 26.09
CA LYS A 1792 341.52 -476.28 25.05
C LYS A 1792 342.87 -476.64 25.65
N ALA A 1793 343.13 -476.19 26.87
CA ALA A 1793 344.37 -476.55 27.54
C ALA A 1793 344.37 -478.01 27.94
N LEU A 1794 343.26 -478.51 28.44
CA LEU A 1794 343.26 -479.86 29.00
C LEU A 1794 343.15 -480.91 27.90
N GLU A 1795 342.45 -480.60 26.80
CA GLU A 1795 342.32 -481.60 25.74
C GLU A 1795 343.65 -481.82 25.04
N THR A 1796 344.53 -480.83 25.07
CA THR A 1796 345.93 -481.08 24.72
C THR A 1796 346.57 -481.98 25.74
N GLN A 1797 346.36 -481.69 27.03
CA GLN A 1797 347.03 -482.41 28.10
C GLN A 1797 346.56 -483.86 28.19
N ILE A 1798 345.35 -484.13 27.69
CA ILE A 1798 344.89 -485.51 27.57
C ILE A 1798 345.77 -486.29 26.60
N LYS A 1799 346.11 -485.68 25.46
CA LYS A 1799 346.72 -486.45 24.39
C LYS A 1799 348.17 -486.81 24.69
N GLU A 1800 348.91 -485.93 25.34
CA GLU A 1800 350.28 -486.27 25.73
C GLU A 1800 350.30 -487.36 26.78
N LEU A 1801 349.27 -487.42 27.63
CA LEU A 1801 349.16 -488.55 28.52
C LEU A 1801 348.54 -489.74 27.80
N GLN A 1802 347.87 -489.50 26.68
CA GLN A 1802 347.31 -490.60 25.90
C GLN A 1802 348.37 -491.23 25.00
N ILE A 1803 349.37 -490.44 24.60
CA ILE A 1803 350.40 -490.96 23.71
C ILE A 1803 351.41 -491.79 24.50
N ARG A 1804 351.40 -491.65 25.82
CA ARG A 1804 352.26 -492.47 26.66
C ARG A 1804 351.73 -493.89 26.73
N LEU A 1805 350.42 -494.06 26.53
CA LEU A 1805 349.84 -495.39 26.46
C LEU A 1805 350.32 -496.14 25.22
N ASP A 1806 350.70 -495.41 24.17
CA ASP A 1806 351.38 -496.03 23.05
C ASP A 1806 352.86 -496.26 23.38
N GLU A 1807 353.41 -495.42 24.27
CA GLU A 1807 354.84 -495.49 24.56
C GLU A 1807 355.18 -496.72 25.39
N ALA A 1808 354.20 -497.27 26.12
CA ALA A 1808 354.42 -498.42 26.98
C ALA A 1808 354.84 -499.65 26.17
N GLU A 1809 354.34 -499.76 24.95
CA GLU A 1809 354.98 -500.63 23.98
C GLU A 1809 356.38 -500.08 23.69
N THR A 1810 357.38 -500.77 24.23
CA THR A 1810 358.76 -500.31 24.35
C THR A 1810 358.89 -498.99 25.10
N ASN A 1811 358.59 -498.98 26.40
CA ASN A 1811 358.86 -497.79 27.20
C ASN A 1811 360.25 -497.85 27.82
N ALA A 1812 360.62 -498.99 28.40
CA ALA A 1812 361.88 -499.14 29.11
C ALA A 1812 363.02 -499.33 28.10
N LEU A 1813 363.38 -498.22 27.44
CA LEU A 1813 364.26 -498.29 26.28
C LEU A 1813 365.71 -498.55 26.68
N LYS A 1814 366.07 -498.21 27.92
CA LYS A 1814 367.43 -498.49 28.39
C LYS A 1814 367.66 -499.98 28.60
N GLY A 1815 366.57 -500.75 28.67
CA GLY A 1815 366.57 -502.20 28.58
C GLY A 1815 365.62 -502.67 27.48
N GLY A 1816 365.66 -501.99 26.34
CA GLY A 1816 364.58 -502.04 25.36
C GLY A 1816 364.40 -503.39 24.70
N LYS A 1817 363.37 -503.46 23.85
CA LYS A 1817 362.84 -504.69 23.26
C LYS A 1817 363.91 -505.30 22.34
N LYS A 1818 364.69 -504.51 21.62
CA LYS A 1818 365.63 -505.04 20.64
C LYS A 1818 366.77 -505.77 21.34
N ALA A 1819 367.14 -505.29 22.52
CA ALA A 1819 368.16 -505.96 23.32
C ALA A 1819 367.65 -507.32 23.81
N ILE A 1820 366.34 -507.42 24.06
CA ILE A 1820 365.77 -508.73 24.35
C ILE A 1820 365.77 -509.59 23.10
N ALA A 1821 365.55 -508.97 21.94
CA ALA A 1821 365.45 -509.73 20.70
C ALA A 1821 366.79 -510.28 20.28
N LYS A 1822 367.87 -509.52 20.50
CA LYS A 1822 369.19 -509.98 20.09
C LYS A 1822 369.66 -511.14 20.97
N LEU A 1823 369.24 -511.14 22.24
CA LEU A 1823 369.59 -512.25 23.12
C LEU A 1823 368.80 -513.50 22.77
N GLU A 1824 367.68 -513.34 22.06
CA GLU A 1824 366.96 -514.51 21.59
C GLU A 1824 367.69 -515.18 20.44
N GLN A 1825 368.40 -514.40 19.62
CA GLN A 1825 369.12 -514.99 18.50
C GLN A 1825 370.42 -515.63 18.96
N ARG A 1826 370.86 -515.31 20.17
CA ARG A 1826 372.03 -515.98 20.71
C ARG A 1826 371.71 -517.40 21.14
N VAL A 1827 370.60 -517.58 21.87
CA VAL A 1827 370.31 -518.87 22.48
C VAL A 1827 369.86 -519.88 21.42
N ARG A 1828 369.23 -519.41 20.36
CA ARG A 1828 368.74 -520.31 19.31
C ARG A 1828 369.90 -520.91 18.53
N GLU A 1829 370.98 -520.16 18.37
CA GLU A 1829 372.13 -520.71 17.66
C GLU A 1829 373.10 -521.41 18.60
N LEU A 1830 373.07 -521.05 19.89
CA LEU A 1830 374.00 -521.68 20.82
C LEU A 1830 373.52 -523.09 21.16
N GLU A 1831 372.20 -523.29 21.15
CA GLU A 1831 371.66 -524.61 21.42
C GLU A 1831 371.95 -525.58 20.29
N ASN A 1832 371.97 -525.07 19.06
CA ASN A 1832 372.28 -525.92 17.91
C ASN A 1832 373.76 -526.28 17.90
N GLU A 1833 374.58 -525.47 18.57
CA GLU A 1833 375.95 -525.89 18.83
C GLU A 1833 375.93 -527.03 19.83
N LEU A 1834 375.04 -526.94 20.82
CA LEU A 1834 374.97 -527.98 21.83
C LEU A 1834 374.21 -529.19 21.31
N ASP A 1835 373.23 -528.98 20.44
CA ASP A 1835 372.54 -530.11 19.84
C ASP A 1835 373.45 -530.85 18.88
N GLY A 1836 374.25 -530.10 18.13
CA GLY A 1836 375.10 -530.73 17.12
C GLY A 1836 376.29 -531.44 17.73
N GLU A 1837 376.78 -530.94 18.87
CA GLU A 1837 377.96 -531.57 19.46
C GLU A 1837 377.59 -532.87 20.15
N GLN A 1838 376.35 -532.99 20.60
CA GLN A 1838 375.91 -534.27 21.16
C GLN A 1838 375.77 -535.32 20.08
N ARG A 1839 375.61 -534.90 18.83
CA ARG A 1839 375.79 -535.84 17.73
C ARG A 1839 377.27 -536.19 17.58
N ARG A 1840 378.14 -535.23 17.85
CA ARG A 1840 379.57 -535.48 17.65
C ARG A 1840 380.17 -536.20 18.85
N HIS A 1841 379.45 -536.23 19.95
CA HIS A 1841 379.87 -537.08 21.06
C HIS A 1841 379.54 -538.53 20.79
N ALA A 1842 378.60 -538.77 19.88
CA ALA A 1842 378.04 -540.10 19.73
C ALA A 1842 379.02 -541.05 19.07
N ASP A 1843 379.57 -540.65 17.93
CA ASP A 1843 380.43 -541.55 17.16
C ASP A 1843 381.74 -541.82 17.90
N ALA A 1844 382.13 -540.91 18.80
CA ALA A 1844 383.22 -541.21 19.70
C ALA A 1844 382.84 -542.32 20.67
N GLN A 1845 381.66 -542.20 21.28
CA GLN A 1845 381.21 -543.23 22.20
C GLN A 1845 380.81 -544.48 21.42
N LYS A 1846 380.35 -544.29 20.19
CA LYS A 1846 380.04 -545.44 19.34
C LYS A 1846 381.28 -546.26 19.05
N ASN A 1847 382.40 -545.58 18.80
CA ASN A 1847 383.61 -546.31 18.47
C ASN A 1847 384.23 -546.93 19.71
N LEU A 1848 383.94 -546.37 20.88
CA LEU A 1848 384.58 -546.88 22.09
C LEU A 1848 384.05 -548.24 22.48
N ARG A 1849 382.74 -548.45 22.35
CA ARG A 1849 382.19 -549.76 22.65
C ARG A 1849 382.63 -550.78 21.61
N LYS A 1850 382.78 -550.35 20.36
CA LYS A 1850 383.33 -551.26 19.36
C LYS A 1850 384.81 -551.50 19.61
N SER A 1851 385.48 -550.54 20.22
CA SER A 1851 386.85 -550.80 20.66
C SER A 1851 386.86 -551.71 21.88
N GLU A 1852 386.00 -551.44 22.86
CA GLU A 1852 386.10 -552.15 24.14
C GLU A 1852 385.56 -553.56 24.01
N ARG A 1853 384.70 -553.81 23.03
CA ARG A 1853 384.24 -555.17 22.80
C ARG A 1853 385.36 -556.04 22.25
N ARG A 1854 386.29 -555.44 21.51
CA ARG A 1854 387.39 -556.21 20.99
C ARG A 1854 388.42 -556.52 22.07
N ILE A 1855 388.66 -555.57 22.96
CA ILE A 1855 389.71 -555.75 23.97
C ILE A 1855 389.25 -556.69 25.07
N LYS A 1856 387.94 -556.93 25.16
CA LYS A 1856 387.48 -557.99 26.03
C LYS A 1856 387.45 -559.32 25.27
N GLU A 1857 387.49 -559.25 23.94
CA GLU A 1857 387.44 -560.47 23.16
C GLU A 1857 388.82 -561.08 23.02
N LEU A 1858 389.80 -560.28 22.58
CA LEU A 1858 391.13 -560.81 22.33
C LEU A 1858 391.82 -561.20 23.63
N SER A 1859 391.54 -560.47 24.70
CA SER A 1859 392.16 -560.78 25.98
C SER A 1859 391.64 -562.10 26.53
N PHE A 1860 390.38 -562.40 26.25
CA PHE A 1860 389.81 -563.67 26.70
C PHE A 1860 390.47 -564.83 25.99
N GLN A 1861 390.83 -564.65 24.73
CA GLN A 1861 391.66 -565.65 24.07
C GLN A 1861 393.09 -565.59 24.60
N ALA A 1862 393.53 -564.41 24.99
CA ALA A 1862 394.92 -564.25 25.40
C ALA A 1862 395.19 -564.98 26.71
N ASP A 1863 394.21 -565.00 27.61
CA ASP A 1863 394.40 -565.75 28.83
C ASP A 1863 394.21 -567.25 28.58
N GLU A 1864 393.60 -567.62 27.44
CA GLU A 1864 393.65 -569.02 27.05
C GLU A 1864 395.02 -569.39 26.53
N ASP A 1865 395.73 -568.44 25.92
CA ASP A 1865 397.11 -568.70 25.55
C ASP A 1865 397.99 -568.84 26.77
N ARG A 1866 397.64 -568.17 27.87
CA ARG A 1866 398.40 -568.36 29.09
C ARG A 1866 398.10 -569.70 29.73
N LYS A 1867 396.83 -570.09 29.74
CA LYS A 1867 396.46 -571.38 30.33
C LYS A 1867 396.94 -572.54 29.46
N ASN A 1868 397.15 -572.30 28.17
CA ASN A 1868 397.72 -573.32 27.31
C ASN A 1868 399.24 -573.39 27.47
N HIS A 1869 399.82 -572.43 28.17
CA HIS A 1869 401.26 -572.44 28.33
C HIS A 1869 401.68 -572.94 29.71
N GLU A 1870 400.86 -572.70 30.73
CA GLU A 1870 401.23 -573.13 32.08
C GLU A 1870 401.26 -574.64 32.20
N ARG A 1871 400.49 -575.34 31.37
CA ARG A 1871 400.63 -576.79 31.34
C ARG A 1871 401.77 -577.21 30.42
N MET A 1872 402.05 -576.41 29.39
CA MET A 1872 403.12 -576.76 28.45
C MET A 1872 404.47 -576.56 29.09
N GLN A 1873 404.59 -575.59 29.99
CA GLN A 1873 405.83 -575.40 30.72
C GLN A 1873 406.08 -576.58 31.65
N ASP A 1874 405.02 -577.06 32.31
CA ASP A 1874 405.17 -578.18 33.23
C ASP A 1874 405.48 -579.46 32.50
N LEU A 1875 405.09 -579.57 31.24
CA LEU A 1875 405.46 -580.73 30.45
C LEU A 1875 406.96 -580.74 30.16
N VAL A 1876 407.50 -579.58 29.77
CA VAL A 1876 408.94 -579.48 29.56
C VAL A 1876 409.66 -579.56 30.90
N ASP A 1877 409.00 -579.12 31.97
CA ASP A 1877 409.63 -579.17 33.29
C ASP A 1877 409.76 -580.59 33.80
N LYS A 1878 408.86 -581.48 33.36
CA LYS A 1878 408.97 -582.86 33.79
C LYS A 1878 409.92 -583.63 32.87
N LEU A 1879 410.15 -583.13 31.66
CA LEU A 1879 411.02 -583.84 30.75
C LEU A 1879 412.48 -583.43 30.92
N GLN A 1880 412.72 -582.15 31.24
CA GLN A 1880 414.09 -581.65 31.23
C GLN A 1880 414.87 -582.16 32.43
N GLN A 1881 414.18 -582.63 33.46
CA GLN A 1881 414.88 -583.32 34.53
C GLN A 1881 415.23 -584.74 34.12
N LYS A 1882 414.42 -585.32 33.24
CA LYS A 1882 414.63 -586.72 32.88
C LYS A 1882 415.75 -586.85 31.86
N ILE A 1883 415.92 -585.85 31.00
CA ILE A 1883 417.04 -585.89 30.06
C ILE A 1883 418.35 -585.71 30.82
N LYS A 1884 418.31 -585.05 31.97
CA LYS A 1884 419.47 -585.06 32.85
C LYS A 1884 419.64 -586.42 33.49
N THR A 1885 418.53 -587.13 33.72
CA THR A 1885 418.60 -588.39 34.43
C THR A 1885 419.20 -589.49 33.56
N TYR A 1886 418.69 -589.61 32.33
CA TYR A 1886 419.20 -590.65 31.45
C TYR A 1886 420.63 -590.38 31.05
N LYS A 1887 420.97 -589.10 30.85
CA LYS A 1887 422.34 -588.76 30.50
C LYS A 1887 423.27 -589.00 31.68
N ARG A 1888 422.75 -588.93 32.90
CA ARG A 1888 423.55 -589.37 34.04
C ARG A 1888 423.71 -590.88 34.02
N GLN A 1889 422.71 -591.60 33.52
CA GLN A 1889 422.80 -593.04 33.57
C GLN A 1889 423.74 -593.59 32.49
N ILE A 1890 423.70 -593.01 31.29
CA ILE A 1890 424.57 -593.52 30.25
C ILE A 1890 426.00 -593.04 30.48
N GLU A 1891 426.17 -592.00 31.28
CA GLU A 1891 427.52 -591.63 31.72
C GLU A 1891 427.94 -592.47 32.91
N GLU A 1892 427.01 -593.21 33.52
CA GLU A 1892 427.45 -594.28 34.40
C GLU A 1892 427.63 -595.57 33.64
N ALA A 1893 426.97 -595.70 32.48
CA ALA A 1893 426.93 -596.99 31.80
C ALA A 1893 428.27 -597.32 31.17
N GLU A 1894 428.83 -596.40 30.39
CA GLU A 1894 430.02 -596.67 29.60
C GLU A 1894 431.22 -596.86 30.51
N GLU A 1895 431.22 -596.18 31.65
CA GLU A 1895 432.30 -596.38 32.61
C GLU A 1895 432.16 -597.70 33.34
N ILE A 1896 430.94 -598.21 33.47
CA ILE A 1896 430.78 -599.57 33.98
C ILE A 1896 431.35 -600.57 33.00
N ALA A 1897 431.17 -600.31 31.70
CA ALA A 1897 431.72 -601.19 30.69
C ALA A 1897 433.24 -601.12 30.66
N ALA A 1898 433.80 -599.99 31.08
CA ALA A 1898 435.25 -599.84 31.06
C ALA A 1898 435.92 -600.74 32.08
N LEU A 1899 435.44 -600.70 33.32
CA LEU A 1899 436.03 -601.53 34.35
C LEU A 1899 435.71 -602.99 34.12
N ASN A 1900 434.59 -603.26 33.46
CA ASN A 1900 434.22 -604.65 33.20
C ASN A 1900 435.11 -605.25 32.13
N LEU A 1901 435.65 -604.41 31.25
CA LEU A 1901 436.68 -604.88 30.34
C LEU A 1901 438.02 -604.97 31.04
N ALA A 1902 438.21 -604.14 32.06
CA ALA A 1902 439.52 -604.05 32.70
C ALA A 1902 439.83 -605.30 33.51
N LYS A 1903 438.79 -606.01 33.95
CA LYS A 1903 439.03 -607.25 34.67
C LYS A 1903 439.44 -608.36 33.72
N PHE A 1904 438.72 -608.50 32.60
CA PHE A 1904 438.93 -609.56 31.63
C PHE A 1904 440.29 -609.42 30.96
N ARG A 1905 440.71 -608.17 30.74
CA ARG A 1905 442.05 -607.91 30.25
C ARG A 1905 443.10 -608.36 31.25
N LYS A 1906 442.82 -608.18 32.54
CA LYS A 1906 443.72 -608.72 33.55
C LYS A 1906 443.55 -610.23 33.65
N ALA A 1907 442.34 -610.72 33.44
CA ALA A 1907 442.07 -612.13 33.70
C ALA A 1907 442.64 -613.02 32.59
N GLN A 1908 442.44 -612.64 31.33
CA GLN A 1908 442.83 -613.51 30.23
C GLN A 1908 444.33 -613.59 30.10
N GLN A 1909 445.03 -612.51 30.49
CA GLN A 1909 446.48 -612.44 30.34
C GLN A 1909 447.17 -613.46 31.24
N GLU A 1910 446.69 -613.61 32.47
CA GLU A 1910 447.28 -614.61 33.34
C GLU A 1910 446.81 -616.01 32.95
N LEU A 1911 445.66 -616.10 32.28
CA LEU A 1911 445.22 -617.39 31.77
C LEU A 1911 446.08 -617.82 30.58
N GLU A 1912 446.58 -616.85 29.81
CA GLU A 1912 447.57 -617.17 28.79
C GLU A 1912 448.87 -617.64 29.42
N GLU A 1913 449.19 -617.14 30.61
CA GLU A 1913 450.36 -617.63 31.32
C GLU A 1913 450.10 -619.02 31.88
N ALA A 1914 448.84 -619.33 32.18
CA ALA A 1914 448.54 -620.55 32.91
C ALA A 1914 448.31 -621.73 31.99
N GLU A 1915 447.75 -621.50 30.80
CA GLU A 1915 447.33 -622.63 29.98
C GLU A 1915 448.53 -623.30 29.31
N GLU A 1916 449.64 -622.59 29.19
CA GLU A 1916 450.84 -623.19 28.60
C GLU A 1916 451.47 -624.17 29.58
N ARG A 1917 451.20 -623.99 30.87
CA ARG A 1917 451.67 -624.93 31.87
C ARG A 1917 451.03 -626.29 31.67
N ALA A 1918 449.77 -626.31 31.26
CA ALA A 1918 449.08 -627.59 31.06
C ALA A 1918 449.59 -628.29 29.80
N ASP A 1919 449.92 -627.52 28.77
CA ASP A 1919 450.34 -628.14 27.52
C ASP A 1919 451.76 -628.71 27.62
N LEU A 1920 452.64 -628.04 28.37
CA LEU A 1920 453.97 -628.58 28.58
C LEU A 1920 453.91 -629.81 29.48
N ALA A 1921 452.96 -629.82 30.42
CA ALA A 1921 452.80 -630.99 31.29
C ALA A 1921 452.23 -632.16 30.51
N GLU A 1922 451.43 -631.88 29.48
CA GLU A 1922 450.77 -632.94 28.73
C GLU A 1922 451.77 -633.72 27.90
N GLN A 1923 452.65 -633.01 27.19
CA GLN A 1923 453.67 -633.68 26.40
C GLN A 1923 454.74 -634.32 27.28
N ALA A 1924 454.84 -633.87 28.53
CA ALA A 1924 455.81 -634.45 29.44
C ALA A 1924 455.38 -635.84 29.91
N ILE A 1925 454.13 -635.96 30.36
CA ILE A 1925 453.69 -637.22 30.97
C ILE A 1925 453.47 -638.28 29.91
N ALA A 1926 452.94 -637.89 28.74
CA ALA A 1926 452.67 -638.84 27.68
C ALA A 1926 453.95 -639.43 27.12
N LYS A 1927 455.01 -638.64 27.09
CA LYS A 1927 456.33 -639.19 26.78
C LYS A 1927 456.82 -640.06 27.93
N PHE A 1928 456.46 -639.70 29.16
CA PHE A 1928 456.93 -640.41 30.33
C PHE A 1928 456.09 -641.66 30.60
N ARG A 1929 455.01 -641.85 29.84
CA ARG A 1929 454.04 -642.90 30.14
C ARG A 1929 454.60 -644.30 29.87
N THR A 1930 455.33 -644.47 28.76
CA THR A 1930 455.72 -645.79 28.33
C THR A 1930 456.79 -646.40 29.22
N GLU B 854 -483.87 626.58 -39.60
CA GLU B 854 -482.47 626.95 -39.72
C GLU B 854 -481.56 625.83 -39.19
N GLU B 855 -482.16 624.77 -38.66
CA GLU B 855 -481.38 623.73 -37.99
C GLU B 855 -481.43 622.40 -38.75
N GLU B 856 -482.29 622.29 -39.76
CA GLU B 856 -482.43 621.01 -40.46
C GLU B 856 -481.23 620.73 -41.36
N MET B 857 -480.52 621.76 -41.79
CA MET B 857 -479.40 621.56 -42.71
C MET B 857 -478.17 621.02 -41.98
N ARG B 858 -478.01 621.38 -40.71
CA ARG B 858 -476.76 621.08 -40.02
C ARG B 858 -476.68 619.61 -39.59
N LYS B 859 -477.83 618.97 -39.35
CA LYS B 859 -477.79 617.57 -38.94
C LYS B 859 -477.55 616.66 -40.14
N LEU B 860 -477.82 617.15 -41.35
CA LEU B 860 -477.62 616.31 -42.54
C LEU B 860 -476.17 616.32 -42.99
N GLU B 861 -475.47 617.45 -42.80
CA GLU B 861 -474.06 617.50 -43.17
C GLU B 861 -473.19 616.79 -42.14
N GLU B 862 -473.63 616.76 -40.87
CA GLU B 862 -472.94 615.94 -39.89
C GLU B 862 -473.29 614.47 -40.03
N LEU B 863 -474.40 614.16 -40.72
CA LEU B 863 -474.75 612.77 -40.95
C LEU B 863 -473.83 612.11 -41.97
N VAL B 864 -473.50 612.83 -43.05
CA VAL B 864 -472.68 612.24 -44.10
C VAL B 864 -471.21 612.29 -43.69
N ALA B 865 -470.86 613.13 -42.72
CA ALA B 865 -469.47 613.29 -42.33
C ALA B 865 -469.00 612.14 -41.44
N THR B 866 -469.91 611.58 -40.64
CA THR B 866 -469.53 610.50 -39.74
C THR B 866 -469.39 609.18 -40.48
N THR B 867 -470.00 609.06 -41.66
CA THR B 867 -469.96 607.80 -42.38
C THR B 867 -468.72 607.70 -43.26
N GLN B 868 -468.34 608.79 -43.92
CA GLN B 868 -467.17 608.75 -44.78
C GLN B 868 -465.88 608.74 -43.97
N ALA B 869 -465.90 609.35 -42.78
CA ALA B 869 -464.72 609.33 -41.92
C ALA B 869 -464.54 607.95 -41.30
N ALA B 870 -465.63 607.26 -40.99
CA ALA B 870 -465.53 605.92 -40.41
C ALA B 870 -465.15 604.89 -41.46
N LEU B 871 -465.58 605.08 -42.70
CA LEU B 871 -465.42 604.04 -43.73
C LEU B 871 -463.97 603.93 -44.18
N GLU B 872 -463.22 605.03 -44.16
CA GLU B 872 -461.81 604.95 -44.51
C GLU B 872 -460.98 604.41 -43.34
N LYS B 873 -461.57 604.38 -42.14
CA LYS B 873 -460.82 603.96 -40.96
C LYS B 873 -460.93 602.46 -40.74
N GLU B 874 -462.03 601.84 -41.16
CA GLU B 874 -462.20 600.41 -40.95
C GLU B 874 -461.28 599.59 -41.85
N GLU B 875 -461.33 599.83 -43.16
CA GLU B 875 -460.58 599.00 -44.10
C GLU B 875 -459.09 599.32 -44.07
N LYS B 876 -458.71 600.46 -43.48
CA LYS B 876 -457.30 600.70 -43.18
C LYS B 876 -456.85 599.79 -42.04
N ALA B 877 -457.73 599.55 -41.06
CA ALA B 877 -457.35 598.71 -39.93
C ALA B 877 -457.53 597.23 -40.25
N ARG B 878 -458.50 596.89 -41.09
CA ARG B 878 -458.72 595.48 -41.43
C ARG B 878 -457.66 594.95 -42.38
N LYS B 879 -456.89 595.85 -43.00
CA LYS B 879 -455.83 595.42 -43.91
C LYS B 879 -454.54 595.13 -43.15
N GLU B 880 -454.23 595.92 -42.12
CA GLU B 880 -452.90 595.88 -41.53
C GLU B 880 -452.80 594.83 -40.42
N VAL B 881 -453.91 594.22 -40.03
CA VAL B 881 -453.87 593.27 -38.91
C VAL B 881 -453.27 591.94 -39.34
N GLU B 882 -453.55 591.51 -40.58
CA GLU B 882 -452.90 590.30 -41.09
C GLU B 882 -451.64 590.65 -41.86
N ALA B 883 -451.48 591.91 -42.26
CA ALA B 883 -450.30 592.32 -42.99
C ALA B 883 -449.07 592.31 -42.10
N LEU B 884 -449.24 592.64 -40.82
CA LEU B 884 -448.11 592.60 -39.90
C LEU B 884 -447.95 591.22 -39.29
N ASN B 885 -449.06 590.50 -39.09
CA ASN B 885 -449.00 589.23 -38.37
C ASN B 885 -448.45 588.10 -39.24
N ALA B 886 -448.84 588.06 -40.52
CA ALA B 886 -448.49 586.91 -41.35
C ALA B 886 -447.03 586.94 -41.76
N LYS B 887 -446.46 588.13 -41.96
CA LYS B 887 -445.04 588.21 -42.34
C LYS B 887 -444.13 588.01 -41.14
N LEU B 888 -444.69 588.08 -39.93
CA LEU B 888 -443.88 587.82 -38.73
C LEU B 888 -443.88 586.34 -38.36
N ILE B 889 -444.93 585.60 -38.72
CA ILE B 889 -444.97 584.20 -38.32
C ILE B 889 -444.21 583.32 -39.32
N GLN B 890 -443.98 583.81 -40.54
CA GLN B 890 -443.24 583.01 -41.50
C GLN B 890 -441.73 583.17 -41.29
N GLU B 891 -441.31 584.34 -40.79
CA GLU B 891 -439.88 584.61 -40.68
C GLU B 891 -439.27 583.94 -39.45
N LYS B 892 -440.10 583.43 -38.54
CA LYS B 892 -439.56 582.63 -37.44
C LYS B 892 -439.48 581.16 -37.82
N THR B 893 -440.26 580.73 -38.82
CA THR B 893 -440.35 579.31 -39.14
C THR B 893 -439.13 578.84 -39.92
N ASP B 894 -438.63 579.69 -40.82
CA ASP B 894 -437.45 579.31 -41.60
C ASP B 894 -436.17 579.48 -40.78
N LEU B 895 -436.23 580.28 -39.71
CA LEU B 895 -435.05 580.46 -38.87
C LEU B 895 -434.97 579.41 -37.78
N LEU B 896 -436.12 578.84 -37.38
CA LEU B 896 -436.09 577.85 -36.30
C LEU B 896 -435.53 576.53 -36.79
N ARG B 897 -435.85 576.12 -38.01
CA ARG B 897 -435.27 574.89 -38.55
C ARG B 897 -433.80 575.09 -38.89
N ASN B 898 -433.41 576.35 -39.15
CA ASN B 898 -432.00 576.68 -39.25
C ASN B 898 -431.35 576.69 -37.86
N LEU B 899 -432.15 576.92 -36.82
CA LEU B 899 -431.57 577.02 -35.47
C LEU B 899 -431.29 575.65 -34.89
N GLU B 900 -432.28 574.76 -34.86
CA GLU B 900 -432.10 573.47 -34.18
C GLU B 900 -431.22 572.54 -35.00
N GLY B 901 -431.13 572.76 -36.31
CA GLY B 901 -430.19 572.02 -37.12
C GLY B 901 -428.75 572.46 -36.89
N GLU B 902 -428.58 573.73 -36.51
CA GLU B 902 -427.24 574.23 -36.20
C GLU B 902 -426.88 573.93 -34.75
N LYS B 903 -427.88 573.86 -33.87
CA LYS B 903 -427.65 573.45 -32.49
C LYS B 903 -427.34 571.95 -32.41
N GLY B 904 -427.74 571.20 -33.43
CA GLY B 904 -427.26 569.82 -33.53
C GLY B 904 -425.88 569.74 -34.15
N SER B 905 -425.47 570.79 -34.86
CA SER B 905 -424.18 570.77 -35.54
C SER B 905 -423.06 571.21 -34.61
N ILE B 906 -423.39 571.96 -33.56
CA ILE B 906 -422.34 572.44 -32.66
C ILE B 906 -421.91 571.34 -31.71
N SER B 907 -422.81 570.41 -31.42
CA SER B 907 -422.44 569.27 -30.57
C SER B 907 -421.72 568.21 -31.38
N SER B 908 -421.87 568.25 -32.71
CA SER B 908 -421.17 567.29 -33.57
C SER B 908 -419.67 567.50 -33.54
N ILE B 909 -419.24 568.77 -33.50
CA ILE B 909 -417.81 569.08 -33.38
C ILE B 909 -417.31 568.73 -31.98
N GLN B 910 -418.22 568.65 -31.01
CA GLN B 910 -417.81 568.29 -29.66
C GLN B 910 -417.65 566.78 -29.50
N GLU B 911 -418.49 566.00 -30.18
CA GLU B 911 -418.38 564.55 -30.05
C GLU B 911 -417.28 564.00 -30.95
N LYS B 912 -417.02 564.66 -32.08
CA LYS B 912 -415.99 564.16 -32.99
C LYS B 912 -414.60 564.45 -32.46
N ALA B 913 -414.46 565.51 -31.65
CA ALA B 913 -413.16 565.86 -31.10
C ALA B 913 -412.79 564.99 -29.90
N ALA B 914 -413.78 564.49 -29.17
CA ALA B 914 -413.48 563.64 -28.02
C ALA B 914 -413.06 562.25 -28.46
N LYS B 915 -413.79 561.66 -29.42
CA LYS B 915 -413.40 560.39 -30.01
C LYS B 915 -412.16 560.51 -30.87
N LEU B 916 -411.78 561.73 -31.26
CA LEU B 916 -410.52 561.92 -31.96
C LEU B 916 -409.34 561.55 -31.09
N GLN B 917 -409.20 562.22 -29.93
CA GLN B 917 -407.96 562.17 -29.18
C GLN B 917 -407.78 560.83 -28.47
N ALA B 918 -408.87 560.16 -28.15
CA ALA B 918 -408.77 558.80 -27.63
C ALA B 918 -408.29 557.84 -28.71
N GLN B 919 -408.79 558.02 -29.94
CA GLN B 919 -408.30 557.23 -31.06
C GLN B 919 -406.92 557.71 -31.50
N LYS B 920 -406.66 559.01 -31.36
CA LYS B 920 -405.38 559.59 -31.78
C LYS B 920 -404.23 559.09 -30.92
N SER B 921 -404.43 559.05 -29.61
CA SER B 921 -403.36 558.69 -28.67
C SER B 921 -402.93 557.23 -28.85
N ASP B 922 -403.86 556.38 -29.30
CA ASP B 922 -403.49 555.01 -29.67
C ASP B 922 -402.55 555.00 -30.86
N LEU B 923 -402.71 555.97 -31.77
CA LEU B 923 -401.79 556.02 -32.91
C LEU B 923 -400.43 556.55 -32.50
N GLU B 924 -400.37 557.46 -31.53
CA GLU B 924 -399.07 557.91 -31.06
C GLU B 924 -398.42 556.89 -30.13
N SER B 925 -399.22 555.99 -29.55
CA SER B 925 -398.62 554.84 -28.89
C SER B 925 -397.89 553.96 -29.91
N GLN B 926 -398.48 553.79 -31.09
CA GLN B 926 -397.82 553.04 -32.15
C GLN B 926 -396.73 553.86 -32.81
N LEU B 927 -396.71 555.18 -32.58
CA LEU B 927 -395.54 555.96 -32.94
C LEU B 927 -394.37 555.61 -32.03
N MET B 928 -394.68 555.23 -30.80
CA MET B 928 -393.64 554.86 -29.85
C MET B 928 -393.39 553.36 -29.83
N ASP B 929 -394.46 552.56 -29.94
CA ASP B 929 -394.31 551.10 -29.82
C ASP B 929 -393.56 550.52 -31.00
N THR B 930 -393.93 550.93 -32.22
CA THR B 930 -393.22 550.45 -33.40
C THR B 930 -391.82 551.03 -33.47
N GLN B 931 -391.61 552.19 -32.85
CA GLN B 931 -390.27 552.75 -32.80
C GLN B 931 -389.37 551.93 -31.89
N GLU B 932 -389.81 551.68 -30.66
CA GLU B 932 -388.93 551.04 -29.68
C GLU B 932 -388.77 549.56 -29.96
N ARG B 933 -389.80 548.92 -30.50
CA ARG B 933 -389.66 547.51 -30.85
C ARG B 933 -388.72 547.31 -32.01
N LEU B 934 -388.58 548.33 -32.87
CA LEU B 934 -387.52 548.31 -33.86
C LEU B 934 -386.16 548.41 -33.20
N GLN B 935 -386.06 549.21 -32.14
CA GLN B 935 -384.81 549.28 -31.39
C GLN B 935 -384.67 548.09 -30.47
N GLN B 936 -385.76 547.37 -30.21
CA GLN B 936 -385.66 546.13 -29.45
C GLN B 936 -384.92 545.07 -30.23
N GLU B 937 -385.04 545.10 -31.56
CA GLU B 937 -384.55 543.98 -32.35
C GLU B 937 -383.09 544.16 -32.74
N GLU B 938 -382.72 545.34 -33.25
CA GLU B 938 -381.37 545.50 -33.79
C GLU B 938 -380.34 545.56 -32.68
N ASP B 939 -380.73 545.98 -31.48
CA ASP B 939 -379.86 545.84 -30.34
C ASP B 939 -379.81 544.40 -29.86
N ASN B 940 -380.92 543.67 -30.00
CA ASN B 940 -380.87 542.23 -29.75
C ASN B 940 -380.10 541.53 -30.87
N ARG B 941 -380.11 542.12 -32.06
CA ARG B 941 -379.28 541.62 -33.15
C ARG B 941 -377.79 541.80 -32.83
N ASN B 942 -377.46 542.81 -32.02
CA ASN B 942 -376.05 543.10 -31.74
C ASN B 942 -375.43 541.98 -30.93
N GLN B 943 -376.13 541.50 -29.90
CA GLN B 943 -375.64 540.33 -29.17
C GLN B 943 -375.79 539.07 -30.01
N MET B 944 -376.73 539.07 -30.95
CA MET B 944 -376.87 537.95 -31.86
C MET B 944 -375.70 537.90 -32.82
N PHE B 945 -375.26 539.04 -33.33
CA PHE B 945 -374.10 539.07 -34.20
C PHE B 945 -372.82 538.90 -33.40
N GLN B 946 -372.86 539.28 -32.12
CA GLN B 946 -371.74 538.98 -31.25
C GLN B 946 -371.68 537.49 -30.94
N GLN B 947 -372.83 536.82 -30.97
CA GLN B 947 -372.88 535.39 -30.70
C GLN B 947 -372.22 534.59 -31.81
N LYS B 948 -372.09 535.18 -33.00
CA LYS B 948 -371.62 534.39 -34.13
C LYS B 948 -370.11 534.49 -34.30
N LYS B 949 -369.58 535.70 -34.44
CA LYS B 949 -368.19 535.83 -34.89
C LYS B 949 -367.20 535.46 -33.79
N LYS B 950 -367.60 535.61 -32.52
CA LYS B 950 -366.71 535.23 -31.44
C LYS B 950 -366.78 533.72 -31.19
N LEU B 951 -367.81 533.07 -31.73
CA LEU B 951 -367.82 531.62 -31.70
C LEU B 951 -367.25 531.02 -32.97
N GLU B 952 -367.39 531.74 -34.09
CA GLU B 952 -366.92 531.21 -35.37
C GLU B 952 -365.39 531.21 -35.43
N GLN B 953 -364.76 532.07 -34.64
CA GLN B 953 -363.31 531.97 -34.46
C GLN B 953 -362.96 530.70 -33.71
N GLU B 954 -363.81 530.28 -32.76
CA GLU B 954 -363.57 529.02 -32.07
C GLU B 954 -363.97 527.83 -32.94
N VAL B 955 -364.75 528.07 -33.98
CA VAL B 955 -365.07 527.00 -34.92
C VAL B 955 -363.85 526.59 -35.71
N GLY B 956 -363.03 527.56 -36.12
CA GLY B 956 -361.85 527.24 -36.91
C GLY B 956 -360.77 526.55 -36.10
N GLY B 957 -360.58 526.99 -34.85
CA GLY B 957 -359.47 526.48 -34.07
C GLY B 957 -359.66 525.06 -33.60
N LEU B 958 -360.89 524.70 -33.24
CA LEU B 958 -361.16 523.31 -32.89
C LEU B 958 -361.16 522.43 -34.12
N LYS B 959 -361.63 522.95 -35.26
CA LYS B 959 -361.55 522.18 -36.50
C LYS B 959 -360.12 522.16 -37.03
N LYS B 960 -359.29 523.11 -36.58
CA LYS B 960 -357.86 523.01 -36.85
C LYS B 960 -357.26 521.84 -36.08
N ASP B 961 -357.82 521.53 -34.91
CA ASP B 961 -357.26 520.47 -34.10
C ASP B 961 -357.58 519.10 -34.68
N ILE B 962 -358.72 518.96 -35.36
CA ILE B 962 -359.14 517.65 -35.88
C ILE B 962 -358.21 517.22 -37.01
N GLU B 963 -357.93 518.12 -37.94
CA GLU B 963 -356.96 517.81 -38.99
C GLU B 963 -355.54 517.71 -38.42
N ASP B 964 -355.30 518.36 -37.28
CA ASP B 964 -354.04 518.13 -36.58
C ASP B 964 -354.04 516.76 -35.94
N LEU B 965 -355.16 516.38 -35.31
CA LEU B 965 -355.21 515.10 -34.63
C LEU B 965 -355.32 513.96 -35.64
N GLU B 966 -355.80 514.24 -36.84
CA GLU B 966 -355.76 513.24 -37.89
C GLU B 966 -354.33 512.97 -38.33
N LEU B 967 -353.48 514.01 -38.34
CA LEU B 967 -352.09 513.86 -38.73
C LEU B 967 -351.31 513.04 -37.72
N SER B 968 -351.59 513.24 -36.43
CA SER B 968 -350.93 512.43 -35.41
C SER B 968 -351.53 511.03 -35.35
N LEU B 969 -352.76 510.86 -35.85
CA LEU B 969 -353.33 509.52 -35.93
C LEU B 969 -352.70 508.74 -37.07
N GLN B 970 -352.49 509.38 -38.21
CA GLN B 970 -351.91 508.68 -39.35
C GLN B 970 -350.43 508.43 -39.16
N LYS B 971 -349.78 509.21 -38.29
CA LYS B 971 -348.39 508.93 -37.95
C LYS B 971 -348.29 507.65 -37.15
N SER B 972 -349.23 507.44 -36.22
CA SER B 972 -349.21 506.21 -35.44
C SER B 972 -349.71 505.03 -36.26
N ASP B 973 -350.67 505.29 -37.17
CA ASP B 973 -351.25 504.21 -37.96
C ASP B 973 -350.21 503.66 -38.95
N GLN B 974 -349.38 504.53 -39.50
CA GLN B 974 -348.28 504.05 -40.34
C GLN B 974 -347.20 503.42 -39.49
N ASP B 975 -347.07 503.84 -38.23
CA ASP B 975 -346.00 503.32 -37.40
C ASP B 975 -346.36 501.96 -36.83
N LYS B 976 -347.65 501.69 -36.68
CA LYS B 976 -348.08 500.47 -36.00
C LYS B 976 -347.81 499.24 -36.85
N ALA B 977 -348.23 499.25 -38.11
CA ALA B 977 -348.01 498.09 -38.95
C ALA B 977 -346.56 497.99 -39.41
N SER B 978 -345.85 499.11 -39.39
CA SER B 978 -344.42 499.06 -39.74
C SER B 978 -343.63 498.41 -38.60
N LYS B 979 -344.08 498.62 -37.38
CA LYS B 979 -343.48 497.89 -36.28
C LYS B 979 -343.96 496.44 -36.30
N ASP B 980 -345.14 496.18 -36.86
CA ASP B 980 -345.58 494.82 -37.08
C ASP B 980 -344.74 494.13 -38.13
N HIS B 981 -344.15 494.91 -39.04
CA HIS B 981 -343.16 494.35 -39.94
C HIS B 981 -341.90 493.99 -39.19
N GLN B 982 -341.60 494.70 -38.11
CA GLN B 982 -340.41 494.40 -37.34
C GLN B 982 -340.64 493.19 -36.43
N ILE B 983 -341.88 492.96 -36.03
CA ILE B 983 -342.11 491.90 -35.07
C ILE B 983 -342.07 490.53 -35.75
N ARG B 984 -342.42 490.47 -37.03
CA ARG B 984 -342.66 489.18 -37.63
C ARG B 984 -341.36 488.46 -37.98
N ASN B 985 -340.39 489.18 -38.55
CA ASN B 985 -339.10 488.57 -38.82
C ASN B 985 -338.32 488.38 -37.53
N LEU B 986 -338.62 489.17 -36.52
CA LEU B 986 -338.08 488.89 -35.20
C LEU B 986 -338.78 487.70 -34.57
N ASN B 987 -340.07 487.52 -34.89
CA ASN B 987 -340.75 486.30 -34.48
C ASN B 987 -340.29 485.12 -35.31
N ASP B 988 -339.73 485.39 -36.49
CA ASP B 988 -339.17 484.31 -37.30
C ASP B 988 -337.88 483.79 -36.68
N GLU B 989 -336.99 484.70 -36.25
CA GLU B 989 -335.69 484.28 -35.74
C GLU B 989 -335.82 483.59 -34.39
N ILE B 990 -336.76 484.03 -33.56
CA ILE B 990 -337.03 483.34 -32.32
C ILE B 990 -337.65 481.97 -32.60
N ALA B 991 -338.28 481.81 -33.75
CA ALA B 991 -338.74 480.48 -34.17
C ALA B 991 -337.65 479.74 -34.91
N HIS B 992 -336.67 480.47 -35.46
CA HIS B 992 -335.67 479.86 -36.32
C HIS B 992 -334.70 479.00 -35.52
N GLN B 993 -334.24 479.50 -34.38
CA GLN B 993 -333.29 478.73 -33.58
C GLN B 993 -334.00 477.66 -32.77
N ASP B 994 -335.34 477.70 -32.73
CA ASP B 994 -336.15 476.92 -31.81
C ASP B 994 -336.00 475.42 -32.01
N GLU B 995 -336.05 474.96 -33.26
CA GLU B 995 -335.77 473.56 -33.50
C GLU B 995 -334.26 473.31 -33.46
N LEU B 996 -333.46 474.36 -33.68
CA LEU B 996 -332.03 474.18 -33.73
C LEU B 996 -331.45 473.95 -32.34
N ILE B 997 -331.95 474.68 -31.35
CA ILE B 997 -331.48 474.45 -29.99
C ILE B 997 -332.01 473.12 -29.47
N ASN B 998 -333.22 472.75 -29.88
CA ASN B 998 -333.74 471.44 -29.50
C ASN B 998 -333.04 470.34 -30.27
N LYS B 999 -332.46 470.67 -31.43
CA LYS B 999 -331.59 469.72 -32.09
C LYS B 999 -330.30 469.53 -31.32
N LEU B 1000 -329.72 470.63 -30.84
CA LEU B 1000 -328.55 470.53 -29.98
C LEU B 1000 -328.90 469.87 -28.65
N ASN B 1001 -330.14 470.08 -28.17
CA ASN B 1001 -330.58 469.42 -26.95
C ASN B 1001 -330.68 467.92 -27.15
N LYS B 1002 -331.16 467.49 -28.32
CA LYS B 1002 -331.32 466.06 -28.52
C LYS B 1002 -330.00 465.42 -28.89
N GLU B 1003 -328.98 466.22 -29.21
CA GLU B 1003 -327.66 465.65 -29.44
C GLU B 1003 -327.02 465.19 -28.14
N LYS B 1004 -327.07 466.02 -27.10
CA LYS B 1004 -326.44 465.65 -25.84
C LYS B 1004 -327.21 464.54 -25.15
N LYS B 1005 -328.51 464.46 -25.37
CA LYS B 1005 -329.27 463.34 -24.85
C LYS B 1005 -329.00 462.07 -25.66
N MET B 1006 -328.57 462.22 -26.91
CA MET B 1006 -328.22 461.05 -27.71
C MET B 1006 -326.82 460.56 -27.37
N GLN B 1007 -325.86 461.49 -27.29
CA GLN B 1007 -324.48 461.07 -27.04
C GLN B 1007 -324.21 460.91 -25.55
N GLY B 1008 -325.23 461.10 -24.72
CA GLY B 1008 -325.05 460.99 -23.28
C GLY B 1008 -324.74 459.58 -22.84
N GLU B 1009 -325.59 458.63 -23.21
CA GLU B 1009 -325.26 457.23 -22.94
C GLU B 1009 -324.13 456.76 -23.84
N HIS B 1010 -323.99 457.37 -25.00
CA HIS B 1010 -322.90 457.02 -25.90
C HIS B 1010 -321.57 457.50 -25.35
N THR B 1011 -321.59 458.53 -24.51
CA THR B 1011 -320.44 458.78 -23.66
C THR B 1011 -320.30 457.70 -22.61
N GLN B 1012 -321.43 457.28 -22.03
CA GLN B 1012 -321.38 456.36 -20.91
C GLN B 1012 -321.06 454.93 -21.36
N LYS B 1013 -321.64 454.49 -22.47
CA LYS B 1013 -321.49 453.10 -22.87
C LYS B 1013 -320.09 452.82 -23.38
N THR B 1014 -319.47 453.80 -24.04
CA THR B 1014 -318.08 453.63 -24.40
C THR B 1014 -317.17 453.84 -23.20
N ALA B 1015 -317.67 454.49 -22.16
CA ALA B 1015 -316.92 454.53 -20.91
C ALA B 1015 -317.04 453.21 -20.18
N GLU B 1016 -318.07 452.43 -20.49
CA GLU B 1016 -318.20 451.11 -19.89
C GLU B 1016 -317.18 450.13 -20.47
N GLU B 1017 -317.12 450.04 -21.80
CA GLU B 1017 -316.19 449.10 -22.43
C GLU B 1017 -314.74 449.50 -22.21
N LEU B 1018 -314.49 450.78 -21.93
CA LEU B 1018 -313.17 451.18 -21.47
C LEU B 1018 -312.86 450.53 -20.14
N GLN B 1019 -313.81 450.56 -19.21
CA GLN B 1019 -313.59 449.89 -17.94
C GLN B 1019 -313.82 448.39 -18.06
N ALA B 1020 -314.58 447.96 -19.07
CA ALA B 1020 -314.80 446.52 -19.24
C ALA B 1020 -313.60 445.85 -19.87
N SER B 1021 -312.66 446.62 -20.40
CA SER B 1021 -311.44 446.03 -20.91
C SER B 1021 -310.40 445.91 -19.81
N GLU B 1022 -310.22 446.98 -19.01
CA GLU B 1022 -309.08 447.08 -18.11
C GLU B 1022 -309.16 446.05 -16.99
N ASP B 1023 -310.37 445.75 -16.53
CA ASP B 1023 -310.52 444.70 -15.52
C ASP B 1023 -310.22 443.33 -16.11
N LYS B 1024 -310.67 443.09 -17.34
CA LYS B 1024 -310.36 441.83 -18.00
C LYS B 1024 -308.88 441.74 -18.32
N VAL B 1025 -308.26 442.89 -18.58
CA VAL B 1025 -306.79 442.96 -18.65
C VAL B 1025 -306.21 442.60 -17.30
N ASN B 1026 -306.78 443.18 -16.23
CA ASN B 1026 -306.33 442.88 -14.89
C ASN B 1026 -306.67 441.44 -14.51
N HIS B 1027 -307.70 440.87 -15.13
CA HIS B 1027 -308.07 439.51 -14.79
C HIS B 1027 -307.10 438.50 -15.39
N LEU B 1028 -306.90 438.56 -16.71
CA LEU B 1028 -306.13 437.53 -17.39
C LEU B 1028 -304.65 437.61 -17.06
N THR B 1029 -304.18 438.79 -16.65
CA THR B 1029 -302.81 438.92 -16.18
C THR B 1029 -302.56 438.08 -14.95
N LYS B 1030 -303.53 438.07 -14.02
CA LYS B 1030 -303.43 437.19 -12.87
C LYS B 1030 -303.54 435.74 -13.29
N VAL B 1031 -304.29 435.46 -14.36
CA VAL B 1031 -304.33 434.11 -14.90
C VAL B 1031 -303.00 433.76 -15.55
N LYS B 1032 -302.39 434.72 -16.25
CA LYS B 1032 -301.12 434.45 -16.89
C LYS B 1032 -300.01 434.27 -15.87
N ALA B 1033 -299.97 435.15 -14.86
CA ALA B 1033 -298.92 435.06 -13.85
C ALA B 1033 -299.06 433.81 -12.99
N LYS B 1034 -300.29 433.32 -12.83
CA LYS B 1034 -300.47 432.03 -12.20
C LYS B 1034 -299.97 430.92 -13.11
N LEU B 1035 -300.21 431.05 -14.41
CA LEU B 1035 -299.97 429.93 -15.31
C LEU B 1035 -298.49 429.78 -15.61
N GLU B 1036 -297.71 430.86 -15.49
CA GLU B 1036 -296.27 430.71 -15.62
C GLU B 1036 -295.69 429.99 -14.42
N GLN B 1037 -296.29 430.16 -13.25
CA GLN B 1037 -295.90 429.36 -12.10
C GLN B 1037 -296.35 427.91 -12.27
N THR B 1038 -297.47 427.71 -12.93
CA THR B 1038 -297.96 426.35 -13.19
C THR B 1038 -297.06 425.67 -14.23
N LEU B 1039 -296.47 426.47 -15.12
CA LEU B 1039 -295.46 425.96 -16.05
C LEU B 1039 -294.26 425.42 -15.30
N ASP B 1040 -293.94 426.00 -14.13
CA ASP B 1040 -292.74 425.59 -13.41
C ASP B 1040 -292.87 424.21 -12.81
N GLU B 1041 -293.98 423.94 -12.09
CA GLU B 1041 -294.04 422.71 -11.31
C GLU B 1041 -294.28 421.50 -12.20
N LEU B 1042 -294.68 421.72 -13.45
CA LEU B 1042 -294.59 420.65 -14.43
C LEU B 1042 -293.15 420.48 -14.90
N GLU B 1043 -292.42 421.59 -15.07
CA GLU B 1043 -291.16 421.54 -15.82
C GLU B 1043 -290.06 420.87 -15.02
N ASP B 1044 -289.95 421.18 -13.73
CA ASP B 1044 -288.96 420.51 -12.91
C ASP B 1044 -289.33 419.06 -12.67
N SER B 1045 -290.63 418.78 -12.59
CA SER B 1045 -291.08 417.41 -12.37
C SER B 1045 -290.89 416.57 -13.62
N LEU B 1046 -291.00 417.19 -14.80
CA LEU B 1046 -290.69 416.48 -16.03
C LEU B 1046 -289.19 416.25 -16.14
N GLU B 1047 -288.40 417.23 -15.71
CA GLU B 1047 -286.95 417.06 -15.72
C GLU B 1047 -286.53 416.01 -14.69
N ARG B 1048 -287.29 415.95 -13.60
CA ARG B 1048 -287.02 414.98 -12.56
C ARG B 1048 -287.23 413.63 -13.16
N GLU B 1049 -288.34 413.47 -13.86
CA GLU B 1049 -288.60 412.17 -14.44
C GLU B 1049 -287.58 411.84 -15.49
N LYS B 1050 -287.19 412.81 -16.29
CA LYS B 1050 -286.22 412.52 -17.32
C LYS B 1050 -284.91 412.07 -16.70
N LYS B 1051 -284.44 412.74 -15.67
CA LYS B 1051 -283.21 412.29 -15.07
C LYS B 1051 -283.36 410.89 -14.46
N LEU B 1052 -284.47 410.63 -13.78
CA LEU B 1052 -284.66 409.33 -13.14
C LEU B 1052 -284.66 408.21 -14.16
N ARG B 1053 -285.35 408.44 -15.25
CA ARG B 1053 -285.41 407.46 -16.31
C ARG B 1053 -284.01 407.24 -16.87
N GLY B 1054 -283.25 408.31 -17.06
CA GLY B 1054 -281.91 408.17 -17.58
C GLY B 1054 -281.07 407.32 -16.65
N ASP B 1055 -281.16 407.55 -15.35
CA ASP B 1055 -280.36 406.76 -14.44
C ASP B 1055 -280.73 405.29 -14.52
N VAL B 1056 -282.04 405.01 -14.56
CA VAL B 1056 -282.45 403.61 -14.63
C VAL B 1056 -281.96 402.96 -15.89
N GLU B 1057 -282.08 403.67 -16.99
CA GLU B 1057 -281.65 403.11 -18.24
C GLU B 1057 -280.16 402.87 -18.24
N LYS B 1058 -279.38 403.78 -17.65
CA LYS B 1058 -277.94 403.61 -17.58
C LYS B 1058 -277.62 402.36 -16.78
N ALA B 1059 -278.32 402.15 -15.66
CA ALA B 1059 -278.04 400.96 -14.88
C ALA B 1059 -278.32 399.73 -15.72
N LYS B 1060 -279.42 399.70 -16.44
CA LYS B 1060 -279.71 398.47 -17.14
C LYS B 1060 -278.47 398.16 -17.95
N ARG B 1061 -277.81 399.19 -18.45
CA ARG B 1061 -276.60 398.97 -19.23
C ARG B 1061 -275.55 398.22 -18.43
N LYS B 1062 -275.35 398.57 -17.17
CA LYS B 1062 -274.34 397.90 -16.37
C LYS B 1062 -274.66 396.42 -16.20
N VAL B 1063 -275.94 396.13 -15.95
CA VAL B 1063 -276.34 394.76 -15.78
C VAL B 1063 -276.11 393.97 -17.06
N GLU B 1064 -276.44 394.56 -18.19
CA GLU B 1064 -276.22 393.89 -19.46
C GLU B 1064 -274.74 393.62 -19.70
N GLY B 1065 -273.89 394.59 -19.33
CA GLY B 1065 -272.45 394.43 -19.49
C GLY B 1065 -271.95 393.27 -18.64
N ASP B 1066 -272.47 393.16 -17.43
CA ASP B 1066 -272.09 392.05 -16.56
C ASP B 1066 -272.50 390.73 -17.20
N LEU B 1067 -273.70 390.68 -17.78
CA LEU B 1067 -274.14 389.48 -18.44
C LEU B 1067 -273.20 389.13 -19.59
N LYS B 1068 -272.79 390.13 -20.37
CA LYS B 1068 -271.89 389.85 -21.47
C LYS B 1068 -270.56 389.29 -20.95
N LEU B 1069 -270.04 389.86 -19.88
CA LEU B 1069 -268.79 389.36 -19.31
C LEU B 1069 -268.90 387.93 -18.80
N THR B 1070 -270.03 387.61 -18.17
CA THR B 1070 -270.26 386.24 -17.72
C THR B 1070 -270.31 385.28 -18.90
N GLN B 1071 -270.95 385.70 -19.99
CA GLN B 1071 -271.01 384.88 -21.20
C GLN B 1071 -269.61 384.66 -21.79
N GLU B 1072 -268.78 385.70 -21.71
CA GLU B 1072 -267.41 385.62 -22.17
C GLU B 1072 -266.69 384.55 -21.34
N ALA B 1073 -266.92 384.56 -20.02
CA ALA B 1073 -266.30 383.56 -19.16
C ALA B 1073 -266.75 382.16 -19.59
N VAL B 1074 -268.04 381.99 -19.89
CA VAL B 1074 -268.49 380.69 -20.37
C VAL B 1074 -267.96 380.17 -21.75
N ALA B 1075 -267.76 381.03 -22.77
CA ALA B 1075 -267.29 380.46 -24.08
C ALA B 1075 -265.91 379.81 -23.87
N ASP B 1076 -265.08 380.59 -23.21
CA ASP B 1076 -263.82 380.25 -22.57
C ASP B 1076 -263.96 379.02 -21.69
N LEU B 1077 -265.14 378.85 -21.07
CA LEU B 1077 -265.34 377.65 -20.28
C LEU B 1077 -265.63 376.45 -21.17
N GLU B 1078 -266.07 376.70 -22.40
CA GLU B 1078 -266.03 375.66 -23.41
C GLU B 1078 -264.60 375.40 -23.84
N ARG B 1079 -263.78 376.44 -23.87
CA ARG B 1079 -262.39 376.30 -24.29
C ARG B 1079 -261.56 375.58 -23.24
N ASN B 1080 -261.97 375.68 -21.98
CA ASN B 1080 -261.34 374.88 -20.94
C ASN B 1080 -261.78 373.42 -21.05
N LYS B 1081 -263.08 373.18 -21.25
CA LYS B 1081 -263.61 371.83 -21.10
C LYS B 1081 -263.25 370.95 -22.28
N LYS B 1082 -262.81 371.54 -23.39
CA LYS B 1082 -262.37 370.72 -24.50
C LYS B 1082 -260.85 370.61 -24.54
N GLU B 1083 -260.15 371.57 -23.91
CA GLU B 1083 -258.71 371.43 -23.75
C GLU B 1083 -258.38 370.53 -22.56
N LEU B 1084 -259.38 370.14 -21.80
CA LEU B 1084 -259.12 369.21 -20.70
C LEU B 1084 -259.56 367.80 -21.08
N GLU B 1085 -260.65 367.69 -21.83
CA GLU B 1085 -261.18 366.35 -22.13
C GLU B 1085 -260.27 365.60 -23.11
N GLN B 1086 -259.47 366.34 -23.87
CA GLN B 1086 -258.43 365.71 -24.67
C GLN B 1086 -257.39 365.04 -23.78
N THR B 1087 -257.11 365.63 -22.62
CA THR B 1087 -256.17 365.03 -21.69
C THR B 1087 -256.79 363.82 -21.02
N ILE B 1088 -258.13 363.81 -20.92
CA ILE B 1088 -258.82 362.64 -20.37
C ILE B 1088 -258.64 361.44 -21.30
N GLN B 1089 -258.82 361.66 -22.59
CA GLN B 1089 -258.66 360.56 -23.54
C GLN B 1089 -257.20 360.19 -23.74
N ARG B 1090 -256.29 361.16 -23.69
CA ARG B 1090 -254.87 360.86 -23.93
C ARG B 1090 -254.29 360.09 -22.76
N LYS B 1091 -254.63 360.48 -21.53
CA LYS B 1091 -254.17 359.70 -20.38
C LYS B 1091 -254.95 358.40 -20.24
N ASP B 1092 -256.08 358.28 -20.94
CA ASP B 1092 -256.79 357.00 -20.96
C ASP B 1092 -256.03 356.00 -21.82
N LYS B 1093 -255.57 356.43 -23.01
CA LYS B 1093 -254.91 355.50 -23.91
C LYS B 1093 -253.49 355.18 -23.43
N GLU B 1094 -252.91 356.04 -22.60
CA GLU B 1094 -251.59 355.76 -22.09
C GLU B 1094 -251.63 354.68 -21.02
N ILE B 1095 -252.60 354.74 -20.12
CA ILE B 1095 -252.72 353.67 -19.13
C ILE B 1095 -253.24 352.40 -19.79
N ALA B 1096 -254.07 352.54 -20.82
CA ALA B 1096 -254.52 351.37 -21.57
C ALA B 1096 -253.36 350.76 -22.36
N SER B 1097 -252.32 351.55 -22.61
CA SER B 1097 -251.06 350.99 -23.09
C SER B 1097 -250.21 350.49 -21.93
N LEU B 1098 -250.04 351.31 -20.89
CA LEU B 1098 -249.08 350.93 -19.86
C LEU B 1098 -249.63 349.87 -18.92
N THR B 1099 -250.86 350.04 -18.42
CA THR B 1099 -251.36 349.08 -17.43
C THR B 1099 -251.76 347.76 -18.10
N ALA B 1100 -251.82 347.76 -19.43
CA ALA B 1100 -251.82 346.48 -20.13
C ALA B 1100 -250.42 345.89 -20.15
N LYS B 1101 -249.42 346.67 -20.53
CA LYS B 1101 -248.10 346.09 -20.78
C LYS B 1101 -247.33 345.86 -19.50
N LEU B 1102 -247.71 346.55 -18.40
CA LEU B 1102 -246.99 346.39 -17.15
C LEU B 1102 -247.25 345.02 -16.54
N GLU B 1103 -248.50 344.59 -16.53
CA GLU B 1103 -248.80 343.27 -15.98
C GLU B 1103 -248.28 342.18 -16.89
N ASP B 1104 -248.21 342.44 -18.20
CA ASP B 1104 -247.55 341.50 -19.10
C ASP B 1104 -246.05 341.44 -18.83
N GLU B 1105 -245.41 342.60 -18.67
CA GLU B 1105 -243.99 342.59 -18.30
C GLU B 1105 -243.81 342.27 -16.81
N GLN B 1106 -244.90 342.19 -16.07
CA GLN B 1106 -244.87 341.46 -14.81
C GLN B 1106 -245.02 339.96 -15.06
N SER B 1107 -245.83 339.59 -16.06
CA SER B 1107 -246.12 338.18 -16.29
C SER B 1107 -244.91 337.43 -16.83
N ILE B 1108 -244.01 338.14 -17.51
CA ILE B 1108 -242.75 337.52 -17.91
C ILE B 1108 -241.90 337.23 -16.67
N VAL B 1109 -241.97 338.11 -15.67
CA VAL B 1109 -241.16 337.95 -14.47
C VAL B 1109 -241.67 336.76 -13.65
N SER B 1110 -242.98 336.52 -13.70
CA SER B 1110 -243.55 335.49 -12.85
C SER B 1110 -243.23 334.09 -13.34
N LYS B 1111 -243.22 333.90 -14.66
CA LYS B 1111 -243.13 332.53 -15.17
C LYS B 1111 -241.68 332.07 -15.26
N THR B 1112 -240.72 333.00 -15.37
CA THR B 1112 -239.33 332.58 -15.40
C THR B 1112 -238.73 332.53 -14.02
N GLN B 1113 -239.36 333.20 -13.05
CA GLN B 1113 -238.97 332.98 -11.66
C GLN B 1113 -239.31 331.57 -11.23
N LYS B 1114 -240.38 331.00 -11.80
CA LYS B 1114 -240.66 329.58 -11.61
C LYS B 1114 -239.59 328.73 -12.27
N GLN B 1115 -239.02 329.20 -13.38
CA GLN B 1115 -237.94 328.46 -14.04
C GLN B 1115 -236.66 328.49 -13.22
N ILE B 1116 -236.31 329.66 -12.67
CA ILE B 1116 -235.09 329.72 -11.86
C ILE B 1116 -235.34 329.12 -10.48
N LYS B 1117 -236.59 328.83 -10.15
CA LYS B 1117 -236.84 327.99 -9.00
C LYS B 1117 -236.42 326.55 -9.30
N GLU B 1118 -236.89 326.00 -10.42
CA GLU B 1118 -236.68 324.58 -10.66
C GLU B 1118 -235.27 324.29 -11.17
N LEU B 1119 -234.69 325.21 -11.93
CA LEU B 1119 -233.37 324.94 -12.48
C LEU B 1119 -232.32 325.08 -11.39
N GLN B 1120 -232.55 325.96 -10.42
CA GLN B 1120 -231.71 325.94 -9.24
C GLN B 1120 -232.06 324.75 -8.36
N SER B 1121 -233.29 324.25 -8.47
CA SER B 1121 -233.65 323.04 -7.73
C SER B 1121 -233.03 321.80 -8.36
N ARG B 1122 -232.84 321.82 -9.68
CA ARG B 1122 -232.21 320.66 -10.31
C ARG B 1122 -230.74 320.57 -9.94
N ILE B 1123 -230.08 321.73 -9.76
CA ILE B 1123 -228.67 321.76 -9.43
C ILE B 1123 -228.42 321.15 -8.05
N GLU B 1124 -229.30 321.46 -7.10
CA GLU B 1124 -229.13 320.90 -5.76
C GLU B 1124 -229.54 319.44 -5.71
N GLU B 1125 -230.29 318.95 -6.70
CA GLU B 1125 -230.62 317.53 -6.69
C GLU B 1125 -229.76 316.76 -7.67
N LEU B 1126 -229.12 317.43 -8.62
CA LEU B 1126 -228.13 316.73 -9.44
C LEU B 1126 -226.86 316.54 -8.63
N GLU B 1127 -226.69 317.37 -7.60
CA GLU B 1127 -225.54 317.25 -6.70
C GLU B 1127 -225.57 315.94 -5.93
N GLU B 1128 -226.77 315.43 -5.60
CA GLU B 1128 -226.84 314.33 -4.65
C GLU B 1128 -226.40 313.01 -5.28
N GLU B 1129 -226.37 312.94 -6.61
CA GLU B 1129 -225.78 311.76 -7.24
C GLU B 1129 -224.34 312.00 -7.64
N VAL B 1130 -223.82 313.21 -7.39
CA VAL B 1130 -222.38 313.40 -7.60
C VAL B 1130 -221.61 312.71 -6.48
N GLU B 1131 -222.02 312.93 -5.23
CA GLU B 1131 -221.36 312.22 -4.13
C GLU B 1131 -221.80 310.76 -4.08
N ALA B 1132 -222.98 310.45 -4.61
CA ALA B 1132 -223.44 309.06 -4.58
C ALA B 1132 -222.69 308.21 -5.59
N GLU B 1133 -222.50 308.71 -6.80
CA GLU B 1133 -221.78 307.93 -7.79
C GLU B 1133 -220.29 308.17 -7.70
N ARG B 1134 -219.86 309.04 -6.80
CA ARG B 1134 -218.49 308.95 -6.32
C ARG B 1134 -218.35 307.72 -5.44
N GLN B 1135 -219.36 307.46 -4.61
CA GLN B 1135 -219.32 306.31 -3.71
C GLN B 1135 -219.44 305.00 -4.49
N ALA B 1136 -220.03 305.05 -5.68
CA ALA B 1136 -219.96 303.91 -6.56
C ALA B 1136 -218.53 303.66 -7.02
N ARG B 1137 -217.85 304.72 -7.48
CA ARG B 1137 -216.45 304.59 -7.90
C ARG B 1137 -215.56 304.29 -6.70
N GLY B 1138 -215.96 304.74 -5.51
CA GLY B 1138 -215.31 304.26 -4.31
C GLY B 1138 -215.52 302.78 -4.09
N LYS B 1139 -216.70 302.28 -4.43
CA LYS B 1139 -216.95 300.86 -4.24
C LYS B 1139 -216.37 300.05 -5.38
N ALA B 1140 -216.46 300.55 -6.61
CA ALA B 1140 -216.12 299.74 -7.77
C ALA B 1140 -214.62 299.53 -7.89
N GLU B 1141 -213.85 300.59 -7.70
CA GLU B 1141 -212.40 300.47 -7.73
C GLU B 1141 -211.90 299.64 -6.56
N LYS B 1142 -212.61 299.67 -5.43
CA LYS B 1142 -212.19 298.86 -4.31
C LYS B 1142 -212.71 297.43 -4.43
N GLN B 1143 -213.68 297.21 -5.32
CA GLN B 1143 -214.14 295.85 -5.54
C GLN B 1143 -213.14 295.08 -6.39
N ARG B 1144 -212.48 295.76 -7.32
CA ARG B 1144 -211.54 295.05 -8.17
C ARG B 1144 -210.20 294.89 -7.46
N ALA B 1145 -209.94 295.74 -6.47
CA ALA B 1145 -208.60 295.80 -5.88
C ALA B 1145 -208.28 294.55 -5.08
N ASP B 1146 -209.27 294.05 -4.35
CA ASP B 1146 -209.09 292.74 -3.72
C ASP B 1146 -209.11 291.64 -4.78
N LEU B 1147 -209.90 291.82 -5.84
CA LEU B 1147 -209.98 290.80 -6.87
C LEU B 1147 -208.75 290.82 -7.74
N ALA B 1148 -208.10 291.98 -7.87
CA ALA B 1148 -206.77 291.99 -8.45
C ALA B 1148 -205.77 291.34 -7.52
N ARG B 1149 -205.99 291.49 -6.21
CA ARG B 1149 -205.03 290.97 -5.25
C ARG B 1149 -205.09 289.46 -5.18
N GLU B 1150 -206.29 288.88 -5.30
CA GLU B 1150 -206.39 287.43 -5.22
C GLU B 1150 -205.88 286.78 -6.51
N LEU B 1151 -205.81 287.56 -7.58
CA LEU B 1151 -205.22 287.03 -8.81
C LEU B 1151 -203.73 286.82 -8.66
N GLU B 1152 -203.02 287.84 -8.17
CA GLU B 1152 -201.57 287.79 -8.19
C GLU B 1152 -201.00 286.84 -7.14
N GLU B 1153 -201.70 286.68 -6.02
CA GLU B 1153 -201.27 285.69 -5.05
C GLU B 1153 -201.55 284.28 -5.57
N LEU B 1154 -202.55 284.14 -6.44
CA LEU B 1154 -202.68 282.91 -7.20
C LEU B 1154 -201.76 282.93 -8.41
N GLY B 1155 -201.39 284.12 -8.85
CA GLY B 1155 -200.48 284.22 -9.97
C GLY B 1155 -199.09 283.71 -9.64
N GLU B 1156 -198.66 283.92 -8.40
CA GLU B 1156 -197.41 283.31 -7.95
C GLU B 1156 -197.61 281.82 -7.72
N ARG B 1157 -198.84 281.41 -7.40
CA ARG B 1157 -199.12 280.02 -7.09
C ARG B 1157 -199.00 279.14 -8.32
N LEU B 1158 -199.33 279.69 -9.49
CA LEU B 1158 -199.09 278.96 -10.73
C LEU B 1158 -197.60 278.84 -11.02
N GLU B 1159 -196.84 279.88 -10.72
CA GLU B 1159 -195.43 279.88 -11.07
C GLU B 1159 -194.65 278.95 -10.16
N GLU B 1160 -195.09 278.78 -8.92
CA GLU B 1160 -194.38 277.88 -8.02
C GLU B 1160 -194.79 276.43 -8.29
N ALA B 1161 -196.08 276.17 -8.47
CA ALA B 1161 -196.51 274.82 -8.76
C ALA B 1161 -196.13 274.42 -10.17
N GLY B 1162 -196.24 275.34 -11.12
CA GLY B 1162 -195.69 275.09 -12.44
C GLY B 1162 -194.18 275.05 -12.43
N GLY B 1163 -193.57 275.74 -11.47
CA GLY B 1163 -192.18 275.45 -11.17
C GLY B 1163 -192.01 274.05 -10.63
N ALA B 1164 -192.95 273.60 -9.79
CA ALA B 1164 -192.81 272.29 -9.15
C ALA B 1164 -193.04 271.17 -10.16
N THR B 1165 -193.80 271.43 -11.22
CA THR B 1165 -193.86 270.48 -12.31
C THR B 1165 -192.61 270.59 -13.18
N SER B 1166 -191.94 271.73 -13.14
CA SER B 1166 -190.71 271.87 -13.91
C SER B 1166 -189.50 271.40 -13.11
N ALA B 1167 -189.55 271.51 -11.78
CA ALA B 1167 -188.37 271.28 -10.98
C ALA B 1167 -188.05 269.79 -10.88
N GLN B 1168 -189.02 268.99 -10.48
CA GLN B 1168 -188.76 267.56 -10.30
C GLN B 1168 -188.62 266.85 -11.63
N ILE B 1169 -189.14 267.45 -12.71
CA ILE B 1169 -189.08 266.79 -14.00
C ILE B 1169 -187.68 266.87 -14.59
N GLU B 1170 -186.84 267.76 -14.05
CA GLU B 1170 -185.46 267.81 -14.53
C GLU B 1170 -184.62 266.73 -13.86
N LEU B 1171 -184.87 266.47 -12.58
CA LEU B 1171 -183.97 265.61 -11.82
C LEU B 1171 -184.14 264.15 -12.17
N ASN B 1172 -185.39 263.70 -12.33
CA ASN B 1172 -185.61 262.30 -12.69
C ASN B 1172 -185.20 262.05 -14.12
N LYS B 1173 -185.36 263.04 -14.98
CA LYS B 1173 -184.75 262.99 -16.30
C LYS B 1173 -183.23 262.94 -16.19
N LYS B 1174 -182.67 263.71 -15.26
CA LYS B 1174 -181.24 263.60 -15.01
C LYS B 1174 -180.92 262.27 -14.34
N ARG B 1175 -181.84 261.76 -13.53
CA ARG B 1175 -181.67 260.43 -12.96
C ARG B 1175 -181.79 259.36 -14.04
N GLU B 1176 -182.61 259.63 -15.06
CA GLU B 1176 -182.68 258.72 -16.20
C GLU B 1176 -181.36 258.70 -16.97
N ALA B 1177 -180.61 259.80 -16.91
CA ALA B 1177 -179.26 259.79 -17.46
C ALA B 1177 -178.32 259.03 -16.54
N GLU B 1178 -178.64 258.94 -15.25
CA GLU B 1178 -177.79 258.21 -14.32
C GLU B 1178 -177.98 256.72 -14.48
N MET B 1179 -179.19 256.30 -14.85
CA MET B 1179 -179.47 254.89 -15.12
C MET B 1179 -178.72 254.44 -16.36
N SER B 1180 -178.79 255.24 -17.42
CA SER B 1180 -178.08 254.91 -18.64
C SER B 1180 -176.58 255.08 -18.48
N LYS B 1181 -176.16 255.82 -17.45
CA LYS B 1181 -174.73 255.86 -17.11
C LYS B 1181 -174.27 254.50 -16.59
N LEU B 1182 -174.96 253.96 -15.59
CA LEU B 1182 -174.50 252.73 -14.96
C LEU B 1182 -174.75 251.52 -15.85
N ARG B 1183 -175.67 251.65 -16.80
CA ARG B 1183 -175.90 250.58 -17.77
C ARG B 1183 -174.67 250.35 -18.62
N ARG B 1184 -173.93 251.42 -18.91
CA ARG B 1184 -172.68 251.28 -19.62
C ARG B 1184 -171.63 250.61 -18.75
N ASP B 1185 -171.62 250.93 -17.44
CA ASP B 1185 -170.60 250.37 -16.56
C ASP B 1185 -170.79 248.88 -16.36
N LEU B 1186 -172.04 248.41 -16.40
CA LEU B 1186 -172.28 246.97 -16.32
C LEU B 1186 -171.71 246.25 -17.53
N GLU B 1187 -171.86 246.86 -18.71
CA GLU B 1187 -171.18 246.34 -19.89
C GLU B 1187 -169.68 246.54 -19.76
N GLU B 1188 -169.27 247.68 -19.19
CA GLU B 1188 -167.84 247.95 -19.03
C GLU B 1188 -167.21 247.03 -17.99
N SER B 1189 -168.00 246.65 -16.98
CA SER B 1189 -167.52 245.63 -16.04
C SER B 1189 -167.73 244.23 -16.60
N ASN B 1190 -168.20 244.12 -17.85
CA ASN B 1190 -168.20 242.82 -18.51
C ASN B 1190 -167.11 242.75 -19.57
N ILE B 1191 -167.09 243.69 -20.51
CA ILE B 1191 -166.26 243.53 -21.71
C ILE B 1191 -164.80 243.81 -21.41
N GLN B 1192 -164.53 244.67 -20.42
CA GLN B 1192 -163.16 244.81 -19.96
C GLN B 1192 -162.80 243.63 -19.09
N HIS B 1193 -163.78 243.11 -18.36
CA HIS B 1193 -163.50 242.08 -17.38
C HIS B 1193 -163.33 240.72 -18.05
N GLU B 1194 -163.98 240.53 -19.20
CA GLU B 1194 -163.80 239.28 -19.94
C GLU B 1194 -162.43 239.22 -20.60
N SER B 1195 -161.80 240.39 -20.76
CA SER B 1195 -160.49 240.46 -21.40
C SER B 1195 -159.41 239.84 -20.52
N THR B 1196 -159.49 240.07 -19.22
CA THR B 1196 -158.44 239.55 -18.33
C THR B 1196 -158.53 238.04 -18.20
N LEU B 1197 -159.75 237.49 -18.25
CA LEU B 1197 -159.90 236.04 -18.31
C LEU B 1197 -159.33 235.50 -19.60
N ALA B 1198 -159.51 236.23 -20.69
CA ALA B 1198 -158.85 235.87 -21.94
C ALA B 1198 -157.36 236.17 -21.86
N ASN B 1199 -156.97 237.11 -21.02
CA ASN B 1199 -155.55 237.37 -20.82
C ASN B 1199 -154.92 236.28 -19.97
N LEU B 1200 -155.57 235.91 -18.87
CA LEU B 1200 -154.92 235.03 -17.91
C LEU B 1200 -154.93 233.57 -18.38
N ARG B 1201 -155.75 233.24 -19.37
CA ARG B 1201 -155.67 231.90 -19.93
C ARG B 1201 -154.46 231.76 -20.83
N LYS B 1202 -154.02 232.88 -21.41
CA LYS B 1202 -152.84 232.84 -22.25
C LYS B 1202 -151.59 232.61 -21.43
N LYS B 1203 -151.38 233.43 -20.40
CA LYS B 1203 -150.18 233.35 -19.57
C LYS B 1203 -150.13 232.04 -18.79
N HIS B 1204 -151.29 231.46 -18.50
CA HIS B 1204 -151.32 230.07 -18.06
C HIS B 1204 -150.78 229.16 -19.13
N ASN B 1205 -151.33 229.25 -20.35
CA ASN B 1205 -151.01 228.29 -21.39
C ASN B 1205 -149.61 228.51 -21.93
N ASP B 1206 -149.02 229.69 -21.69
CA ASP B 1206 -147.59 229.79 -21.87
C ASP B 1206 -146.86 229.03 -20.78
N ALA B 1207 -147.31 229.19 -19.52
CA ALA B 1207 -146.55 228.66 -18.39
C ALA B 1207 -146.60 227.14 -18.34
N VAL B 1208 -147.68 226.54 -18.82
CA VAL B 1208 -147.74 225.10 -18.97
C VAL B 1208 -146.74 224.64 -20.02
N SER B 1209 -146.60 225.42 -21.09
CA SER B 1209 -145.77 224.98 -22.20
C SER B 1209 -144.29 225.21 -21.93
N GLU B 1210 -143.93 226.35 -21.34
CA GLU B 1210 -142.51 226.61 -21.11
C GLU B 1210 -141.98 225.76 -19.98
N MET B 1211 -142.84 225.39 -19.04
CA MET B 1211 -142.49 224.32 -18.13
C MET B 1211 -142.55 222.98 -18.83
N GLY B 1212 -143.47 222.84 -19.80
CA GLY B 1212 -143.58 221.60 -20.54
C GLY B 1212 -142.40 221.36 -21.46
N GLU B 1213 -141.86 222.44 -22.05
CA GLU B 1213 -140.63 222.29 -22.82
C GLU B 1213 -139.42 222.12 -21.91
N GLN B 1214 -139.58 222.35 -20.61
CA GLN B 1214 -138.51 222.03 -19.67
C GLN B 1214 -138.56 220.56 -19.27
N ILE B 1215 -139.75 220.06 -18.93
CA ILE B 1215 -139.82 218.77 -18.26
C ILE B 1215 -139.60 217.63 -19.25
N ASP B 1216 -139.86 217.86 -20.53
CA ASP B 1216 -139.74 216.78 -21.50
C ASP B 1216 -138.28 216.49 -21.81
N GLN B 1217 -137.46 217.53 -21.92
CA GLN B 1217 -136.04 217.32 -22.15
C GLN B 1217 -135.34 216.94 -20.85
N LEU B 1218 -135.91 217.31 -19.70
CA LEU B 1218 -135.37 216.82 -18.44
C LEU B 1218 -135.63 215.34 -18.30
N ASN B 1219 -136.76 214.87 -18.85
CA ASN B 1219 -137.05 213.44 -18.88
C ASN B 1219 -136.07 212.70 -19.78
N LYS B 1220 -135.48 213.39 -20.74
CA LYS B 1220 -134.39 212.80 -21.49
C LYS B 1220 -133.12 212.71 -20.66
N LEU B 1221 -132.90 213.70 -19.79
CA LEU B 1221 -131.67 213.71 -18.99
C LEU B 1221 -131.70 212.64 -17.91
N LYS B 1222 -132.89 212.28 -17.45
CA LYS B 1222 -133.00 211.20 -16.48
C LYS B 1222 -132.66 209.86 -17.12
N THR B 1223 -133.34 209.54 -18.22
CA THR B 1223 -133.20 208.22 -18.83
C THR B 1223 -131.81 208.03 -19.43
N LYS B 1224 -131.19 209.12 -19.89
CA LYS B 1224 -129.80 209.05 -20.31
C LYS B 1224 -128.90 208.70 -19.14
N ALA B 1225 -129.13 209.33 -17.99
CA ALA B 1225 -128.39 208.97 -16.80
C ALA B 1225 -128.86 207.63 -16.26
N GLU B 1226 -130.11 207.27 -16.51
CA GLU B 1226 -130.59 205.97 -16.07
C GLU B 1226 -129.98 204.85 -16.90
N HIS B 1227 -129.77 205.10 -18.20
CA HIS B 1227 -129.15 204.09 -19.03
C HIS B 1227 -127.69 203.86 -18.65
N ASP B 1228 -126.96 204.94 -18.34
CA ASP B 1228 -125.55 204.79 -17.97
C ASP B 1228 -125.40 204.12 -16.62
N ARG B 1229 -126.44 204.18 -15.78
CA ARG B 1229 -126.45 203.38 -14.57
C ARG B 1229 -126.55 201.91 -14.91
N THR B 1230 -127.55 201.54 -15.71
CA THR B 1230 -127.76 200.13 -16.00
C THR B 1230 -126.70 199.59 -16.95
N HIS B 1231 -126.06 200.48 -17.71
CA HIS B 1231 -125.00 200.02 -18.61
C HIS B 1231 -123.78 199.56 -17.83
N VAL B 1232 -123.43 200.29 -16.77
CA VAL B 1232 -122.24 199.92 -16.03
C VAL B 1232 -122.55 198.77 -15.07
N GLN B 1233 -123.81 198.63 -14.69
CA GLN B 1233 -124.16 197.52 -13.80
C GLN B 1233 -124.22 196.23 -14.58
N ASN B 1234 -124.58 196.30 -15.86
CA ASN B 1234 -124.74 195.10 -16.66
C ASN B 1234 -123.41 194.40 -16.89
N ASP B 1235 -122.34 195.17 -17.11
CA ASP B 1235 -121.03 194.53 -17.23
C ASP B 1235 -120.57 194.01 -15.87
N LEU B 1236 -120.91 194.70 -14.80
CA LEU B 1236 -120.65 194.16 -13.47
C LEU B 1236 -121.48 192.92 -13.22
N ASN B 1237 -122.67 192.86 -13.80
CA ASN B 1237 -123.40 191.59 -13.78
C ASN B 1237 -122.72 190.57 -14.67
N ASN B 1238 -122.01 191.04 -15.70
CA ASN B 1238 -121.31 190.12 -16.58
C ASN B 1238 -119.95 189.72 -16.01
N THR B 1239 -119.18 190.69 -15.50
CA THR B 1239 -117.80 190.41 -15.15
C THR B 1239 -117.71 189.65 -13.83
N ARG B 1240 -118.68 189.87 -12.93
CA ARG B 1240 -118.76 189.00 -11.76
C ARG B 1240 -119.12 187.59 -12.17
N HIS B 1241 -120.02 187.46 -13.15
CA HIS B 1241 -120.29 186.15 -13.72
C HIS B 1241 -119.09 185.63 -14.50
N ALA B 1242 -118.28 186.54 -15.04
CA ALA B 1242 -117.02 186.10 -15.63
C ALA B 1242 -116.02 185.71 -14.56
N LEU B 1243 -116.14 186.28 -13.37
CA LEU B 1243 -115.17 186.00 -12.33
C LEU B 1243 -115.37 184.61 -11.76
N ASP B 1244 -116.58 184.30 -11.30
CA ASP B 1244 -116.80 183.04 -10.60
C ASP B 1244 -116.74 181.85 -11.55
N GLN B 1245 -116.95 182.09 -12.84
CA GLN B 1245 -116.69 181.05 -13.83
C GLN B 1245 -115.21 180.80 -13.97
N MET B 1246 -114.40 181.86 -13.93
CA MET B 1246 -112.97 181.68 -14.06
C MET B 1246 -112.38 181.10 -12.77
N CYS B 1247 -112.96 181.44 -11.62
CA CYS B 1247 -112.47 180.88 -10.37
C CYS B 1247 -112.90 179.43 -10.23
N ARG B 1248 -113.97 179.05 -10.93
CA ARG B 1248 -114.36 177.65 -10.97
C ARG B 1248 -113.30 176.81 -11.68
N GLU B 1249 -112.62 177.40 -12.65
CA GLU B 1249 -111.62 176.65 -13.40
C GLU B 1249 -110.34 176.46 -12.60
N LYS B 1250 -109.98 177.46 -11.79
CA LYS B 1250 -108.77 177.34 -10.98
C LYS B 1250 -108.94 176.31 -9.89
N ALA B 1251 -110.10 176.30 -9.24
CA ALA B 1251 -110.33 175.42 -8.10
C ALA B 1251 -110.38 173.96 -8.53
N ALA B 1252 -110.67 173.72 -9.81
CA ALA B 1252 -110.51 172.38 -10.35
C ALA B 1252 -109.04 172.01 -10.44
N THR B 1253 -108.23 172.87 -11.05
CA THR B 1253 -106.83 172.52 -11.31
C THR B 1253 -106.03 172.48 -10.02
N GLU B 1254 -106.41 173.31 -9.05
CA GLU B 1254 -105.78 173.24 -7.74
C GLU B 1254 -106.09 171.91 -7.07
N LYS B 1255 -107.31 171.40 -7.29
CA LYS B 1255 -107.60 170.04 -6.87
C LYS B 1255 -106.91 169.03 -7.78
N ILE B 1256 -106.66 169.39 -9.03
CA ILE B 1256 -105.93 168.49 -9.91
C ILE B 1256 -104.47 168.47 -9.50
N ALA B 1257 -103.96 169.60 -9.02
CA ALA B 1257 -102.57 169.72 -8.65
C ALA B 1257 -102.23 168.82 -7.47
N LYS B 1258 -103.17 168.65 -6.55
CA LYS B 1258 -102.92 167.70 -5.47
C LYS B 1258 -103.05 166.27 -5.97
N GLN B 1259 -103.85 166.06 -7.00
CA GLN B 1259 -104.08 164.71 -7.49
C GLN B 1259 -102.83 164.17 -8.16
N LEU B 1260 -102.14 165.01 -8.91
CA LEU B 1260 -100.82 164.63 -9.40
C LEU B 1260 -99.82 164.57 -8.26
N GLN B 1261 -100.05 165.35 -7.22
CA GLN B 1261 -99.12 165.34 -6.08
C GLN B 1261 -99.29 164.09 -5.25
N HIS B 1262 -100.52 163.62 -5.09
CA HIS B 1262 -100.75 162.45 -4.25
C HIS B 1262 -100.19 161.20 -4.89
N GLN B 1263 -100.20 161.14 -6.21
CA GLN B 1263 -99.66 159.96 -6.86
C GLN B 1263 -98.14 159.97 -6.83
N VAL B 1264 -97.54 161.16 -6.97
CA VAL B 1264 -96.09 161.24 -7.12
C VAL B 1264 -95.40 160.99 -5.78
N ASN B 1265 -96.16 161.05 -4.70
CA ASN B 1265 -95.64 160.54 -3.44
C ASN B 1265 -95.99 159.06 -3.28
N GLU B 1266 -97.02 158.61 -3.98
CA GLU B 1266 -97.45 157.23 -3.79
C GLU B 1266 -96.55 156.25 -4.53
N ILE B 1267 -96.33 156.49 -5.83
CA ILE B 1267 -95.55 155.53 -6.60
C ILE B 1267 -94.08 155.64 -6.24
N GLN B 1268 -93.67 156.76 -5.66
CA GLN B 1268 -92.37 156.85 -5.01
C GLN B 1268 -92.29 155.85 -3.87
N GLY B 1269 -93.33 155.84 -3.03
CA GLY B 1269 -93.34 154.92 -1.91
C GLY B 1269 -93.46 153.47 -2.34
N LYS B 1270 -94.07 153.24 -3.50
CA LYS B 1270 -94.06 151.90 -4.07
C LYS B 1270 -92.65 151.53 -4.50
N LEU B 1271 -91.91 152.50 -5.03
CA LEU B 1271 -90.55 152.24 -5.48
C LEU B 1271 -89.64 151.96 -4.30
N ASP B 1272 -89.88 152.63 -3.17
CA ASP B 1272 -89.10 152.38 -1.98
C ASP B 1272 -89.36 150.99 -1.43
N GLU B 1273 -90.58 150.48 -1.64
CA GLU B 1273 -90.83 149.07 -1.36
C GLU B 1273 -90.29 148.20 -2.48
N ALA B 1274 -90.12 148.77 -3.67
CA ALA B 1274 -89.66 147.96 -4.79
C ALA B 1274 -88.18 147.69 -4.72
N ASN B 1275 -87.36 148.75 -4.64
CA ASN B 1275 -85.92 148.57 -4.70
C ASN B 1275 -85.38 147.86 -3.47
N ARG B 1276 -86.12 147.96 -2.37
CA ARG B 1276 -85.89 147.10 -1.23
C ARG B 1276 -86.04 145.63 -1.61
N THR B 1277 -87.11 145.31 -2.33
CA THR B 1277 -87.31 143.92 -2.75
C THR B 1277 -86.32 143.55 -3.85
N LEU B 1278 -85.87 144.55 -4.61
CA LEU B 1278 -84.74 144.32 -5.51
C LEU B 1278 -83.50 143.96 -4.71
N ASN B 1279 -83.32 144.59 -3.56
CA ASN B 1279 -82.21 144.23 -2.70
C ASN B 1279 -82.45 142.89 -2.03
N ASP B 1280 -83.72 142.50 -1.84
CA ASP B 1280 -84.00 141.21 -1.23
C ASP B 1280 -83.68 140.07 -2.20
N PHE B 1281 -84.18 140.14 -3.42
CA PHE B 1281 -83.83 139.12 -4.41
C PHE B 1281 -82.37 139.22 -4.82
N ASP B 1282 -81.72 140.35 -4.55
CA ASP B 1282 -80.27 140.38 -4.65
C ASP B 1282 -79.66 139.47 -3.60
N SER B 1283 -80.15 139.57 -2.35
CA SER B 1283 -79.59 138.76 -1.29
C SER B 1283 -80.00 137.30 -1.43
N ALA B 1284 -81.07 137.03 -2.17
CA ALA B 1284 -81.46 135.66 -2.40
C ALA B 1284 -80.53 134.98 -3.39
N LYS B 1285 -80.17 135.69 -4.46
CA LYS B 1285 -79.40 135.06 -5.53
C LYS B 1285 -77.96 134.87 -5.12
N LYS B 1286 -77.35 135.90 -4.52
CA LYS B 1286 -75.96 135.80 -4.10
C LYS B 1286 -75.77 134.74 -3.03
N LYS B 1287 -76.79 134.51 -2.22
CA LYS B 1287 -76.74 133.39 -1.29
C LYS B 1287 -76.90 132.08 -2.04
N LEU B 1288 -77.70 132.08 -3.10
CA LEU B 1288 -77.97 130.82 -3.77
C LEU B 1288 -76.87 130.48 -4.74
N SER B 1289 -76.20 131.49 -5.29
CA SER B 1289 -75.17 131.22 -6.27
C SER B 1289 -73.90 130.75 -5.58
N ILE B 1290 -73.78 131.01 -4.28
CA ILE B 1290 -72.67 130.46 -3.52
C ILE B 1290 -72.76 128.95 -3.46
N GLU B 1291 -73.95 128.42 -3.19
CA GLU B 1291 -74.08 126.98 -3.11
C GLU B 1291 -74.19 126.37 -4.49
N ASN B 1292 -74.26 127.19 -5.54
CA ASN B 1292 -74.08 126.66 -6.88
C ASN B 1292 -72.65 126.19 -7.08
N SER B 1293 -71.69 127.08 -6.86
CA SER B 1293 -70.29 126.71 -7.06
C SER B 1293 -69.80 125.78 -5.95
N ASP B 1294 -70.43 125.84 -4.78
CA ASP B 1294 -70.02 124.97 -3.69
C ASP B 1294 -70.41 123.53 -3.96
N LEU B 1295 -71.64 123.32 -4.40
CA LEU B 1295 -72.11 121.98 -4.72
C LEU B 1295 -71.37 121.43 -5.93
N LEU B 1296 -71.06 122.28 -6.90
CA LEU B 1296 -70.35 121.81 -8.08
C LEU B 1296 -68.91 121.50 -7.74
N ARG B 1297 -68.37 122.15 -6.71
CA ARG B 1297 -67.06 121.75 -6.22
C ARG B 1297 -67.13 120.40 -5.55
N GLN B 1298 -68.17 120.19 -4.74
CA GLN B 1298 -68.27 118.95 -3.98
C GLN B 1298 -68.58 117.76 -4.88
N LEU B 1299 -69.38 117.98 -5.93
CA LEU B 1299 -69.63 116.90 -6.87
C LEU B 1299 -68.40 116.63 -7.73
N GLU B 1300 -67.56 117.66 -7.93
CA GLU B 1300 -66.29 117.44 -8.60
C GLU B 1300 -65.37 116.58 -7.75
N GLU B 1301 -65.49 116.71 -6.43
CA GLU B 1301 -64.80 115.80 -5.54
C GLU B 1301 -65.34 114.39 -5.69
N ALA B 1302 -66.63 114.26 -5.97
CA ALA B 1302 -67.22 112.94 -6.10
C ALA B 1302 -66.75 112.25 -7.37
N GLU B 1303 -66.98 112.88 -8.53
CA GLU B 1303 -66.70 112.24 -9.81
C GLU B 1303 -65.21 112.00 -10.01
N SER B 1304 -64.38 112.74 -9.29
CA SER B 1304 -62.98 112.35 -9.16
C SER B 1304 -62.86 111.08 -8.32
N GLN B 1305 -63.50 111.06 -7.15
CA GLN B 1305 -63.23 109.99 -6.21
C GLN B 1305 -64.05 108.74 -6.53
N VAL B 1306 -65.25 108.92 -7.09
CA VAL B 1306 -66.09 107.74 -7.35
C VAL B 1306 -65.56 106.99 -8.57
N SER B 1307 -64.68 107.63 -9.33
CA SER B 1307 -63.89 106.87 -10.29
C SER B 1307 -62.61 106.36 -9.65
N GLN B 1308 -62.14 107.03 -8.60
CA GLN B 1308 -60.84 106.71 -8.04
C GLN B 1308 -60.85 105.37 -7.33
N LEU B 1309 -61.78 105.18 -6.41
CA LEU B 1309 -61.84 103.89 -5.72
C LEU B 1309 -62.46 102.83 -6.61
N SER B 1310 -63.14 103.24 -7.68
CA SER B 1310 -63.78 102.26 -8.55
C SER B 1310 -62.76 101.48 -9.33
N LYS B 1311 -61.64 102.10 -9.69
CA LYS B 1311 -60.61 101.33 -10.36
C LYS B 1311 -59.80 100.52 -9.34
N ILE B 1312 -59.89 100.87 -8.07
CA ILE B 1312 -59.24 100.07 -7.05
C ILE B 1312 -59.96 98.74 -6.88
N LYS B 1313 -61.29 98.77 -6.97
CA LYS B 1313 -62.06 97.54 -6.77
C LYS B 1313 -61.87 96.59 -7.94
N VAL B 1314 -61.92 97.11 -9.17
CA VAL B 1314 -61.73 96.27 -10.35
C VAL B 1314 -60.26 95.86 -10.46
N SER B 1315 -59.38 96.55 -9.74
CA SER B 1315 -58.04 96.01 -9.57
C SER B 1315 -58.01 94.85 -8.60
N LEU B 1316 -58.53 95.04 -7.39
CA LEU B 1316 -58.29 94.07 -6.33
C LEU B 1316 -59.13 92.82 -6.50
N THR B 1317 -60.21 92.91 -7.29
CA THR B 1317 -61.00 91.70 -7.51
C THR B 1317 -60.28 90.75 -8.45
N THR B 1318 -59.27 91.24 -9.18
CA THR B 1318 -58.36 90.33 -9.85
C THR B 1318 -57.33 89.80 -8.88
N GLN B 1319 -56.91 90.63 -7.93
CA GLN B 1319 -55.82 90.23 -7.05
C GLN B 1319 -56.27 89.16 -6.07
N LEU B 1320 -57.53 89.21 -5.65
CA LEU B 1320 -58.08 88.14 -4.81
C LEU B 1320 -58.26 86.87 -5.62
N GLU B 1321 -58.32 86.99 -6.95
CA GLU B 1321 -58.32 85.78 -7.78
C GLU B 1321 -56.92 85.18 -7.87
N ASP B 1322 -55.90 86.04 -7.99
CA ASP B 1322 -54.55 85.51 -8.25
C ASP B 1322 -53.96 84.89 -6.98
N THR B 1323 -53.95 85.63 -5.88
CA THR B 1323 -53.25 85.17 -4.68
C THR B 1323 -53.94 83.97 -4.07
N LYS B 1324 -55.27 83.90 -4.19
CA LYS B 1324 -55.98 82.73 -3.70
C LYS B 1324 -55.70 81.52 -4.59
N ARG B 1325 -55.45 81.75 -5.88
CA ARG B 1325 -55.09 80.65 -6.75
C ARG B 1325 -53.71 80.12 -6.41
N LEU B 1326 -52.81 81.01 -5.98
CA LEU B 1326 -51.56 80.57 -5.38
C LEU B 1326 -51.83 79.82 -4.08
N ALA B 1327 -52.81 80.29 -3.31
CA ALA B 1327 -53.17 79.62 -2.06
C ALA B 1327 -53.93 78.33 -2.34
N ASP B 1328 -54.48 78.17 -3.54
CA ASP B 1328 -54.97 76.86 -3.93
C ASP B 1328 -53.85 75.98 -4.45
N GLU B 1329 -52.75 76.59 -4.90
CA GLU B 1329 -51.69 75.81 -5.52
C GLU B 1329 -50.64 75.37 -4.52
N GLU B 1330 -50.08 76.31 -3.77
CA GLU B 1330 -48.90 76.00 -2.97
C GLU B 1330 -49.26 75.14 -1.76
N ALA B 1331 -50.54 75.14 -1.39
CA ALA B 1331 -51.00 74.19 -0.39
C ALA B 1331 -51.07 72.79 -0.96
N ARG B 1332 -51.61 72.64 -2.16
CA ARG B 1332 -51.75 71.30 -2.73
C ARG B 1332 -50.43 70.80 -3.28
N GLU B 1333 -49.48 71.69 -3.51
CA GLU B 1333 -48.12 71.26 -3.81
C GLU B 1333 -47.43 70.76 -2.54
N ARG B 1334 -47.81 71.33 -1.40
CA ARG B 1334 -47.25 70.91 -0.12
C ARG B 1334 -47.70 69.51 0.22
N ALA B 1335 -48.90 69.13 -0.18
CA ALA B 1335 -49.39 67.78 0.08
C ALA B 1335 -48.60 66.76 -0.73
N THR B 1336 -48.22 67.12 -1.95
CA THR B 1336 -47.40 66.23 -2.76
C THR B 1336 -45.98 66.15 -2.21
N LEU B 1337 -45.47 67.27 -1.73
CA LEU B 1337 -44.16 67.24 -1.10
C LEU B 1337 -44.23 66.53 0.24
N LEU B 1338 -45.38 66.61 0.92
CA LEU B 1338 -45.61 65.74 2.06
C LEU B 1338 -45.84 64.31 1.60
N GLY B 1339 -46.30 64.14 0.37
CA GLY B 1339 -46.56 62.81 -0.13
C GLY B 1339 -45.29 62.00 -0.33
N LYS B 1340 -44.31 62.56 -1.04
CA LYS B 1340 -43.09 61.81 -1.29
C LYS B 1340 -42.25 61.68 -0.03
N PHE B 1341 -42.36 62.65 0.88
CA PHE B 1341 -41.63 62.59 2.14
C PHE B 1341 -42.12 61.44 3.00
N ARG B 1342 -43.44 61.31 3.14
CA ARG B 1342 -43.98 60.17 3.85
C ARG B 1342 -43.88 58.91 3.02
N ASN B 1343 -43.68 59.05 1.72
CA ASN B 1343 -43.33 57.88 0.92
C ASN B 1343 -41.88 57.47 1.17
N LEU B 1344 -40.98 58.45 1.29
CA LEU B 1344 -39.56 58.11 1.32
C LEU B 1344 -39.12 57.72 2.73
N GLU B 1345 -39.97 57.91 3.72
CA GLU B 1345 -39.65 57.34 5.02
C GLU B 1345 -39.95 55.86 5.04
N HIS B 1346 -40.86 55.42 4.17
CA HIS B 1346 -41.44 54.09 4.33
C HIS B 1346 -40.44 53.00 3.93
N ASP B 1347 -39.65 53.24 2.90
CA ASP B 1347 -38.59 52.29 2.59
C ASP B 1347 -37.43 52.43 3.56
N LEU B 1348 -37.27 53.61 4.15
CA LEU B 1348 -36.20 53.82 5.11
C LEU B 1348 -36.42 53.00 6.37
N ASP B 1349 -37.67 52.92 6.82
CA ASP B 1349 -37.99 51.99 7.91
C ASP B 1349 -37.95 50.55 7.41
N ASN B 1350 -38.12 50.34 6.11
CA ASN B 1350 -38.12 48.98 5.57
C ASN B 1350 -36.69 48.44 5.49
N ILE B 1351 -35.77 49.22 4.93
CA ILE B 1351 -34.41 48.70 4.75
C ILE B 1351 -33.65 48.76 6.05
N ARG B 1352 -34.17 49.48 7.04
CA ARG B 1352 -33.63 49.39 8.40
C ARG B 1352 -33.76 47.98 8.94
N GLU B 1353 -34.87 47.31 8.64
CA GLU B 1353 -35.03 45.91 9.01
C GLU B 1353 -34.07 45.04 8.20
N GLN B 1354 -33.82 45.42 6.95
CA GLN B 1354 -32.99 44.59 6.09
C GLN B 1354 -31.53 44.69 6.49
N LEU B 1355 -31.13 45.80 7.09
CA LEU B 1355 -29.74 45.97 7.51
C LEU B 1355 -29.40 45.02 8.65
N GLU B 1356 -30.37 44.75 9.53
CA GLU B 1356 -30.16 43.75 10.57
C GLU B 1356 -30.15 42.35 9.96
N GLU B 1357 -30.94 42.15 8.89
CA GLU B 1357 -30.98 40.85 8.25
C GLU B 1357 -29.66 40.52 7.58
N GLU B 1358 -29.06 41.49 6.91
CA GLU B 1358 -27.75 41.27 6.31
C GLU B 1358 -26.68 41.15 7.39
N ALA B 1359 -26.89 41.82 8.52
CA ALA B 1359 -26.00 41.70 9.65
C ALA B 1359 -26.09 40.30 10.23
N GLU B 1360 -27.32 39.79 10.38
CA GLU B 1360 -27.47 38.41 10.79
C GLU B 1360 -27.04 37.48 9.67
N GLY B 1361 -27.21 37.92 8.43
CA GLY B 1361 -26.65 37.18 7.32
C GLY B 1361 -25.14 37.22 7.31
N LYS B 1362 -24.56 38.29 7.85
CA LYS B 1362 -23.12 38.35 8.00
C LYS B 1362 -22.66 37.45 9.14
N ALA B 1363 -23.34 37.55 10.28
CA ALA B 1363 -22.78 37.08 11.55
C ALA B 1363 -22.66 35.56 11.60
N ASP B 1364 -23.62 34.85 11.02
CA ASP B 1364 -23.53 33.39 11.03
C ASP B 1364 -22.46 32.91 10.06
N ILE B 1365 -22.29 33.60 8.94
CA ILE B 1365 -21.46 33.04 7.89
C ILE B 1365 -20.01 33.41 8.13
N GLN B 1366 -19.76 34.45 8.93
CA GLN B 1366 -18.39 34.68 9.37
C GLN B 1366 -18.04 33.71 10.48
N ARG B 1367 -19.03 33.31 11.26
CA ARG B 1367 -18.78 32.37 12.33
C ARG B 1367 -18.78 30.95 11.79
N GLN B 1368 -19.39 30.74 10.61
CA GLN B 1368 -19.37 29.42 10.00
C GLN B 1368 -17.97 29.09 9.47
N LEU B 1369 -17.28 30.09 8.92
CA LEU B 1369 -15.96 29.84 8.37
C LEU B 1369 -14.95 29.59 9.47
N SER B 1370 -15.11 30.26 10.61
CA SER B 1370 -14.13 30.18 11.69
C SER B 1370 -14.12 28.80 12.31
N LYS B 1371 -15.24 28.09 12.25
CA LYS B 1371 -15.23 26.68 12.60
C LYS B 1371 -14.67 25.85 11.45
N ALA B 1372 -15.02 26.22 10.22
CA ALA B 1372 -14.62 25.39 9.09
C ALA B 1372 -13.14 25.55 8.81
N ASN B 1373 -12.66 26.78 8.71
CA ASN B 1373 -11.27 26.99 8.29
C ASN B 1373 -10.30 26.56 9.37
N ALA B 1374 -10.76 26.50 10.62
CA ALA B 1374 -9.95 25.89 11.66
C ALA B 1374 -9.80 24.40 11.42
N GLU B 1375 -10.94 23.73 11.29
CA GLU B 1375 -10.95 22.27 11.12
C GLU B 1375 -10.33 21.70 9.85
N ALA B 1376 -10.63 22.27 8.69
CA ALA B 1376 -10.05 21.72 7.46
C ALA B 1376 -8.53 21.91 7.40
N GLN B 1377 -8.09 23.13 7.69
CA GLN B 1377 -6.67 23.43 7.65
C GLN B 1377 -5.93 22.63 8.70
N LEU B 1378 -6.53 22.56 9.89
CA LEU B 1378 -5.92 21.83 10.98
C LEU B 1378 -5.81 20.36 10.61
N TRP B 1379 -6.86 19.81 10.01
CA TRP B 1379 -6.83 18.41 9.65
C TRP B 1379 -5.73 18.15 8.63
N ARG B 1380 -5.63 19.04 7.65
CA ARG B 1380 -4.61 18.85 6.62
C ARG B 1380 -3.23 18.89 7.23
N THR B 1381 -3.00 19.83 8.14
CA THR B 1381 -1.70 19.95 8.78
C THR B 1381 -1.37 18.74 9.66
N LYS B 1382 -2.37 18.25 10.39
CA LYS B 1382 -2.18 17.15 11.33
C LYS B 1382 -2.58 15.74 10.90
N TYR B 1383 -3.16 15.55 9.71
CA TYR B 1383 -3.51 14.18 9.38
C TYR B 1383 -2.77 13.70 8.13
N GLU B 1384 -2.19 14.62 7.37
CA GLU B 1384 -1.37 14.19 6.24
C GLU B 1384 0.11 14.21 6.60
N SER B 1385 0.45 14.88 7.71
CA SER B 1385 1.79 14.69 8.26
C SER B 1385 1.94 13.28 8.80
N GLU B 1386 0.91 12.77 9.46
CA GLU B 1386 0.94 11.37 9.87
C GLU B 1386 0.68 10.45 8.69
N GLY B 1387 -0.18 10.88 7.77
CA GLY B 1387 -0.81 9.94 6.86
C GLY B 1387 0.14 9.35 5.83
N VAL B 1388 0.61 10.18 4.90
CA VAL B 1388 1.39 9.63 3.80
C VAL B 1388 2.84 9.45 4.24
N ALA B 1389 3.26 10.18 5.27
CA ALA B 1389 4.66 10.10 5.68
C ALA B 1389 4.93 8.81 6.43
N ARG B 1390 4.01 8.39 7.30
CA ARG B 1390 4.13 7.07 7.88
C ARG B 1390 3.87 6.01 6.82
N ALA B 1391 3.05 6.33 5.83
CA ALA B 1391 2.90 5.45 4.68
C ALA B 1391 4.17 5.45 3.84
N GLU B 1392 4.94 6.53 3.90
CA GLU B 1392 6.21 6.54 3.19
C GLU B 1392 7.21 5.64 3.88
N GLU B 1393 7.32 5.74 5.20
CA GLU B 1393 8.40 5.04 5.88
C GLU B 1393 8.09 3.57 6.07
N LEU B 1394 6.80 3.23 6.25
CA LEU B 1394 6.46 1.84 6.49
C LEU B 1394 6.64 1.02 5.23
N GLU B 1395 6.36 1.63 4.07
CA GLU B 1395 6.70 0.99 2.82
C GLU B 1395 8.21 0.87 2.68
N GLU B 1396 8.93 1.91 3.10
CA GLU B 1396 10.37 1.82 3.15
C GLU B 1396 10.82 0.86 4.24
N ALA B 1397 10.00 0.67 5.26
CA ALA B 1397 10.27 -0.40 6.21
C ALA B 1397 9.90 -1.75 5.61
N LYS B 1398 8.91 -1.77 4.72
CA LYS B 1398 8.48 -3.04 4.15
C LYS B 1398 9.51 -3.59 3.18
N ARG B 1399 10.35 -2.74 2.63
CA ARG B 1399 11.37 -3.21 1.71
C ARG B 1399 12.47 -3.94 2.45
N LYS B 1400 13.09 -3.29 3.44
CA LYS B 1400 14.29 -3.88 4.02
C LYS B 1400 13.95 -5.00 4.99
N LEU B 1401 12.68 -5.13 5.35
CA LEU B 1401 12.28 -6.33 6.06
C LEU B 1401 12.17 -7.51 5.11
N GLN B 1402 11.85 -7.24 3.85
CA GLN B 1402 11.67 -8.31 2.88
C GLN B 1402 13.01 -8.93 2.51
N ALA B 1403 14.05 -8.10 2.40
CA ALA B 1403 15.33 -8.57 1.88
C ALA B 1403 16.02 -9.50 2.85
N ARG B 1404 16.13 -9.10 4.11
CA ARG B 1404 16.77 -9.97 5.08
C ARG B 1404 15.79 -11.01 5.62
N LEU B 1405 14.60 -11.07 5.03
CA LEU B 1405 13.82 -12.30 5.08
C LEU B 1405 14.25 -13.24 3.96
N ALA B 1406 14.56 -12.69 2.79
CA ALA B 1406 14.86 -13.53 1.64
C ALA B 1406 16.21 -14.20 1.77
N GLU B 1407 17.18 -13.51 2.38
CA GLU B 1407 18.49 -14.11 2.55
C GLU B 1407 18.44 -15.20 3.63
N ALA B 1408 17.54 -15.05 4.59
CA ALA B 1408 17.22 -16.16 5.46
C ALA B 1408 16.61 -17.29 4.66
N GLU B 1409 15.69 -16.95 3.76
CA GLU B 1409 15.08 -17.94 2.87
C GLU B 1409 16.12 -18.51 1.91
N GLU B 1410 17.18 -17.75 1.62
CA GLU B 1410 18.28 -18.28 0.84
C GLU B 1410 19.09 -19.28 1.64
N THR B 1411 19.31 -19.01 2.91
CA THR B 1411 20.18 -19.87 3.69
C THR B 1411 19.44 -21.12 4.17
N ILE B 1412 18.18 -20.97 4.55
CA ILE B 1412 17.44 -22.07 5.16
C ILE B 1412 17.15 -23.16 4.12
N GLU B 1413 17.14 -22.81 2.84
CA GLU B 1413 17.10 -23.84 1.81
C GLU B 1413 18.46 -24.50 1.69
N SER B 1414 19.53 -23.71 1.79
CA SER B 1414 20.87 -24.24 1.63
C SER B 1414 21.30 -25.03 2.86
N LEU B 1415 20.99 -24.51 4.05
CA LEU B 1415 21.40 -25.19 5.27
C LEU B 1415 20.69 -26.53 5.42
N ASN B 1416 19.39 -26.56 5.10
CA ASN B 1416 18.66 -27.83 5.10
C ASN B 1416 19.15 -28.74 3.99
N GLN B 1417 19.76 -28.18 2.95
CA GLN B 1417 20.36 -29.01 1.93
C GLN B 1417 21.66 -29.61 2.42
N LYS B 1418 22.28 -29.01 3.43
CA LYS B 1418 23.53 -29.58 3.93
C LYS B 1418 23.27 -30.71 4.90
N VAL B 1419 22.23 -30.59 5.73
CA VAL B 1419 22.03 -31.57 6.80
C VAL B 1419 21.62 -32.92 6.24
N ILE B 1420 20.96 -32.94 5.08
CA ILE B 1420 20.78 -34.21 4.39
C ILE B 1420 22.10 -34.65 3.80
N ALA B 1421 22.87 -33.71 3.26
CA ALA B 1421 24.09 -34.07 2.55
C ALA B 1421 25.18 -34.53 3.50
N LEU B 1422 25.39 -33.80 4.59
CA LEU B 1422 26.46 -34.15 5.50
C LEU B 1422 26.12 -35.40 6.30
N GLU B 1423 24.84 -35.73 6.38
CA GLU B 1423 24.44 -37.02 6.93
C GLU B 1423 24.87 -38.11 5.97
N LYS B 1424 24.74 -37.85 4.67
CA LYS B 1424 25.21 -38.84 3.69
C LYS B 1424 26.73 -38.87 3.66
N THR B 1425 27.38 -37.74 3.96
CA THR B 1425 28.82 -37.76 4.12
C THR B 1425 29.20 -38.53 5.37
N LYS B 1426 28.34 -38.51 6.39
CA LYS B 1426 28.61 -39.24 7.60
C LYS B 1426 28.50 -40.74 7.37
N GLN B 1427 27.48 -41.16 6.63
CA GLN B 1427 27.19 -42.59 6.53
C GLN B 1427 28.25 -43.30 5.71
N ARG B 1428 28.76 -42.65 4.66
CA ARG B 1428 29.82 -43.27 3.87
C ARG B 1428 31.13 -43.27 4.62
N LEU B 1429 31.25 -42.41 5.63
CA LEU B 1429 32.35 -42.53 6.57
C LEU B 1429 31.99 -43.52 7.67
N ALA B 1430 30.69 -43.70 7.93
CA ALA B 1430 30.28 -44.58 9.01
C ALA B 1430 30.49 -46.04 8.62
N THR B 1431 30.55 -46.33 7.33
CA THR B 1431 30.92 -47.67 6.91
C THR B 1431 32.36 -47.99 7.28
N GLU B 1432 33.28 -47.11 6.89
CA GLU B 1432 34.70 -47.45 6.93
C GLU B 1432 35.22 -47.55 8.36
N VAL B 1433 34.67 -46.74 9.27
CA VAL B 1433 35.10 -46.84 10.66
C VAL B 1433 34.52 -48.08 11.30
N GLU B 1434 33.42 -48.59 10.77
CA GLU B 1434 32.99 -49.94 11.14
C GLU B 1434 33.68 -50.99 10.29
N ASP B 1435 34.18 -50.62 9.10
CA ASP B 1435 34.80 -51.61 8.23
C ASP B 1435 36.23 -51.89 8.65
N LEU B 1436 37.06 -50.85 8.71
CA LEU B 1436 38.49 -51.05 8.92
C LEU B 1436 38.78 -51.50 10.34
N GLN B 1437 37.89 -51.17 11.28
CA GLN B 1437 38.03 -51.69 12.64
C GLN B 1437 37.84 -53.20 12.65
N LEU B 1438 36.97 -53.71 11.79
CA LEU B 1438 36.80 -55.15 11.67
C LEU B 1438 38.00 -55.78 10.95
N GLU B 1439 38.79 -54.97 10.25
CA GLU B 1439 40.02 -55.48 9.66
C GLU B 1439 41.15 -55.43 10.67
N VAL B 1440 41.27 -54.32 11.40
CA VAL B 1440 42.49 -54.03 12.12
C VAL B 1440 42.60 -54.89 13.38
N ASP B 1441 41.51 -55.55 13.77
CA ASP B 1441 41.64 -56.54 14.83
C ASP B 1441 41.91 -57.92 14.25
N ARG B 1442 41.28 -58.24 13.12
CA ARG B 1442 41.49 -59.54 12.50
C ARG B 1442 42.90 -59.62 11.92
N ALA B 1443 43.46 -58.47 11.56
CA ALA B 1443 44.87 -58.44 11.21
C ALA B 1443 45.73 -58.70 12.45
N THR B 1444 45.24 -58.32 13.62
CA THR B 1444 45.98 -58.59 14.85
C THR B 1444 45.67 -60.01 15.33
N ALA B 1445 44.43 -60.45 15.15
CA ALA B 1445 44.01 -61.73 15.68
C ALA B 1445 44.70 -62.89 14.96
N ILE B 1446 45.05 -62.70 13.69
CA ILE B 1446 45.78 -63.74 13.01
C ILE B 1446 47.21 -63.78 13.51
N ALA B 1447 47.72 -62.66 14.02
CA ALA B 1447 49.08 -62.64 14.51
C ALA B 1447 49.17 -63.32 15.87
N ASN B 1448 48.21 -63.06 16.74
CA ASN B 1448 48.22 -63.72 18.04
C ASN B 1448 47.92 -65.20 17.89
N ALA B 1449 47.19 -65.57 16.84
CA ALA B 1449 46.98 -66.98 16.55
C ALA B 1449 48.24 -67.59 15.96
N ALA B 1450 49.09 -66.76 15.36
CA ALA B 1450 50.30 -67.30 14.76
C ALA B 1450 51.33 -67.61 15.82
N GLU B 1451 51.76 -66.60 16.57
CA GLU B 1451 53.00 -66.71 17.34
C GLU B 1451 52.83 -67.63 18.54
N LYS B 1452 51.61 -67.83 19.02
CA LYS B 1452 51.41 -68.67 20.19
C LYS B 1452 51.60 -70.14 19.83
N LYS B 1453 51.13 -70.55 18.65
CA LYS B 1453 51.43 -71.91 18.22
C LYS B 1453 52.80 -71.98 17.57
N ALA B 1454 53.29 -70.85 17.08
CA ALA B 1454 54.62 -70.85 16.47
C ALA B 1454 55.69 -71.00 17.51
N LYS B 1455 55.74 -70.08 18.48
CA LYS B 1455 56.81 -70.08 19.48
C LYS B 1455 56.66 -71.24 20.47
N ALA B 1456 55.54 -71.96 20.39
CA ALA B 1456 55.47 -73.24 21.09
C ALA B 1456 56.20 -74.33 20.32
N ILE B 1457 56.04 -74.35 18.99
CA ILE B 1457 56.36 -75.57 18.25
C ILE B 1457 57.86 -75.70 18.02
N ASP B 1458 58.63 -74.65 18.30
CA ASP B 1458 60.08 -74.74 18.12
C ASP B 1458 60.72 -75.61 19.20
N LYS B 1459 60.08 -75.72 20.36
CA LYS B 1459 60.62 -76.56 21.42
C LYS B 1459 60.45 -78.03 21.08
N ILE B 1460 59.46 -78.35 20.26
CA ILE B 1460 59.28 -79.72 19.79
C ILE B 1460 60.24 -79.98 18.64
N ILE B 1461 60.71 -78.93 17.98
CA ILE B 1461 61.57 -79.09 16.80
C ILE B 1461 62.92 -79.65 17.23
N GLY B 1462 63.44 -79.18 18.35
CA GLY B 1462 64.72 -79.61 18.87
C GLY B 1462 64.84 -81.08 19.19
N GLU B 1463 63.70 -81.73 19.42
CA GLU B 1463 63.74 -83.16 19.68
C GLU B 1463 63.98 -83.94 18.38
N TRP B 1464 63.26 -83.61 17.31
CA TRP B 1464 63.44 -84.35 16.07
C TRP B 1464 64.75 -83.99 15.39
N LYS B 1465 65.36 -82.86 15.79
CA LYS B 1465 66.73 -82.56 15.40
C LYS B 1465 67.62 -83.61 16.03
N LEU B 1466 67.33 -83.96 17.28
CA LEU B 1466 68.17 -84.94 17.94
C LEU B 1466 67.86 -86.35 17.44
N LYS B 1467 66.62 -86.58 17.04
CA LYS B 1467 66.24 -87.93 16.65
C LYS B 1467 66.83 -88.31 15.30
N VAL B 1468 66.91 -87.34 14.39
CA VAL B 1468 67.66 -87.57 13.16
C VAL B 1468 69.13 -87.78 13.51
N ASP B 1469 69.63 -86.98 14.44
CA ASP B 1469 71.00 -87.17 14.91
C ASP B 1469 71.13 -88.48 15.68
N ASP B 1470 70.04 -88.95 16.25
CA ASP B 1470 70.06 -90.29 16.82
C ASP B 1470 70.10 -91.34 15.73
N LEU B 1471 69.09 -91.35 14.85
CA LEU B 1471 68.89 -92.49 13.98
C LEU B 1471 69.89 -92.49 12.83
N ALA B 1472 70.70 -91.44 12.71
CA ALA B 1472 71.84 -91.51 11.82
C ALA B 1472 72.82 -92.58 12.30
N ALA B 1473 72.93 -92.76 13.61
CA ALA B 1473 73.98 -93.61 14.16
C ALA B 1473 73.70 -95.08 13.88
N GLU B 1474 72.44 -95.48 13.87
CA GLU B 1474 72.17 -96.88 13.58
C GLU B 1474 72.33 -97.17 12.10
N LEU B 1475 72.35 -96.14 11.27
CA LEU B 1475 72.51 -96.39 9.84
C LEU B 1475 73.94 -96.81 9.53
N ASP B 1476 74.91 -95.96 9.86
CA ASP B 1476 76.28 -96.25 9.48
C ASP B 1476 76.88 -97.31 10.39
N ALA B 1477 76.21 -97.62 11.50
CA ALA B 1477 76.54 -98.84 12.22
C ALA B 1477 76.20 -100.05 11.37
N SER B 1478 74.99 -100.07 10.81
CA SER B 1478 74.59 -101.20 10.00
C SER B 1478 75.34 -101.23 8.69
N GLN B 1479 75.68 -100.06 8.16
CA GLN B 1479 76.46 -100.00 6.94
C GLN B 1479 77.86 -100.58 7.16
N LYS B 1480 78.40 -100.39 8.36
CA LYS B 1480 79.60 -101.13 8.71
C LYS B 1480 79.27 -102.59 8.95
N GLU B 1481 78.15 -102.86 9.62
CA GLU B 1481 77.78 -104.23 9.94
C GLU B 1481 77.35 -104.99 8.69
N CYS B 1482 77.03 -104.27 7.62
CA CYS B 1482 76.74 -104.94 6.37
C CYS B 1482 78.02 -105.41 5.70
N ARG B 1483 78.91 -104.49 5.36
CA ARG B 1483 80.00 -104.84 4.46
C ARG B 1483 81.09 -105.62 5.18
N ASN B 1484 81.15 -105.50 6.50
CA ASN B 1484 82.15 -106.27 7.25
C ASN B 1484 81.82 -107.75 7.22
N TYR B 1485 80.57 -108.08 6.96
CA TYR B 1485 80.23 -109.50 6.85
C TYR B 1485 80.49 -109.99 5.45
N SER B 1486 80.18 -109.17 4.44
CA SER B 1486 80.37 -109.61 3.06
C SER B 1486 81.84 -109.74 2.74
N THR B 1487 82.67 -108.87 3.33
CA THR B 1487 84.10 -109.01 3.14
C THR B 1487 84.63 -110.24 3.87
N GLU B 1488 83.87 -110.79 4.80
CA GLU B 1488 84.23 -112.08 5.34
C GLU B 1488 83.60 -113.20 4.51
N LEU B 1489 82.33 -113.04 4.15
CA LEU B 1489 81.59 -114.15 3.54
C LEU B 1489 82.06 -114.39 2.12
N PHE B 1490 82.59 -113.37 1.48
CA PHE B 1490 83.24 -113.64 0.21
C PHE B 1490 84.59 -114.29 0.42
N ARG B 1491 85.21 -114.04 1.58
CA ARG B 1491 86.57 -114.50 1.80
C ARG B 1491 86.62 -116.00 2.04
N LEU B 1492 85.73 -116.49 2.88
CA LEU B 1492 85.72 -117.92 3.13
C LEU B 1492 85.19 -118.67 1.93
N LYS B 1493 84.34 -118.02 1.14
CA LYS B 1493 83.84 -118.61 -0.09
C LYS B 1493 84.98 -118.83 -1.06
N GLY B 1494 85.98 -117.97 -1.01
CA GLY B 1494 87.23 -118.27 -1.68
C GLY B 1494 87.98 -119.38 -1.00
N ALA B 1495 87.91 -119.44 0.33
CA ALA B 1495 88.78 -120.36 1.06
C ALA B 1495 88.25 -121.78 1.01
N TYR B 1496 86.93 -121.94 1.10
CA TYR B 1496 86.35 -123.27 1.19
C TYR B 1496 86.53 -124.04 -0.11
N GLU B 1497 86.56 -123.34 -1.24
CA GLU B 1497 86.72 -124.05 -2.50
C GLU B 1497 88.17 -124.46 -2.71
N GLU B 1498 89.12 -123.62 -2.31
CA GLU B 1498 90.51 -124.02 -2.48
C GLU B 1498 90.89 -125.05 -1.44
N ALA B 1499 90.16 -125.09 -0.33
CA ALA B 1499 90.35 -126.18 0.62
C ALA B 1499 89.79 -127.47 0.06
N GLN B 1500 88.67 -127.38 -0.66
CA GLN B 1500 87.97 -128.54 -1.17
C GLN B 1500 88.82 -129.31 -2.16
N GLU B 1501 89.52 -128.58 -3.03
CA GLU B 1501 90.38 -129.26 -4.00
C GLU B 1501 91.60 -129.83 -3.32
N GLN B 1502 92.00 -129.24 -2.20
CA GLN B 1502 93.10 -129.82 -1.45
C GLN B 1502 92.69 -131.13 -0.82
N LEU B 1503 91.39 -131.29 -0.53
CA LEU B 1503 90.93 -132.61 -0.11
C LEU B 1503 91.01 -133.60 -1.27
N GLU B 1504 90.79 -133.12 -2.49
CA GLU B 1504 90.89 -134.00 -3.64
C GLU B 1504 92.33 -134.41 -3.88
N ALA B 1505 93.28 -133.55 -3.56
CA ALA B 1505 94.68 -133.89 -3.74
C ALA B 1505 95.17 -134.84 -2.66
N VAL B 1506 94.71 -134.66 -1.41
CA VAL B 1506 95.19 -135.50 -0.33
C VAL B 1506 94.56 -136.88 -0.41
N ARG B 1507 93.29 -136.94 -0.80
CA ARG B 1507 92.63 -138.23 -0.95
C ARG B 1507 93.23 -139.03 -2.09
N ARG B 1508 93.69 -138.34 -3.14
CA ARG B 1508 94.22 -139.02 -4.30
C ARG B 1508 95.50 -139.76 -3.98
N GLU B 1509 96.39 -139.14 -3.19
CA GLU B 1509 97.63 -139.83 -2.86
C GLU B 1509 97.38 -140.89 -1.81
N ASN B 1510 96.33 -140.73 -1.00
CA ASN B 1510 96.05 -141.72 0.03
C ASN B 1510 95.56 -143.01 -0.57
N LYS B 1511 94.66 -142.94 -1.54
CA LYS B 1511 94.22 -144.16 -2.21
C LYS B 1511 95.29 -144.68 -3.15
N ASN B 1512 96.22 -143.82 -3.56
CA ASN B 1512 97.35 -144.28 -4.34
C ASN B 1512 98.26 -145.14 -3.49
N LEU B 1513 98.59 -144.69 -2.29
CA LEU B 1513 99.49 -145.44 -1.44
C LEU B 1513 98.76 -146.60 -0.77
N ALA B 1514 97.44 -146.53 -0.70
CA ALA B 1514 96.66 -147.67 -0.22
C ALA B 1514 96.74 -148.82 -1.22
N ASP B 1515 96.94 -148.51 -2.49
CA ASP B 1515 97.33 -149.55 -3.44
C ASP B 1515 98.76 -149.98 -3.20
N GLU B 1516 99.60 -149.07 -2.69
CA GLU B 1516 101.02 -149.37 -2.63
C GLU B 1516 101.41 -150.03 -1.32
N VAL B 1517 100.46 -150.17 -0.39
CA VAL B 1517 100.80 -150.88 0.84
C VAL B 1517 100.57 -152.38 0.68
N LYS B 1518 99.67 -152.76 -0.23
CA LYS B 1518 99.31 -154.17 -0.31
C LYS B 1518 100.28 -154.94 -1.19
N ASP B 1519 100.78 -154.32 -2.27
CA ASP B 1519 101.72 -155.03 -3.14
C ASP B 1519 103.09 -155.14 -2.49
N LEU B 1520 103.45 -154.12 -1.69
CA LEU B 1520 104.66 -154.22 -0.91
C LEU B 1520 104.51 -155.23 0.21
N LEU B 1521 103.28 -155.41 0.71
CA LEU B 1521 103.00 -156.53 1.60
C LEU B 1521 103.11 -157.85 0.85
N ASP B 1522 102.74 -157.85 -0.43
CA ASP B 1522 102.91 -159.05 -1.24
C ASP B 1522 104.38 -159.29 -1.55
N GLN B 1523 105.18 -158.23 -1.59
CA GLN B 1523 106.61 -158.36 -1.85
C GLN B 1523 107.31 -159.10 -0.73
N ILE B 1524 106.90 -158.85 0.51
CA ILE B 1524 107.50 -159.57 1.63
C ILE B 1524 106.88 -160.95 1.77
N GLY B 1525 105.78 -161.19 1.05
CA GLY B 1525 105.17 -162.51 1.07
C GLY B 1525 105.98 -163.53 0.28
N GLU B 1526 106.11 -163.32 -1.03
CA GLU B 1526 106.89 -164.23 -1.85
C GLU B 1526 108.38 -164.11 -1.53
N GLY B 1527 108.81 -162.94 -1.08
CA GLY B 1527 110.16 -162.81 -0.57
C GLY B 1527 110.35 -163.57 0.72
N GLY B 1528 109.30 -163.67 1.53
CA GLY B 1528 109.36 -164.52 2.70
C GLY B 1528 109.41 -165.98 2.34
N ARG B 1529 108.79 -166.35 1.22
CA ARG B 1529 108.97 -167.69 0.70
C ARG B 1529 110.35 -167.84 0.07
N ASN B 1530 110.91 -166.73 -0.42
CA ASN B 1530 112.19 -166.79 -1.12
C ASN B 1530 113.34 -167.10 -0.16
N ILE B 1531 113.23 -166.64 1.09
CA ILE B 1531 114.31 -166.89 2.05
C ILE B 1531 114.27 -168.35 2.51
N HIS B 1532 113.13 -169.00 2.36
CA HIS B 1532 113.03 -170.37 2.83
C HIS B 1532 113.61 -171.35 1.83
N GLU B 1533 113.46 -171.07 0.53
CA GLU B 1533 113.85 -172.05 -0.46
C GLU B 1533 115.36 -172.08 -0.66
N ILE B 1534 116.01 -170.93 -0.45
CA ILE B 1534 117.47 -170.96 -0.50
C ILE B 1534 118.03 -171.50 0.81
N GLU B 1535 117.23 -171.46 1.87
CA GLU B 1535 117.58 -172.22 3.06
C GLU B 1535 117.34 -173.70 2.83
N LYS B 1536 116.33 -174.03 2.03
CA LYS B 1536 115.94 -175.43 1.85
C LYS B 1536 117.00 -176.20 1.07
N GLN B 1537 117.70 -175.53 0.14
CA GLN B 1537 118.77 -176.19 -0.57
C GLN B 1537 120.01 -176.29 0.30
N LYS B 1538 120.10 -175.48 1.34
CA LYS B 1538 121.33 -175.43 2.13
C LYS B 1538 121.45 -176.65 3.04
N LYS B 1539 120.44 -176.88 3.87
CA LYS B 1539 120.53 -177.99 4.82
C LYS B 1539 120.39 -179.33 4.12
N ARG B 1540 119.76 -179.34 2.94
CA ARG B 1540 119.75 -180.53 2.11
C ARG B 1540 121.15 -180.80 1.55
N LEU B 1541 121.95 -179.75 1.40
CA LEU B 1541 123.33 -179.94 0.95
C LEU B 1541 124.23 -180.29 2.11
N GLU B 1542 123.82 -179.96 3.34
CA GLU B 1542 124.70 -180.16 4.48
C GLU B 1542 124.75 -181.63 4.88
N VAL B 1543 123.67 -182.38 4.61
CA VAL B 1543 123.62 -183.76 5.04
C VAL B 1543 124.55 -184.61 4.18
N GLU B 1544 124.84 -184.16 2.96
CA GLU B 1544 125.84 -184.86 2.17
C GLU B 1544 127.23 -184.30 2.43
N LYS B 1545 127.30 -183.07 2.94
CA LYS B 1545 128.60 -182.51 3.26
C LYS B 1545 129.20 -183.18 4.48
N ASP B 1546 128.36 -183.55 5.44
CA ASP B 1546 128.85 -184.31 6.58
C ASP B 1546 129.05 -185.77 6.19
N GLU B 1547 128.40 -186.21 5.11
CA GLU B 1547 128.60 -187.56 4.62
C GLU B 1547 130.00 -187.73 4.04
N LEU B 1548 130.41 -186.82 3.15
CA LEU B 1548 131.70 -186.96 2.49
C LEU B 1548 132.84 -186.72 3.45
N GLN B 1549 132.65 -185.81 4.41
CA GLN B 1549 133.68 -185.57 5.43
C GLN B 1549 133.89 -186.81 6.28
N ALA B 1550 132.82 -187.50 6.63
CA ALA B 1550 132.94 -188.74 7.40
C ALA B 1550 133.56 -189.84 6.56
N ALA B 1551 133.31 -189.83 5.25
CA ALA B 1551 133.82 -190.88 4.39
C ALA B 1551 135.33 -190.78 4.26
N LEU B 1552 135.86 -189.56 4.24
CA LEU B 1552 137.32 -189.39 4.26
C LEU B 1552 137.89 -189.84 5.59
N GLU B 1553 137.20 -189.54 6.69
CA GLU B 1553 137.62 -190.08 7.98
C GLU B 1553 137.43 -191.59 8.02
N GLU B 1554 136.44 -192.10 7.31
CA GLU B 1554 136.35 -193.54 7.14
C GLU B 1554 137.49 -194.03 6.26
N ALA B 1555 137.88 -193.23 5.28
CA ALA B 1555 138.97 -193.63 4.40
C ALA B 1555 140.30 -193.58 5.12
N GLU B 1556 140.58 -192.47 5.80
CA GLU B 1556 141.93 -192.25 6.32
C GLU B 1556 142.26 -193.22 7.45
N ALA B 1557 141.24 -193.73 8.13
CA ALA B 1557 141.45 -194.87 9.00
C ALA B 1557 141.72 -196.12 8.17
N ALA B 1558 140.88 -196.36 7.16
CA ALA B 1558 141.00 -197.58 6.37
C ALA B 1558 142.17 -197.51 5.42
N LEU B 1559 142.71 -196.32 5.18
CA LEU B 1559 143.94 -196.19 4.40
C LEU B 1559 145.15 -196.41 5.29
N GLU B 1560 144.96 -196.37 6.60
CA GLU B 1560 146.09 -196.46 7.51
C GLU B 1560 146.53 -197.90 7.70
N GLN B 1561 145.58 -198.83 7.62
CA GLN B 1561 145.86 -200.18 8.07
C GLN B 1561 146.74 -200.95 7.09
N GLU B 1562 146.79 -200.55 5.82
CA GLU B 1562 147.76 -201.17 4.95
C GLU B 1562 149.17 -200.67 5.25
N GLU B 1563 149.27 -199.41 5.69
CA GLU B 1563 150.57 -198.87 6.08
C GLU B 1563 151.09 -199.58 7.32
N ASN B 1564 150.19 -200.05 8.18
CA ASN B 1564 150.58 -201.01 9.19
C ASN B 1564 150.90 -202.35 8.55
N LYS B 1565 150.08 -202.79 7.61
CA LYS B 1565 150.23 -204.13 7.06
C LYS B 1565 151.49 -204.24 6.21
N VAL B 1566 151.86 -203.16 5.52
CA VAL B 1566 153.02 -203.21 4.66
C VAL B 1566 154.30 -203.24 5.49
N LEU B 1567 154.21 -202.80 6.74
CA LEU B 1567 155.36 -202.95 7.61
C LEU B 1567 155.48 -204.38 8.10
N ARG B 1568 154.36 -205.11 8.15
CA ARG B 1568 154.36 -206.39 8.85
C ARG B 1568 155.17 -207.44 8.12
N SER B 1569 154.89 -207.65 6.84
CA SER B 1569 155.65 -208.64 6.10
C SER B 1569 157.08 -208.16 5.86
N GLN B 1570 157.29 -206.84 5.86
CA GLN B 1570 158.65 -206.34 5.96
C GLN B 1570 159.28 -206.71 7.30
N LEU B 1571 158.47 -206.76 8.35
CA LEU B 1571 159.03 -207.03 9.67
C LEU B 1571 159.34 -208.51 9.81
N GLU B 1572 158.57 -209.37 9.15
CA GLU B 1572 158.90 -210.79 9.18
C GLU B 1572 160.12 -211.08 8.33
N LEU B 1573 160.18 -210.52 7.12
CA LEU B 1573 161.22 -210.88 6.17
C LEU B 1573 162.58 -210.35 6.61
N SER B 1574 162.60 -209.38 7.52
CA SER B 1574 163.86 -209.00 8.12
C SER B 1574 164.31 -210.04 9.14
N GLN B 1575 163.37 -210.82 9.67
CA GLN B 1575 163.70 -211.69 10.79
C GLN B 1575 163.99 -213.11 10.34
N VAL B 1576 163.73 -213.44 9.08
CA VAL B 1576 163.78 -214.84 8.66
C VAL B 1576 165.21 -215.32 8.49
N ARG B 1577 166.18 -214.41 8.58
CA ARG B 1577 167.57 -214.82 8.66
C ARG B 1577 167.84 -215.54 9.98
N GLN B 1578 167.04 -215.26 11.01
CA GLN B 1578 167.25 -215.87 12.31
C GLN B 1578 166.62 -217.26 12.39
N GLU B 1579 165.44 -217.44 11.80
CA GLU B 1579 164.72 -218.68 12.05
C GLU B 1579 165.26 -219.81 11.19
N ILE B 1580 165.82 -219.50 10.04
CA ILE B 1580 166.33 -220.56 9.15
C ILE B 1580 167.60 -221.16 9.73
N ASP B 1581 168.32 -220.42 10.58
CA ASP B 1581 169.47 -221.03 11.23
C ASP B 1581 169.04 -221.68 12.54
N ARG B 1582 167.83 -221.37 13.01
CA ARG B 1582 167.35 -221.98 14.24
C ARG B 1582 166.63 -223.28 13.95
N ARG B 1583 165.96 -223.36 12.81
CA ARG B 1583 165.22 -224.56 12.49
C ARG B 1583 166.13 -225.64 11.95
N ILE B 1584 167.24 -225.24 11.32
CA ILE B 1584 168.17 -226.21 10.75
C ILE B 1584 168.89 -226.87 11.92
N GLN B 1585 169.03 -226.14 13.03
CA GLN B 1585 169.59 -226.72 14.24
C GLN B 1585 168.67 -227.80 14.80
N GLU B 1586 167.37 -227.65 14.57
CA GLU B 1586 166.44 -228.69 15.03
C GLU B 1586 166.58 -229.93 14.18
N LYS B 1587 166.61 -229.77 12.86
CA LYS B 1587 166.57 -230.93 11.99
C LYS B 1587 167.88 -231.71 12.01
N GLU B 1588 169.01 -231.01 12.14
CA GLU B 1588 170.27 -231.76 12.13
C GLU B 1588 170.47 -232.47 13.45
N GLU B 1589 169.99 -231.89 14.55
CA GLU B 1589 170.25 -232.47 15.86
C GLU B 1589 169.43 -233.73 16.06
N GLU B 1590 168.31 -233.85 15.36
CA GLU B 1590 167.67 -235.15 15.25
C GLU B 1590 168.57 -236.12 14.50
N PHE B 1591 169.22 -235.64 13.44
CA PHE B 1591 170.01 -236.55 12.61
C PHE B 1591 171.44 -236.66 13.11
N GLU B 1592 171.85 -235.77 14.02
CA GLU B 1592 173.19 -235.86 14.55
C GLU B 1592 173.32 -237.02 15.51
N ASN B 1593 172.28 -237.24 16.32
CA ASN B 1593 172.33 -238.35 17.26
C ASN B 1593 172.15 -239.69 16.56
N THR B 1594 171.47 -239.69 15.40
CA THR B 1594 171.30 -240.93 14.67
C THR B 1594 172.62 -241.38 14.08
N ARG B 1595 173.44 -240.44 13.63
CA ARG B 1595 174.80 -240.77 13.27
C ARG B 1595 175.56 -241.29 14.47
N LYS B 1596 175.33 -240.68 15.65
CA LYS B 1596 175.99 -241.12 16.86
C LYS B 1596 175.48 -242.50 17.28
N ASN B 1597 174.25 -242.83 16.93
CA ASN B 1597 173.77 -244.18 17.18
C ASN B 1597 174.43 -245.17 16.23
N HIS B 1598 174.43 -244.85 14.94
CA HIS B 1598 174.86 -245.82 13.95
C HIS B 1598 176.37 -246.02 13.99
N GLN B 1599 177.11 -244.99 14.42
CA GLN B 1599 178.56 -245.13 14.55
C GLN B 1599 178.91 -246.14 15.64
N ARG B 1600 178.12 -246.17 16.71
CA ARG B 1600 178.36 -247.18 17.73
C ARG B 1600 177.81 -248.54 17.29
N ALA B 1601 176.89 -248.54 16.34
CA ALA B 1601 176.36 -249.80 15.85
C ALA B 1601 177.39 -250.53 14.99
N LEU B 1602 178.03 -249.79 14.08
CA LEU B 1602 179.10 -250.32 13.25
C LEU B 1602 180.27 -250.72 14.13
N ASP B 1603 180.48 -249.97 15.22
CA ASP B 1603 181.51 -250.33 16.19
C ASP B 1603 181.14 -251.65 16.87
N SER B 1604 179.85 -251.88 17.09
CA SER B 1604 179.44 -253.11 17.76
C SER B 1604 179.60 -254.30 16.84
N MET B 1605 179.49 -254.09 15.54
CA MET B 1605 179.77 -255.18 14.62
C MET B 1605 181.26 -255.36 14.43
N GLN B 1606 182.02 -254.26 14.40
CA GLN B 1606 183.45 -254.34 14.11
C GLN B 1606 184.21 -255.03 15.23
N ALA B 1607 183.65 -255.00 16.44
CA ALA B 1607 184.23 -255.78 17.52
C ALA B 1607 184.12 -257.27 17.25
N SER B 1608 183.01 -257.70 16.63
CA SER B 1608 182.83 -259.11 16.35
C SER B 1608 183.73 -259.55 15.21
N LEU B 1609 183.93 -258.67 14.21
CA LEU B 1609 184.83 -259.02 13.13
C LEU B 1609 186.27 -259.01 13.59
N GLU B 1610 186.56 -258.29 14.68
CA GLU B 1610 187.84 -258.44 15.34
C GLU B 1610 187.94 -259.80 16.03
N ALA B 1611 186.80 -260.33 16.48
CA ALA B 1611 186.82 -261.62 17.16
C ALA B 1611 186.86 -262.77 16.17
N GLU B 1612 186.01 -262.72 15.14
CA GLU B 1612 185.88 -263.86 14.24
C GLU B 1612 187.07 -263.97 13.29
N ALA B 1613 187.82 -262.88 13.13
CA ALA B 1613 189.08 -262.98 12.40
C ALA B 1613 190.10 -263.74 13.22
N LYS B 1614 190.27 -263.36 14.49
CA LYS B 1614 191.27 -263.98 15.33
C LYS B 1614 190.87 -265.41 15.68
N GLY B 1615 189.57 -265.68 15.71
CA GLY B 1615 189.13 -267.05 15.93
C GLY B 1615 189.47 -267.94 14.76
N LYS B 1616 189.37 -267.41 13.55
CA LYS B 1616 189.88 -268.13 12.39
C LYS B 1616 191.38 -268.28 12.47
N ALA B 1617 192.06 -267.25 12.98
CA ALA B 1617 193.49 -267.34 13.21
C ALA B 1617 193.80 -268.32 14.33
N GLU B 1618 192.86 -268.51 15.24
CA GLU B 1618 193.00 -269.59 16.21
C GLU B 1618 192.75 -270.93 15.54
N ALA B 1619 191.94 -270.95 14.48
CA ALA B 1619 191.63 -272.21 13.84
C ALA B 1619 192.75 -272.65 12.91
N LEU B 1620 193.07 -271.83 11.90
CA LEU B 1620 193.93 -272.29 10.82
C LEU B 1620 195.37 -272.47 11.28
N ARG B 1621 195.78 -271.77 12.35
CA ARG B 1621 197.06 -272.05 12.95
C ARG B 1621 197.05 -273.41 13.62
N MET B 1622 195.96 -273.74 14.32
CA MET B 1622 195.87 -275.05 14.95
C MET B 1622 195.58 -276.13 13.92
N LYS B 1623 195.08 -275.73 12.75
CA LYS B 1623 194.85 -276.71 11.69
C LYS B 1623 196.15 -277.24 11.14
N LYS B 1624 197.17 -276.39 11.05
CA LYS B 1624 198.44 -276.82 10.47
C LYS B 1624 199.17 -277.80 11.38
N LYS B 1625 199.13 -277.57 12.69
CA LYS B 1625 199.72 -278.53 13.62
C LYS B 1625 198.94 -279.83 13.66
N LEU B 1626 197.63 -279.75 13.40
CA LEU B 1626 196.88 -280.97 13.14
C LEU B 1626 197.31 -281.58 11.81
N GLU B 1627 197.51 -280.76 10.78
CA GLU B 1627 197.95 -281.30 9.50
C GLU B 1627 199.41 -281.70 9.54
N ALA B 1628 200.17 -281.18 10.49
CA ALA B 1628 201.56 -281.60 10.62
C ALA B 1628 201.64 -283.03 11.12
N ASP B 1629 200.68 -283.47 11.93
CA ASP B 1629 200.74 -284.81 12.47
C ASP B 1629 200.30 -285.84 11.45
N ILE B 1630 199.25 -285.52 10.67
CA ILE B 1630 198.65 -286.49 9.76
C ILE B 1630 199.61 -286.82 8.62
N ASN B 1631 200.49 -285.89 8.26
CA ASN B 1631 201.57 -286.24 7.36
C ASN B 1631 202.64 -287.02 8.09
N GLU B 1632 202.90 -286.68 9.35
CA GLU B 1632 203.99 -287.31 10.07
C GLU B 1632 203.60 -288.70 10.54
N LEU B 1633 202.33 -288.89 10.91
CA LEU B 1633 201.93 -290.23 11.35
C LEU B 1633 201.79 -291.17 10.16
N GLU B 1634 201.35 -290.66 9.01
CA GLU B 1634 201.24 -291.54 7.86
C GLU B 1634 202.60 -291.81 7.23
N ILE B 1635 203.58 -290.95 7.50
CA ILE B 1635 204.94 -291.26 7.09
C ILE B 1635 205.62 -292.12 8.14
N ALA B 1636 205.01 -292.24 9.31
CA ALA B 1636 205.51 -293.18 10.29
C ALA B 1636 205.02 -294.59 10.01
N LEU B 1637 203.74 -294.72 9.67
CA LEU B 1637 203.10 -296.03 9.66
C LEU B 1637 203.57 -296.88 8.49
N ASP B 1638 203.77 -296.27 7.32
CA ASP B 1638 204.29 -297.03 6.19
C ASP B 1638 205.75 -297.40 6.43
N HIS B 1639 206.46 -296.55 7.15
CA HIS B 1639 207.83 -296.88 7.54
C HIS B 1639 207.82 -297.80 8.75
N ALA B 1640 206.67 -297.96 9.40
CA ALA B 1640 206.56 -298.97 10.45
C ALA B 1640 206.29 -300.33 9.86
N ASN B 1641 205.29 -300.44 8.98
CA ASN B 1641 204.90 -301.74 8.44
C ASN B 1641 205.94 -302.29 7.49
N LYS B 1642 206.78 -301.43 6.93
CA LYS B 1642 207.90 -301.90 6.12
C LYS B 1642 208.92 -302.62 6.99
N ALA B 1643 209.06 -302.17 8.24
CA ALA B 1643 210.04 -302.79 9.13
C ALA B 1643 209.61 -304.18 9.55
N ASN B 1644 208.30 -304.37 9.73
CA ASN B 1644 207.80 -305.69 10.13
C ASN B 1644 207.97 -306.70 9.01
N SER B 1645 207.92 -306.24 7.77
CA SER B 1645 208.23 -307.14 6.66
C SER B 1645 209.71 -307.49 6.66
N GLU B 1646 210.57 -306.50 6.93
CA GLU B 1646 211.99 -306.80 7.09
C GLU B 1646 212.22 -307.62 8.33
N ALA B 1647 211.37 -307.45 9.35
CA ALA B 1647 211.38 -308.40 10.45
C ALA B 1647 210.91 -309.77 10.00
N GLN B 1648 209.90 -309.81 9.12
CA GLN B 1648 209.37 -311.10 8.69
C GLN B 1648 210.29 -311.79 7.71
N LYS B 1649 211.14 -311.03 7.02
CA LYS B 1649 212.12 -311.67 6.16
C LYS B 1649 213.30 -312.18 6.96
N THR B 1650 213.77 -311.37 7.91
CA THR B 1650 214.96 -311.74 8.67
C THR B 1650 214.69 -312.91 9.59
N ILE B 1651 213.45 -313.08 10.02
CA ILE B 1651 213.13 -314.24 10.83
C ILE B 1651 213.08 -315.48 9.94
N LYS B 1652 212.89 -315.28 8.64
CA LYS B 1652 212.89 -316.42 7.73
C LYS B 1652 214.31 -316.81 7.35
N LYS B 1653 215.23 -315.85 7.38
CA LYS B 1653 216.60 -316.14 7.01
C LYS B 1653 217.25 -317.08 8.01
N TYR B 1654 216.94 -316.92 9.29
CA TYR B 1654 217.42 -317.87 10.27
C TYR B 1654 216.61 -319.15 10.20
N GLN B 1655 215.35 -319.03 9.75
CA GLN B 1655 214.46 -320.19 9.68
C GLN B 1655 214.94 -321.19 8.65
N GLN B 1656 215.54 -320.70 7.57
CA GLN B 1656 216.23 -321.62 6.69
C GLN B 1656 217.56 -322.05 7.29
N GLN B 1657 218.23 -321.16 8.03
CA GLN B 1657 219.57 -321.47 8.51
C GLN B 1657 219.52 -322.46 9.67
N LEU B 1658 218.40 -322.56 10.35
CA LEU B 1658 218.31 -323.54 11.42
C LEU B 1658 217.98 -324.92 10.85
N LYS B 1659 217.46 -324.97 9.64
CA LYS B 1659 217.06 -326.27 9.11
C LYS B 1659 218.24 -327.04 8.56
N ASP B 1660 219.11 -326.38 7.80
CA ASP B 1660 220.17 -327.11 7.12
C ASP B 1660 221.29 -327.50 8.09
N VAL B 1661 221.47 -326.73 9.15
CA VAL B 1661 222.45 -327.13 10.15
C VAL B 1661 221.89 -328.26 11.00
N GLN B 1662 220.57 -328.38 11.07
CA GLN B 1662 219.95 -329.49 11.78
C GLN B 1662 220.20 -330.79 11.05
N THR B 1663 220.21 -330.74 9.72
CA THR B 1663 220.49 -331.91 8.91
C THR B 1663 221.92 -332.36 9.12
N ALA B 1664 222.82 -331.38 9.30
CA ALA B 1664 224.20 -331.72 9.60
C ALA B 1664 224.31 -332.43 10.94
N LEU B 1665 223.49 -332.02 11.91
CA LEU B 1665 223.42 -332.77 13.16
C LEU B 1665 222.77 -334.12 12.93
N GLU B 1666 221.81 -334.20 12.01
CA GLU B 1666 221.28 -335.51 11.65
C GLU B 1666 222.25 -336.25 10.75
N GLU B 1667 223.17 -335.54 10.11
CA GLU B 1667 224.19 -336.23 9.33
C GLU B 1667 225.20 -336.92 10.23
N GLU B 1668 225.69 -336.22 11.24
CA GLU B 1668 226.73 -336.79 12.09
C GLU B 1668 226.16 -337.88 13.00
N GLN B 1669 224.90 -337.72 13.40
CA GLN B 1669 224.35 -338.61 14.44
C GLN B 1669 224.15 -340.02 13.90
N ARG B 1670 223.88 -340.15 12.60
CA ARG B 1670 223.92 -341.48 12.02
C ARG B 1670 225.34 -341.84 11.59
N ALA B 1671 226.19 -340.83 11.42
CA ALA B 1671 227.59 -341.14 11.08
C ALA B 1671 228.36 -341.56 12.32
N ARG B 1672 228.08 -340.95 13.46
CA ARG B 1672 228.67 -341.41 14.71
C ARG B 1672 228.14 -342.78 15.08
N ASP B 1673 226.91 -343.07 14.68
CA ASP B 1673 226.37 -344.42 14.83
C ASP B 1673 227.11 -345.39 13.91
N ASP B 1674 227.61 -344.89 12.78
CA ASP B 1674 228.37 -345.76 11.89
C ASP B 1674 229.74 -346.05 12.47
N ALA B 1675 230.21 -345.22 13.39
CA ALA B 1675 231.46 -345.52 14.07
C ALA B 1675 231.26 -346.64 15.07
N ARG B 1676 230.25 -346.53 15.91
CA ARG B 1676 230.10 -347.44 17.04
C ARG B 1676 229.76 -348.85 16.58
N GLU B 1677 228.89 -348.97 15.58
CA GLU B 1677 228.53 -350.28 15.07
C GLU B 1677 229.69 -350.89 14.30
N GLN B 1678 230.61 -350.05 13.82
CA GLN B 1678 231.87 -350.57 13.34
C GLN B 1678 232.78 -350.89 14.51
N LEU B 1679 232.73 -350.07 15.57
CA LEU B 1679 233.58 -350.33 16.71
C LEU B 1679 233.14 -351.57 17.45
N GLY B 1680 231.82 -351.79 17.49
CA GLY B 1680 231.29 -352.92 18.22
C GLY B 1680 231.70 -354.25 17.63
N ILE B 1681 231.76 -354.32 16.30
CA ILE B 1681 232.19 -355.57 15.68
C ILE B 1681 233.70 -355.70 15.77
N SER B 1682 234.39 -354.58 15.98
CA SER B 1682 235.82 -354.67 16.22
C SER B 1682 236.11 -355.12 17.64
N GLU B 1683 235.61 -354.39 18.62
CA GLU B 1683 236.04 -354.58 19.99
C GLU B 1683 235.51 -355.88 20.55
N ARG B 1684 234.36 -356.34 20.07
CA ARG B 1684 233.90 -357.65 20.49
C ARG B 1684 234.77 -358.74 19.89
N ARG B 1685 235.28 -358.51 18.68
CA ARG B 1685 236.25 -359.45 18.13
C ARG B 1685 237.58 -359.35 18.85
N ALA B 1686 237.94 -358.14 19.27
CA ALA B 1686 239.22 -357.92 19.92
C ALA B 1686 239.23 -358.53 21.31
N ASN B 1687 238.05 -358.69 21.91
CA ASN B 1687 237.97 -359.39 23.17
C ASN B 1687 237.79 -360.88 22.94
N ALA B 1688 237.45 -361.27 21.71
CA ALA B 1688 237.13 -362.67 21.45
C ALA B 1688 238.38 -363.51 21.37
N LEU B 1689 239.38 -363.02 20.64
CA LEU B 1689 240.58 -363.81 20.45
C LEU B 1689 241.40 -363.89 21.72
N GLN B 1690 241.20 -362.93 22.62
CA GLN B 1690 241.81 -362.92 23.94
C GLN B 1690 241.35 -364.14 24.71
N ASN B 1691 240.09 -364.52 24.53
CA ASN B 1691 239.60 -365.74 25.14
C ASN B 1691 240.24 -366.96 24.51
N GLU B 1692 240.60 -366.87 23.23
CA GLU B 1692 241.25 -368.00 22.57
C GLU B 1692 242.71 -368.11 22.99
N LEU B 1693 243.37 -366.97 23.19
CA LEU B 1693 244.79 -366.97 23.52
C LEU B 1693 245.07 -367.57 24.89
N GLU B 1694 244.31 -367.13 25.88
CA GLU B 1694 244.47 -367.68 27.23
C GLU B 1694 244.01 -369.12 27.29
N GLU B 1695 243.13 -369.53 26.38
CA GLU B 1695 242.86 -370.94 26.20
C GLU B 1695 244.06 -371.65 25.59
N SER B 1696 244.67 -371.03 24.59
CA SER B 1696 245.77 -371.71 23.90
C SER B 1696 247.06 -371.68 24.72
N ARG B 1697 247.24 -370.61 25.51
CA ARG B 1697 248.44 -370.49 26.33
C ARG B 1697 248.50 -371.59 27.39
N THR B 1698 247.34 -371.95 27.94
CA THR B 1698 247.28 -373.08 28.83
C THR B 1698 247.60 -374.37 28.10
N LEU B 1699 247.17 -374.47 26.84
CA LEU B 1699 247.50 -375.66 26.07
C LEU B 1699 248.95 -375.62 25.62
N LEU B 1700 249.50 -374.42 25.44
CA LEU B 1700 250.89 -374.31 25.02
C LEU B 1700 251.82 -374.66 26.17
N GLU B 1701 251.41 -374.38 27.40
CA GLU B 1701 252.24 -374.76 28.53
C GLU B 1701 252.01 -376.21 28.92
N GLN B 1702 250.96 -376.83 28.35
CA GLN B 1702 250.70 -378.22 28.65
C GLN B 1702 251.74 -379.11 28.01
N ALA B 1703 252.06 -378.86 26.74
CA ALA B 1703 253.10 -379.63 26.07
C ALA B 1703 254.47 -379.26 26.60
N ASP B 1704 254.60 -378.08 27.20
CA ASP B 1704 255.86 -377.71 27.84
C ASP B 1704 256.11 -378.58 29.06
N ARG B 1705 255.05 -378.99 29.73
CA ARG B 1705 255.18 -379.99 30.78
C ARG B 1705 255.24 -381.38 30.17
N GLY B 1706 254.92 -381.50 28.88
CA GLY B 1706 254.99 -382.79 28.23
C GLY B 1706 256.40 -383.17 27.84
N ARG B 1707 257.06 -382.33 27.05
CA ARG B 1707 258.32 -382.75 26.45
C ARG B 1707 259.45 -382.72 27.48
N ARG B 1708 259.29 -381.97 28.56
CA ARG B 1708 260.37 -381.88 29.54
C ARG B 1708 260.43 -383.16 30.34
N GLN B 1709 259.29 -383.85 30.48
CA GLN B 1709 259.34 -385.17 31.07
C GLN B 1709 259.53 -386.23 29.99
N ALA B 1710 259.24 -385.89 28.74
CA ALA B 1710 259.36 -386.87 27.68
C ALA B 1710 260.81 -387.12 27.34
N GLU B 1711 261.61 -386.06 27.20
CA GLU B 1711 263.03 -386.25 26.92
C GLU B 1711 263.75 -386.79 28.14
N GLN B 1712 263.15 -386.64 29.32
CA GLN B 1712 263.71 -387.28 30.51
C GLN B 1712 263.60 -388.78 30.40
N GLU B 1713 262.51 -389.29 29.79
CA GLU B 1713 262.42 -390.70 29.51
C GLU B 1713 263.41 -391.10 28.43
N LEU B 1714 263.71 -390.19 27.52
CA LEU B 1714 264.86 -390.40 26.64
C LEU B 1714 266.15 -390.25 27.42
N GLY B 1715 266.14 -389.39 28.45
CA GLY B 1715 267.38 -389.06 29.13
C GLY B 1715 267.93 -390.20 29.96
N ASP B 1716 267.10 -390.80 30.80
CA ASP B 1716 267.58 -391.87 31.67
C ASP B 1716 267.85 -393.14 30.87
N ALA B 1717 267.16 -393.30 29.74
CA ALA B 1717 267.43 -394.42 28.87
C ALA B 1717 268.75 -394.24 28.16
N HIS B 1718 269.05 -393.02 27.71
CA HIS B 1718 270.26 -392.81 26.94
C HIS B 1718 271.48 -392.83 27.85
N GLU B 1719 271.27 -392.63 29.14
CA GLU B 1719 272.34 -392.91 30.10
C GLU B 1719 272.52 -394.40 30.25
N GLN B 1720 271.42 -395.16 30.18
CA GLN B 1720 271.51 -396.60 30.42
C GLN B 1720 272.10 -397.32 29.21
N ILE B 1721 271.95 -396.75 28.02
CA ILE B 1721 272.52 -397.37 26.83
C ILE B 1721 274.03 -397.17 26.81
N ASN B 1722 274.54 -396.27 27.64
CA ASN B 1722 275.98 -396.23 27.87
C ASN B 1722 276.37 -397.36 28.81
N GLU B 1723 275.55 -397.61 29.84
CA GLU B 1723 276.00 -398.43 30.96
C GLU B 1723 276.00 -399.91 30.59
N LEU B 1724 274.95 -400.38 29.91
CA LEU B 1724 274.92 -401.79 29.53
C LEU B 1724 275.90 -402.08 28.41
N ALA B 1725 276.09 -401.12 27.50
CA ALA B 1725 277.00 -401.33 26.38
C ALA B 1725 278.45 -401.34 26.85
N ALA B 1726 278.76 -400.54 27.86
CA ALA B 1726 280.10 -400.61 28.46
C ALA B 1726 280.29 -401.94 29.17
N GLN B 1727 279.21 -402.49 29.74
CA GLN B 1727 279.27 -403.83 30.29
C GLN B 1727 279.35 -404.86 29.17
N ALA B 1728 278.78 -404.54 28.02
CA ALA B 1728 278.71 -405.52 26.94
C ALA B 1728 280.07 -405.76 26.30
N THR B 1729 280.82 -404.68 26.04
CA THR B 1729 282.15 -404.86 25.50
C THR B 1729 283.12 -405.35 26.58
N SER B 1730 282.79 -405.13 27.85
CA SER B 1730 283.62 -405.65 28.93
C SER B 1730 283.42 -407.15 29.09
N ALA B 1731 282.17 -407.60 29.03
CA ALA B 1731 281.90 -409.03 29.15
C ALA B 1731 282.38 -409.77 27.91
N SER B 1732 282.34 -409.13 26.76
CA SER B 1732 282.85 -409.76 25.55
C SER B 1732 284.37 -409.85 25.60
N ALA B 1733 285.01 -408.87 26.25
CA ALA B 1733 286.45 -408.95 26.45
C ALA B 1733 286.79 -410.05 27.44
N ALA B 1734 285.90 -410.33 28.38
CA ALA B 1734 286.16 -411.39 29.35
C ALA B 1734 285.97 -412.76 28.72
N LYS B 1735 285.14 -412.85 27.68
CA LYS B 1735 284.93 -414.14 27.05
C LYS B 1735 286.13 -414.53 26.19
N ARG B 1736 286.67 -413.57 25.44
CA ARG B 1736 287.72 -413.89 24.48
C ARG B 1736 289.03 -414.19 25.18
N LYS B 1737 289.22 -413.68 26.39
CA LYS B 1737 290.33 -414.12 27.21
C LYS B 1737 290.11 -415.54 27.67
N LEU B 1738 288.89 -415.84 28.12
CA LEU B 1738 288.64 -417.13 28.74
C LEU B 1738 288.59 -418.24 27.70
N GLU B 1739 287.97 -417.98 26.55
CA GLU B 1739 287.93 -419.01 25.51
C GLU B 1739 289.28 -419.16 24.84
N GLY B 1740 290.13 -418.13 24.91
CA GLY B 1740 291.47 -418.26 24.40
C GLY B 1740 292.31 -419.18 25.25
N GLU B 1741 292.20 -419.04 26.58
CA GLU B 1741 292.93 -419.91 27.50
C GLU B 1741 292.39 -421.33 27.41
N LEU B 1742 291.10 -421.48 27.12
CA LEU B 1742 290.52 -422.80 26.95
C LEU B 1742 291.01 -423.43 25.66
N GLN B 1743 291.40 -422.62 24.69
CA GLN B 1743 291.93 -423.18 23.45
C GLN B 1743 293.31 -423.77 23.67
N THR B 1744 294.11 -423.14 24.52
CA THR B 1744 295.50 -423.58 24.68
C THR B 1744 295.59 -424.83 25.54
N LEU B 1745 295.03 -424.80 26.75
CA LEU B 1745 295.26 -425.88 27.70
C LEU B 1745 294.54 -427.16 27.27
N HIS B 1746 293.42 -427.04 26.58
CA HIS B 1746 292.78 -428.23 26.02
C HIS B 1746 293.61 -428.80 24.89
N ALA B 1747 294.33 -427.94 24.17
CA ALA B 1747 295.33 -428.44 23.23
C ALA B 1747 296.60 -428.86 23.97
N ASP B 1748 296.92 -428.19 25.07
CA ASP B 1748 298.17 -428.51 25.77
C ASP B 1748 298.05 -429.83 26.51
N LEU B 1749 296.86 -430.13 27.03
CA LEU B 1749 296.65 -431.44 27.61
C LEU B 1749 296.63 -432.50 26.52
N ASP B 1750 296.20 -432.12 25.32
CA ASP B 1750 296.38 -433.00 24.17
C ASP B 1750 297.83 -433.04 23.74
N GLU B 1751 298.58 -431.98 24.03
CA GLU B 1751 300.01 -431.99 23.71
C GLU B 1751 300.76 -432.90 24.67
N LEU B 1752 300.49 -432.78 25.96
CA LEU B 1752 301.25 -433.52 26.96
C LEU B 1752 300.93 -435.00 26.93
N LEU B 1753 299.68 -435.34 26.59
CA LEU B 1753 299.30 -436.74 26.50
C LEU B 1753 299.97 -437.40 25.31
N ASN B 1754 300.31 -436.62 24.29
CA ASN B 1754 301.14 -437.15 23.22
C ASN B 1754 302.55 -437.43 23.73
N GLU B 1755 303.01 -436.64 24.69
CA GLU B 1755 304.39 -436.77 25.14
C GLU B 1755 304.57 -438.03 25.97
N ALA B 1756 303.56 -438.38 26.76
CA ALA B 1756 303.64 -439.62 27.52
C ALA B 1756 303.59 -440.82 26.59
N LYS B 1757 302.78 -440.73 25.54
CA LYS B 1757 302.75 -441.80 24.54
C LYS B 1757 304.07 -441.88 23.80
N ASN B 1758 304.69 -440.72 23.55
CA ASN B 1758 306.05 -440.70 23.01
C ASN B 1758 307.02 -441.27 24.04
N SER B 1759 306.76 -441.02 25.32
CA SER B 1759 307.65 -441.54 26.35
C SER B 1759 307.46 -443.03 26.53
N GLU B 1760 306.21 -443.49 26.59
CA GLU B 1760 305.96 -444.89 26.90
C GLU B 1760 306.34 -445.78 25.73
N GLU B 1761 306.27 -445.27 24.52
CA GLU B 1761 306.71 -446.06 23.38
C GLU B 1761 308.21 -446.17 23.34
N LYS B 1762 308.92 -445.20 23.94
CA LYS B 1762 310.35 -445.35 24.11
C LYS B 1762 310.64 -446.45 25.12
N ALA B 1763 309.80 -446.57 26.14
CA ALA B 1763 309.94 -447.66 27.09
C ALA B 1763 309.64 -449.00 26.44
N LYS B 1764 308.65 -449.03 25.55
CA LYS B 1764 308.41 -450.21 24.74
C LYS B 1764 309.56 -450.47 23.77
N LYS B 1765 310.29 -449.42 23.40
CA LYS B 1765 311.51 -449.65 22.64
C LYS B 1765 312.64 -450.11 23.54
N ALA B 1766 312.72 -449.56 24.76
CA ALA B 1766 313.86 -449.85 25.61
C ALA B 1766 313.69 -451.20 26.31
N MET B 1767 312.49 -451.75 26.32
CA MET B 1767 312.31 -453.02 27.00
C MET B 1767 312.59 -454.19 26.07
N VAL B 1768 312.11 -454.11 24.82
CA VAL B 1768 312.08 -455.28 23.98
C VAL B 1768 313.48 -455.62 23.47
N ASP B 1769 314.37 -454.62 23.38
CA ASP B 1769 315.72 -454.92 22.96
C ASP B 1769 316.52 -455.50 24.11
N ALA B 1770 316.07 -455.27 25.35
CA ALA B 1770 316.71 -455.93 26.48
C ALA B 1770 316.42 -457.41 26.46
N ALA B 1771 315.24 -457.79 25.97
CA ALA B 1771 314.90 -459.20 25.86
C ALA B 1771 315.76 -459.87 24.80
N ARG B 1772 316.22 -459.11 23.81
CA ARG B 1772 317.22 -459.61 22.87
C ARG B 1772 318.53 -459.86 23.59
N LEU B 1773 318.81 -459.06 24.62
CA LEU B 1773 320.02 -459.30 25.39
C LEU B 1773 319.76 -460.32 26.49
N ALA B 1774 318.54 -460.35 27.03
CA ALA B 1774 318.26 -461.20 28.18
C ALA B 1774 318.23 -462.68 27.79
N ASP B 1775 317.61 -462.99 26.65
CA ASP B 1775 317.52 -464.39 26.23
C ASP B 1775 318.87 -464.92 25.81
N GLU B 1776 319.73 -464.04 25.29
CA GLU B 1776 321.06 -464.46 24.88
C GLU B 1776 321.92 -464.83 26.08
N LEU B 1777 321.81 -464.06 27.16
CA LEU B 1777 322.52 -464.42 28.38
C LEU B 1777 321.93 -465.68 28.99
N ARG B 1778 320.62 -465.82 28.92
CA ARG B 1778 319.97 -467.00 29.49
C ARG B 1778 320.29 -468.24 28.66
N ALA B 1779 320.58 -468.06 27.38
CA ALA B 1779 321.09 -469.17 26.60
C ALA B 1779 322.51 -469.50 27.02
N GLU B 1780 323.31 -468.47 27.28
CA GLU B 1780 324.75 -468.66 27.42
C GLU B 1780 325.09 -469.35 28.72
N GLN B 1781 324.25 -469.18 29.73
CA GLN B 1781 324.42 -469.89 30.99
C GLN B 1781 324.27 -471.39 30.78
N ASP B 1782 323.37 -471.80 29.89
CA ASP B 1782 323.17 -473.22 29.64
C ASP B 1782 324.36 -473.80 28.89
N HIS B 1783 324.89 -473.06 27.92
CA HIS B 1783 326.13 -473.46 27.28
C HIS B 1783 327.28 -473.42 28.27
N ALA B 1784 327.24 -472.48 29.22
CA ALA B 1784 328.21 -472.49 30.29
C ALA B 1784 328.00 -473.68 31.21
N GLN B 1785 326.77 -474.18 31.28
CA GLN B 1785 326.46 -475.23 32.24
C GLN B 1785 327.09 -476.55 31.81
N THR B 1786 326.95 -476.92 30.54
CA THR B 1786 327.62 -478.11 30.05
C THR B 1786 329.12 -477.92 30.01
N GLN B 1787 329.57 -476.70 29.71
CA GLN B 1787 330.99 -476.41 29.74
C GLN B 1787 331.50 -476.41 31.17
N GLU B 1788 330.62 -476.19 32.14
CA GLU B 1788 331.02 -476.40 33.52
C GLU B 1788 331.07 -477.88 33.86
N LYS B 1789 330.12 -478.65 33.32
CA LYS B 1789 330.04 -480.06 33.71
C LYS B 1789 331.13 -480.88 33.03
N LEU B 1790 331.53 -480.49 31.83
CA LEU B 1790 332.53 -481.26 31.11
C LEU B 1790 333.90 -481.13 31.76
N ARG B 1791 334.14 -480.02 32.45
CA ARG B 1791 335.43 -479.81 33.09
C ARG B 1791 335.67 -480.82 34.19
N LYS B 1792 334.67 -481.06 35.03
CA LYS B 1792 334.79 -482.12 36.03
C LYS B 1792 334.70 -483.48 35.36
N ALA B 1793 334.04 -483.54 34.20
CA ALA B 1793 333.97 -484.79 33.47
C ALA B 1793 335.27 -485.07 32.73
N LEU B 1794 336.14 -484.07 32.59
CA LEU B 1794 337.42 -484.31 31.95
C LEU B 1794 338.54 -484.38 32.97
N GLU B 1795 338.32 -483.81 34.15
CA GLU B 1795 339.34 -483.89 35.19
C GLU B 1795 339.44 -485.31 35.75
N THR B 1796 338.38 -486.10 35.61
CA THR B 1796 338.45 -487.49 36.05
C THR B 1796 339.25 -488.34 35.07
N GLN B 1797 339.48 -487.83 33.86
CA GLN B 1797 340.35 -488.55 32.94
C GLN B 1797 341.81 -488.41 33.37
N ILE B 1798 342.21 -487.21 33.76
CA ILE B 1798 343.61 -486.97 34.07
C ILE B 1798 343.96 -487.57 35.43
N LYS B 1799 342.94 -487.93 36.21
CA LYS B 1799 343.22 -488.67 37.44
C LYS B 1799 343.28 -490.16 37.16
N GLU B 1800 342.58 -490.62 36.12
CA GLU B 1800 342.52 -492.05 35.87
C GLU B 1800 343.60 -492.47 34.88
N LEU B 1801 343.87 -491.66 33.87
CA LEU B 1801 344.88 -492.04 32.90
C LEU B 1801 346.27 -491.95 33.50
N GLN B 1802 346.45 -491.06 34.48
CA GLN B 1802 347.75 -490.93 35.13
C GLN B 1802 348.07 -492.16 35.96
N ILE B 1803 347.10 -492.64 36.75
CA ILE B 1803 347.37 -493.77 37.62
C ILE B 1803 347.41 -495.06 36.80
N ARG B 1804 346.77 -495.07 35.63
CA ARG B 1804 346.88 -496.24 34.78
C ARG B 1804 348.18 -496.22 34.01
N LEU B 1805 348.73 -495.02 33.80
CA LEU B 1805 350.07 -494.93 33.22
C LEU B 1805 351.12 -495.38 34.21
N ASP B 1806 351.02 -494.93 35.47
CA ASP B 1806 352.03 -495.24 36.46
C ASP B 1806 352.04 -496.73 36.81
N GLU B 1807 350.90 -497.39 36.65
CA GLU B 1807 350.86 -498.84 36.86
C GLU B 1807 351.59 -499.56 35.74
N ALA B 1808 351.50 -499.02 34.51
CA ALA B 1808 352.07 -499.72 33.38
C ALA B 1808 353.59 -499.62 33.36
N GLU B 1809 354.13 -498.43 33.66
CA GLU B 1809 355.56 -498.20 33.49
C GLU B 1809 356.38 -498.97 34.52
N THR B 1810 355.81 -499.20 35.69
CA THR B 1810 356.45 -500.15 36.60
C THR B 1810 356.27 -501.57 36.11
N ASN B 1811 355.09 -501.86 35.54
CA ASN B 1811 354.82 -503.23 35.11
C ASN B 1811 355.59 -503.58 33.84
N ALA B 1812 355.70 -502.63 32.91
CA ALA B 1812 356.44 -502.90 31.69
C ALA B 1812 357.93 -502.99 31.96
N LEU B 1813 358.41 -502.28 33.00
CA LEU B 1813 359.81 -502.42 33.38
C LEU B 1813 360.04 -503.75 34.04
N LYS B 1814 359.20 -504.11 35.02
CA LYS B 1814 359.35 -505.39 35.71
C LYS B 1814 359.00 -506.54 34.78
N GLY B 1815 358.14 -506.29 33.80
CA GLY B 1815 357.86 -507.30 32.78
C GLY B 1815 359.08 -507.60 31.93
N GLY B 1816 359.80 -506.56 31.51
CA GLY B 1816 360.98 -506.77 30.71
C GLY B 1816 362.17 -507.25 31.54
N LYS B 1817 362.29 -506.74 32.77
CA LYS B 1817 363.42 -507.10 33.62
C LYS B 1817 363.38 -508.57 34.01
N LYS B 1818 362.19 -509.11 34.25
CA LYS B 1818 362.08 -510.54 34.47
C LYS B 1818 362.25 -511.30 33.17
N ALA B 1819 361.85 -510.71 32.05
CA ALA B 1819 362.00 -511.39 30.78
C ALA B 1819 363.44 -511.40 30.33
N ILE B 1820 364.19 -510.35 30.65
CA ILE B 1820 365.57 -510.32 30.21
C ILE B 1820 366.44 -511.16 31.13
N ALA B 1821 365.99 -511.41 32.36
CA ALA B 1821 366.83 -512.11 33.33
C ALA B 1821 366.85 -513.60 33.07
N LYS B 1822 365.72 -514.18 32.69
CA LYS B 1822 365.67 -515.59 32.36
C LYS B 1822 366.54 -515.90 31.14
N LEU B 1823 366.48 -515.04 30.13
CA LEU B 1823 367.34 -515.23 28.97
C LEU B 1823 368.80 -514.93 29.31
N GLU B 1824 369.05 -514.13 30.35
CA GLU B 1824 370.40 -514.13 30.90
C GLU B 1824 370.69 -515.42 31.63
N GLN B 1825 369.69 -515.96 32.33
CA GLN B 1825 369.95 -517.11 33.18
C GLN B 1825 370.12 -518.38 32.36
N ARG B 1826 369.39 -518.51 31.24
CA ARG B 1826 369.48 -519.72 30.45
C ARG B 1826 370.74 -519.73 29.60
N VAL B 1827 371.09 -518.59 29.02
CA VAL B 1827 372.32 -518.48 28.24
C VAL B 1827 373.53 -518.68 29.14
N ARG B 1828 373.39 -518.33 30.43
CA ARG B 1828 374.41 -518.67 31.41
C ARG B 1828 374.55 -520.18 31.58
N GLU B 1829 373.43 -520.88 31.77
CA GLU B 1829 373.55 -522.30 32.14
C GLU B 1829 373.70 -523.17 30.91
N LEU B 1830 373.10 -522.79 29.78
CA LEU B 1830 373.24 -523.60 28.58
C LEU B 1830 374.65 -523.50 28.02
N GLU B 1831 375.31 -522.35 28.23
CA GLU B 1831 376.72 -522.29 27.88
C GLU B 1831 377.56 -523.02 28.91
N ASN B 1832 377.03 -523.19 30.13
CA ASN B 1832 377.70 -524.05 31.09
C ASN B 1832 377.47 -525.51 30.77
N GLU B 1833 376.40 -525.81 30.06
CA GLU B 1833 376.17 -527.19 29.65
C GLU B 1833 377.04 -527.54 28.45
N LEU B 1834 377.42 -526.53 27.67
CA LEU B 1834 378.21 -526.79 26.48
C LEU B 1834 379.63 -527.18 26.83
N ASP B 1835 380.32 -526.36 27.62
CA ASP B 1835 381.74 -526.62 27.87
C ASP B 1835 381.93 -527.78 28.82
N GLY B 1836 380.88 -528.16 29.53
CA GLY B 1836 380.94 -529.38 30.30
C GLY B 1836 380.95 -530.61 29.42
N GLU B 1837 380.04 -530.67 28.45
CA GLU B 1837 379.96 -531.85 27.60
C GLU B 1837 381.02 -531.79 26.51
N GLN B 1838 381.50 -530.60 26.18
CA GLN B 1838 382.66 -530.52 25.31
C GLN B 1838 383.90 -531.03 26.03
N ARG B 1839 383.97 -530.81 27.35
CA ARG B 1839 385.02 -531.41 28.14
C ARG B 1839 384.81 -532.92 28.27
N ARG B 1840 383.55 -533.34 28.20
CA ARG B 1840 383.26 -534.77 28.19
C ARG B 1840 383.66 -535.38 26.85
N HIS B 1841 383.69 -534.57 25.81
CA HIS B 1841 384.13 -535.06 24.51
C HIS B 1841 385.64 -535.30 24.50
N ALA B 1842 386.36 -534.59 25.37
CA ALA B 1842 387.81 -534.72 25.37
C ALA B 1842 388.25 -536.04 25.99
N ASP B 1843 387.44 -536.60 26.88
CA ASP B 1843 387.79 -537.88 27.48
C ASP B 1843 387.63 -538.99 26.45
N ALA B 1844 386.53 -538.95 25.71
CA ALA B 1844 386.25 -540.00 24.74
C ALA B 1844 387.19 -539.92 23.55
N GLN B 1845 387.57 -538.70 23.15
CA GLN B 1845 388.54 -538.56 22.08
C GLN B 1845 389.92 -539.01 22.55
N LYS B 1846 390.20 -538.85 23.84
CA LYS B 1846 391.43 -539.41 24.38
C LYS B 1846 391.35 -540.92 24.49
N ASN B 1847 390.23 -541.43 25.01
CA ASN B 1847 390.14 -542.86 25.29
C ASN B 1847 390.06 -543.68 24.02
N LEU B 1848 389.49 -543.10 22.97
CA LEU B 1848 389.57 -543.73 21.65
C LEU B 1848 391.02 -543.84 21.21
N ARG B 1849 391.76 -542.75 21.32
CA ARG B 1849 393.16 -542.74 20.92
C ARG B 1849 394.00 -543.58 21.88
N LYS B 1850 393.51 -543.77 23.11
CA LYS B 1850 394.12 -544.76 23.97
C LYS B 1850 393.80 -546.15 23.47
N SER B 1851 392.54 -546.40 23.10
CA SER B 1851 392.14 -547.75 22.73
C SER B 1851 392.69 -548.12 21.37
N GLU B 1852 392.80 -547.15 20.47
CA GLU B 1852 393.24 -547.45 19.11
C GLU B 1852 394.71 -547.85 19.09
N ARG B 1853 395.47 -547.42 20.09
CA ARG B 1853 396.83 -547.92 20.22
C ARG B 1853 396.84 -549.29 20.87
N ARG B 1854 395.93 -549.54 21.81
CA ARG B 1854 395.99 -550.78 22.56
C ARG B 1854 395.51 -551.96 21.74
N ILE B 1855 394.55 -551.73 20.84
CA ILE B 1855 393.98 -552.83 20.06
C ILE B 1855 395.02 -553.41 19.12
N LYS B 1856 395.94 -552.58 18.65
CA LYS B 1856 397.02 -553.12 17.85
C LYS B 1856 398.07 -553.79 18.74
N GLU B 1857 398.45 -553.15 19.84
CA GLU B 1857 399.62 -553.61 20.56
C GLU B 1857 399.30 -554.79 21.46
N LEU B 1858 398.04 -555.18 21.57
CA LEU B 1858 397.77 -556.53 22.02
C LEU B 1858 397.80 -557.50 20.86
N SER B 1859 397.33 -557.07 19.69
CA SER B 1859 397.23 -557.97 18.56
C SER B 1859 398.60 -558.37 18.06
N PHE B 1860 399.57 -557.47 18.18
CA PHE B 1860 400.94 -557.84 17.86
C PHE B 1860 401.46 -558.88 18.84
N GLN B 1861 401.20 -558.69 20.14
CA GLN B 1861 401.63 -559.70 21.09
C GLN B 1861 400.62 -560.84 21.16
N ALA B 1862 399.54 -560.74 20.39
CA ALA B 1862 398.73 -561.91 20.14
C ALA B 1862 399.26 -562.69 18.96
N ASP B 1863 399.45 -562.03 17.81
CA ASP B 1863 399.76 -562.75 16.59
C ASP B 1863 401.20 -563.23 16.58
N GLU B 1864 402.06 -562.62 17.39
CA GLU B 1864 403.37 -563.20 17.60
C GLU B 1864 403.26 -564.46 18.43
N ASP B 1865 402.37 -564.46 19.42
CA ASP B 1865 402.18 -565.62 20.27
C ASP B 1865 401.53 -566.75 19.47
N ARG B 1866 400.66 -566.40 18.52
CA ARG B 1866 400.05 -567.41 17.67
C ARG B 1866 401.05 -568.01 16.70
N LYS B 1867 402.14 -567.28 16.42
CA LYS B 1867 403.20 -567.86 15.61
C LYS B 1867 404.22 -568.58 16.49
N ASN B 1868 404.49 -568.04 17.67
CA ASN B 1868 405.53 -568.62 18.51
C ASN B 1868 405.09 -569.92 19.13
N HIS B 1869 403.78 -570.11 19.30
CA HIS B 1869 403.28 -571.34 19.91
C HIS B 1869 403.48 -572.53 18.98
N GLU B 1870 403.30 -572.33 17.68
CA GLU B 1870 403.51 -573.42 16.74
C GLU B 1870 404.98 -573.78 16.66
N ARG B 1871 405.86 -572.80 16.88
CA ARG B 1871 407.28 -573.10 17.02
C ARG B 1871 407.55 -573.86 18.31
N MET B 1872 406.78 -573.56 19.36
CA MET B 1872 407.00 -574.20 20.65
C MET B 1872 406.51 -575.65 20.63
N GLN B 1873 405.59 -575.98 19.72
CA GLN B 1873 405.06 -577.33 19.69
C GLN B 1873 406.10 -578.33 19.20
N ASP B 1874 407.02 -577.87 18.35
CA ASP B 1874 408.14 -578.72 17.99
C ASP B 1874 409.14 -578.83 19.12
N LEU B 1875 409.14 -577.84 20.02
CA LEU B 1875 410.16 -577.79 21.07
C LEU B 1875 409.91 -578.84 22.13
N VAL B 1876 408.67 -579.33 22.21
CA VAL B 1876 408.47 -580.55 22.97
C VAL B 1876 408.62 -581.75 22.05
N ASP B 1877 408.37 -581.56 20.75
CA ASP B 1877 408.35 -582.70 19.84
C ASP B 1877 409.76 -583.13 19.47
N LYS B 1878 410.59 -582.17 19.06
CA LYS B 1878 411.99 -582.48 18.77
C LYS B 1878 412.72 -582.90 20.04
N LEU B 1879 412.26 -582.43 21.19
CA LEU B 1879 412.76 -582.97 22.45
C LEU B 1879 412.29 -584.39 22.67
N GLN B 1880 411.07 -584.70 22.22
CA GLN B 1880 410.54 -586.05 22.42
C GLN B 1880 411.25 -587.07 21.54
N GLN B 1881 411.88 -586.60 20.46
CA GLN B 1881 412.74 -587.48 19.71
C GLN B 1881 413.98 -587.83 20.52
N LYS B 1882 414.46 -586.89 21.33
CA LYS B 1882 415.73 -587.08 22.00
C LYS B 1882 415.62 -588.07 23.14
N ILE B 1883 414.49 -588.06 23.87
CA ILE B 1883 414.30 -589.02 24.94
C ILE B 1883 414.15 -590.42 24.37
N LYS B 1884 413.60 -590.54 23.16
CA LYS B 1884 413.59 -591.83 22.49
C LYS B 1884 414.99 -592.23 22.07
N THR B 1885 415.77 -591.28 21.55
CA THR B 1885 417.03 -591.67 20.94
C THR B 1885 418.12 -591.84 21.98
N TYR B 1886 417.90 -591.36 23.21
CA TYR B 1886 418.77 -591.81 24.29
C TYR B 1886 418.37 -593.20 24.76
N LYS B 1887 417.07 -593.45 24.89
CA LYS B 1887 416.60 -594.66 25.53
C LYS B 1887 416.92 -595.88 24.69
N ARG B 1888 416.97 -595.70 23.37
CA ARG B 1888 417.42 -596.79 22.51
C ARG B 1888 418.94 -596.80 22.40
N GLN B 1889 419.60 -595.76 22.92
CA GLN B 1889 421.05 -595.76 22.90
C GLN B 1889 421.61 -596.41 24.16
N ILE B 1890 420.94 -596.21 25.30
CA ILE B 1890 421.45 -596.80 26.53
C ILE B 1890 421.21 -598.29 26.54
N GLU B 1891 420.23 -598.77 25.77
CA GLU B 1891 419.93 -600.19 25.73
C GLU B 1891 421.03 -600.94 25.00
N GLU B 1892 421.58 -600.33 23.95
CA GLU B 1892 422.78 -600.89 23.36
C GLU B 1892 423.97 -600.68 24.28
N ALA B 1893 423.93 -599.59 25.06
CA ALA B 1893 425.08 -599.28 25.90
C ALA B 1893 425.18 -600.23 27.08
N GLU B 1894 424.05 -600.76 27.54
CA GLU B 1894 424.17 -601.77 28.59
C GLU B 1894 424.53 -603.11 28.00
N GLU B 1895 424.14 -603.35 26.75
CA GLU B 1895 424.42 -604.64 26.15
C GLU B 1895 425.89 -604.77 25.80
N ILE B 1896 426.53 -603.67 25.38
CA ILE B 1896 427.96 -603.73 25.12
C ILE B 1896 428.72 -603.84 26.43
N ALA B 1897 428.09 -603.42 27.52
CA ALA B 1897 428.62 -603.79 28.83
C ALA B 1897 428.28 -605.24 29.13
N ALA B 1898 427.08 -605.68 28.77
CA ALA B 1898 426.63 -607.00 29.19
C ALA B 1898 427.38 -608.10 28.47
N LEU B 1899 427.60 -607.95 27.16
CA LEU B 1899 428.38 -608.92 26.41
C LEU B 1899 429.82 -608.93 26.91
N ASN B 1900 430.30 -607.78 27.39
CA ASN B 1900 431.65 -607.74 27.90
C ASN B 1900 431.74 -608.35 29.28
N LEU B 1901 430.59 -608.58 29.93
CA LEU B 1901 430.64 -609.31 31.18
C LEU B 1901 430.80 -610.80 30.92
N ALA B 1902 430.39 -611.25 29.74
CA ALA B 1902 430.30 -612.69 29.50
C ALA B 1902 431.67 -613.30 29.38
N LYS B 1903 432.61 -612.57 28.79
CA LYS B 1903 433.96 -613.11 28.63
C LYS B 1903 434.64 -613.25 29.98
N PHE B 1904 434.29 -612.41 30.95
CA PHE B 1904 434.83 -612.58 32.28
C PHE B 1904 434.24 -613.80 32.94
N ARG B 1905 433.02 -614.15 32.58
CA ARG B 1905 432.52 -615.43 33.06
C ARG B 1905 433.16 -616.57 32.28
N LYS B 1906 433.57 -616.31 31.04
CA LYS B 1906 434.20 -617.36 30.25
C LYS B 1906 435.59 -617.67 30.77
N ALA B 1907 436.33 -616.63 31.13
CA ALA B 1907 437.70 -616.82 31.60
C ALA B 1907 437.72 -617.50 32.96
N GLN B 1908 436.71 -617.22 33.79
CA GLN B 1908 436.62 -617.92 35.06
C GLN B 1908 436.23 -619.37 34.85
N GLN B 1909 435.52 -619.66 33.76
CA GLN B 1909 435.17 -621.05 33.49
C GLN B 1909 436.37 -621.81 32.97
N GLU B 1910 437.17 -621.16 32.11
CA GLU B 1910 438.25 -621.87 31.46
C GLU B 1910 439.43 -622.05 32.40
N LEU B 1911 439.53 -621.22 33.43
CA LEU B 1911 440.61 -621.38 34.40
C LEU B 1911 440.42 -622.65 35.22
N GLU B 1912 439.19 -622.96 35.60
CA GLU B 1912 438.95 -624.11 36.45
C GLU B 1912 439.15 -625.42 35.71
N GLU B 1913 438.86 -625.46 34.41
CA GLU B 1913 439.19 -626.66 33.65
C GLU B 1913 440.67 -626.68 33.31
N ALA B 1914 441.33 -625.52 33.38
CA ALA B 1914 442.78 -625.52 33.26
C ALA B 1914 443.43 -625.93 34.56
N GLU B 1915 442.83 -625.55 35.70
CA GLU B 1915 443.44 -625.84 36.98
C GLU B 1915 443.28 -627.31 37.33
N GLU B 1916 442.12 -627.90 37.00
CA GLU B 1916 441.96 -629.33 37.27
C GLU B 1916 442.77 -630.16 36.27
N ARG B 1917 443.14 -629.55 35.14
CA ARG B 1917 444.19 -630.16 34.33
C ARG B 1917 445.54 -630.05 35.03
N ALA B 1918 445.77 -628.94 35.73
CA ALA B 1918 447.08 -628.69 36.29
C ALA B 1918 447.37 -629.58 37.49
N ASP B 1919 446.44 -629.66 38.44
CA ASP B 1919 446.72 -630.41 39.67
C ASP B 1919 446.68 -631.92 39.43
N LEU B 1920 446.15 -632.34 38.29
CA LEU B 1920 446.33 -633.72 37.87
C LEU B 1920 447.79 -633.97 37.48
N ALA B 1921 448.48 -632.94 37.01
CA ALA B 1921 449.83 -633.12 36.53
C ALA B 1921 450.86 -632.98 37.64
N GLU B 1922 450.59 -632.10 38.61
CA GLU B 1922 451.57 -631.85 39.66
C GLU B 1922 451.73 -633.05 40.58
N GLN B 1923 450.68 -633.84 40.76
CA GLN B 1923 450.81 -635.06 41.54
C GLN B 1923 451.51 -636.15 40.74
N ALA B 1924 451.45 -636.06 39.41
CA ALA B 1924 451.98 -637.13 38.58
C ALA B 1924 453.51 -637.11 38.56
N ILE B 1925 454.10 -635.92 38.57
CA ILE B 1925 455.56 -635.83 38.59
C ILE B 1925 456.08 -636.01 40.01
N ALA B 1926 455.19 -636.06 40.99
CA ALA B 1926 455.59 -636.47 42.33
C ALA B 1926 455.53 -637.99 42.46
N LYS B 1927 454.80 -638.65 41.56
CA LYS B 1927 454.56 -640.09 41.69
C LYS B 1927 455.81 -640.89 41.35
N PHE B 1928 456.53 -640.49 40.31
CA PHE B 1928 457.69 -641.29 39.88
C PHE B 1928 458.87 -641.07 40.81
N ARG B 1929 458.92 -639.92 41.48
CA ARG B 1929 459.99 -639.69 42.44
C ARG B 1929 459.81 -640.54 43.69
N THR B 1930 458.57 -640.67 44.17
CA THR B 1930 458.28 -641.53 45.30
C THR B 1930 458.29 -643.00 44.88
#